data_6WR4
#
_entry.id   6WR4
#
loop_
_entity.id
_entity.type
_entity.pdbx_description
1 polymer 'Autophagy-related protein 9A'
2 non-polymer 'Lauryl Maltose Neopentyl Glycol'
#
_entity_poly.entity_id   1
_entity_poly.type   'polypeptide(L)'
_entity_poly.pdbx_seq_one_letter_code
;MAQFDTEYQRLEASYSDSPPGEEDLLVHVAEGSKSPWHHIENLDLFFSRVYNLHQKNGFTCMLIGEIFELMQFLFVVAFT
TFLVSCVDYDILFANKMVNHSLHPTEPVKVTLPDAFLPAQVCSARIQENGSLITILVIAGVFWIHRLIKFIYNICCYWEI
HSFYLHALRIPMSALPYCTWQEVQARIVQTQKEHQICIHKRELTELDIYHRILRFQNYMVALVNKSLLPLRFRLPGLGEA
VFFTRGLKYNFELILFWGPGSLFLNEWSLKAEYKRGGQRLELAQRLSNRILWIGIANFLLCPLILIWQILYAFFSYAEVL
KREPGALGARCWSLYGRCYLRHFNELEHELQSRLNRGYKPASKYMNCFLSPLLTLLAKNGAFFAGSILAVLIALTIYDED
VLAVEHVLTTVTLLGVTVTVCRSFIPDQHMVFCPEQLLRVILAHIHYMPDHWQGNAHRSQTRDEFAQLFQYKAVFILEEL
LSPIVTPLILIFCLRPRALEIIDFFRNFTVEVVGVGDTCSFAQMDVRQHGHPQWLSAGQTEASVYQQAEDGKTELSLMHF
AITNPGWQPPRESTAFLGFLKEQVQRDGAAASLAQGGLLPENALFTSIQSLQSESEPLSLIANVVAGSSCRGPPLPRDLQ
GSRHRAEVASALRSFSPLQPGQAPTGRAHSTMTGSGVDARTASSGSSVWEGQLQSLVLSEYASTEMSLHALYMHQLHKQQ
AQAEPERHVWHRRESDESGESAPDEGGEGARAPQSIPRSASYPCAAPRPGAPETTALHGGFQRRYGGITDPGTVPRVPSH
FSRLPLGGWAEDGQSASRHPEPVPEEGSEDELPPQVHKV
;
_entity_poly.pdbx_strand_id   A,B,C
#
loop_
_chem_comp.id
_chem_comp.type
_chem_comp.name
_chem_comp.formula
LMN non-polymer 'Lauryl Maltose Neopentyl Glycol' 'C47 H88 O22'
#
# COMPACT_ATOMS: atom_id res chain seq x y z
N PRO A 36 -43.32 22.72 -10.06
CA PRO A 36 -43.59 23.71 -9.02
C PRO A 36 -43.86 25.12 -9.56
N TRP A 37 -44.38 25.96 -8.66
CA TRP A 37 -45.45 26.86 -9.05
C TRP A 37 -44.97 28.29 -9.22
N HIS A 38 -45.95 29.17 -9.36
CA HIS A 38 -45.78 30.51 -9.88
C HIS A 38 -45.22 31.43 -8.79
N HIS A 39 -44.08 32.07 -9.07
CA HIS A 39 -43.53 33.19 -8.30
C HIS A 39 -43.25 32.84 -6.83
N ILE A 40 -42.26 31.99 -6.59
CA ILE A 40 -41.94 31.48 -5.26
C ILE A 40 -41.36 32.63 -4.42
N GLU A 41 -41.45 32.49 -3.10
CA GLU A 41 -41.25 33.61 -2.20
C GLU A 41 -39.78 33.85 -1.89
N ASN A 42 -38.93 32.83 -2.06
CA ASN A 42 -37.55 32.92 -1.59
C ASN A 42 -36.66 32.16 -2.58
N LEU A 43 -36.05 32.89 -3.50
CA LEU A 43 -35.21 32.27 -4.52
C LEU A 43 -33.82 31.91 -4.02
N ASP A 44 -33.49 32.25 -2.77
CA ASP A 44 -32.20 31.83 -2.21
C ASP A 44 -32.30 30.48 -1.55
N LEU A 45 -33.31 30.30 -0.70
CA LEU A 45 -33.47 29.03 0.00
C LEU A 45 -33.99 27.95 -0.92
N PHE A 46 -34.61 28.34 -2.04
CA PHE A 46 -35.03 27.36 -3.03
C PHE A 46 -33.84 26.80 -3.80
N PHE A 47 -33.04 27.69 -4.40
CA PHE A 47 -31.88 27.28 -5.19
C PHE A 47 -30.79 26.63 -4.35
N SER A 48 -30.72 26.98 -3.07
CA SER A 48 -29.75 26.32 -2.20
C SER A 48 -30.16 24.89 -1.91
N ARG A 49 -31.45 24.58 -2.00
CA ARG A 49 -31.93 23.24 -1.72
C ARG A 49 -32.03 22.41 -3.00
N VAL A 50 -32.18 23.07 -4.14
CA VAL A 50 -32.01 22.39 -5.41
C VAL A 50 -30.58 21.89 -5.54
N TYR A 51 -29.60 22.72 -5.19
CA TYR A 51 -28.19 22.31 -5.18
C TYR A 51 -27.89 21.27 -4.13
N ASN A 52 -28.49 21.36 -2.95
CA ASN A 52 -28.17 20.42 -1.88
C ASN A 52 -28.81 19.05 -2.15
N LEU A 53 -29.89 19.03 -2.93
CA LEU A 53 -30.53 17.76 -3.24
C LEU A 53 -29.69 17.01 -4.27
N HIS A 54 -29.04 17.74 -5.16
CA HIS A 54 -28.16 17.14 -6.16
C HIS A 54 -26.85 16.62 -5.56
N GLN A 55 -26.31 17.31 -4.56
CA GLN A 55 -25.04 16.93 -3.97
C GLN A 55 -25.18 15.83 -2.93
N LYS A 56 -26.35 15.69 -2.34
CA LYS A 56 -26.67 14.55 -1.50
C LYS A 56 -27.20 13.36 -2.28
N ASN A 57 -27.20 13.44 -3.61
CA ASN A 57 -27.43 12.34 -4.55
C ASN A 57 -28.86 11.83 -4.52
N GLY A 58 -29.80 12.64 -4.06
CA GLY A 58 -31.21 12.33 -4.19
C GLY A 58 -31.98 12.61 -2.92
N PHE A 59 -33.30 12.38 -3.00
CA PHE A 59 -34.13 12.56 -1.82
C PHE A 59 -33.92 11.43 -0.82
N THR A 60 -34.01 10.19 -1.28
CA THR A 60 -33.96 9.06 -0.36
C THR A 60 -32.54 8.80 0.15
N CYS A 61 -31.53 9.29 -0.57
CA CYS A 61 -30.16 9.18 -0.08
C CYS A 61 -29.89 10.22 0.99
N MET A 62 -30.40 11.43 0.80
CA MET A 62 -30.29 12.48 1.81
C MET A 62 -31.15 12.15 3.03
N LEU A 63 -32.32 11.53 2.80
CA LEU A 63 -33.23 11.19 3.89
C LEU A 63 -32.61 10.16 4.82
N ILE A 64 -32.10 9.05 4.25
CA ILE A 64 -31.45 8.06 5.09
C ILE A 64 -30.07 8.51 5.52
N GLY A 65 -29.52 9.53 4.85
CA GLY A 65 -28.30 10.17 5.30
C GLY A 65 -28.49 10.93 6.58
N GLU A 66 -29.48 11.83 6.60
CA GLU A 66 -29.68 12.72 7.73
C GLU A 66 -30.38 12.02 8.90
N ILE A 67 -30.97 10.84 8.67
CA ILE A 67 -31.39 9.98 9.78
C ILE A 67 -30.17 9.51 10.57
N PHE A 68 -29.06 9.25 9.88
CA PHE A 68 -27.87 8.69 10.52
C PHE A 68 -27.23 9.66 11.50
N GLU A 69 -27.14 10.95 11.15
CA GLU A 69 -26.54 11.92 12.06
C GLU A 69 -27.43 12.21 13.26
N LEU A 70 -28.75 12.03 13.11
CA LEU A 70 -29.61 12.08 14.28
C LEU A 70 -29.44 10.83 15.13
N MET A 71 -29.12 9.70 14.49
CA MET A 71 -28.80 8.48 15.23
C MET A 71 -27.38 8.50 15.75
N GLN A 72 -26.45 9.11 15.01
CA GLN A 72 -25.06 9.24 15.46
C GLN A 72 -24.93 10.17 16.65
N PHE A 73 -25.71 11.26 16.71
CA PHE A 73 -25.78 12.05 17.93
C PHE A 73 -26.38 11.24 19.07
N LEU A 74 -27.41 10.45 18.77
CA LEU A 74 -28.10 9.72 19.82
C LEU A 74 -27.30 8.51 20.27
N PHE A 75 -26.45 7.96 19.39
CA PHE A 75 -25.59 6.87 19.80
C PHE A 75 -24.50 7.35 20.75
N VAL A 76 -23.83 8.45 20.40
CA VAL A 76 -22.70 8.95 21.18
C VAL A 76 -23.17 9.41 22.57
N VAL A 77 -24.37 9.97 22.65
CA VAL A 77 -24.84 10.46 23.95
C VAL A 77 -25.35 9.31 24.81
N ALA A 78 -26.05 8.33 24.23
CA ALA A 78 -26.66 7.28 25.05
C ALA A 78 -25.64 6.20 25.42
N PHE A 79 -24.69 5.92 24.53
CA PHE A 79 -23.72 4.87 24.81
C PHE A 79 -22.67 5.35 25.81
N THR A 80 -22.29 6.62 25.73
CA THR A 80 -21.35 7.15 26.71
C THR A 80 -22.01 7.40 28.06
N THR A 81 -23.34 7.49 28.10
CA THR A 81 -24.03 7.61 29.37
C THR A 81 -24.16 6.26 30.04
N PHE A 82 -24.32 5.21 29.24
CA PHE A 82 -24.35 3.85 29.74
C PHE A 82 -22.99 3.41 30.28
N LEU A 83 -21.91 3.85 29.63
CA LEU A 83 -20.56 3.52 30.09
C LEU A 83 -20.23 4.19 31.41
N VAL A 84 -20.71 5.42 31.61
CA VAL A 84 -20.38 6.16 32.83
C VAL A 84 -21.11 5.57 34.02
N SER A 85 -22.39 5.26 33.88
CA SER A 85 -23.23 5.00 35.04
C SER A 85 -23.64 3.56 35.26
N CYS A 86 -23.62 2.69 34.23
CA CYS A 86 -24.34 1.44 34.32
C CYS A 86 -23.50 0.20 34.03
N VAL A 87 -22.19 0.35 33.83
CA VAL A 87 -21.26 -0.78 33.72
C VAL A 87 -20.46 -0.85 35.00
N ASP A 88 -20.46 -2.03 35.64
CA ASP A 88 -19.77 -2.21 36.90
C ASP A 88 -18.42 -2.80 36.54
N TYR A 89 -17.35 -2.02 36.70
CA TYR A 89 -16.04 -2.40 36.19
C TYR A 89 -15.31 -3.33 37.15
N ASP A 90 -15.74 -3.38 38.41
CA ASP A 90 -15.11 -4.29 39.36
C ASP A 90 -15.36 -5.75 39.02
N ILE A 91 -16.49 -6.04 38.38
CA ILE A 91 -16.73 -7.38 37.85
C ILE A 91 -15.98 -7.55 36.53
N LEU A 92 -15.87 -6.47 35.75
CA LEU A 92 -15.27 -6.58 34.43
C LEU A 92 -13.75 -6.62 34.51
N PHE A 93 -13.14 -5.97 35.51
CA PHE A 93 -11.69 -5.98 35.63
C PHE A 93 -11.19 -7.14 36.49
N ALA A 94 -11.63 -7.18 37.75
CA ALA A 94 -11.08 -8.11 38.72
C ALA A 94 -11.94 -9.33 38.98
N ASN A 95 -13.26 -9.15 39.13
CA ASN A 95 -14.13 -10.22 39.61
C ASN A 95 -14.89 -10.91 38.48
N LYS A 109 -15.86 -18.41 35.44
CA LYS A 109 -15.97 -17.69 34.18
C LYS A 109 -17.04 -16.61 34.24
N VAL A 110 -16.67 -15.39 33.89
CA VAL A 110 -17.57 -14.25 33.87
C VAL A 110 -18.01 -14.01 32.43
N THR A 111 -19.22 -13.48 32.28
CA THR A 111 -19.77 -13.13 30.98
C THR A 111 -19.78 -11.62 30.80
N LEU A 112 -19.87 -11.19 29.54
CA LEU A 112 -19.93 -9.76 29.25
C LEU A 112 -21.24 -9.08 29.66
N PRO A 113 -22.43 -9.70 29.55
CA PRO A 113 -23.61 -9.11 30.22
C PRO A 113 -23.65 -9.27 31.73
N ASP A 114 -22.65 -9.85 32.37
CA ASP A 114 -22.62 -9.86 33.82
C ASP A 114 -22.14 -8.52 34.38
N ALA A 115 -21.38 -7.76 33.59
CA ALA A 115 -20.94 -6.45 34.03
C ALA A 115 -22.09 -5.46 34.05
N PHE A 116 -23.02 -5.59 33.10
CA PHE A 116 -24.08 -4.61 32.89
C PHE A 116 -25.08 -4.64 34.04
N LEU A 117 -25.63 -3.49 34.34
CA LEU A 117 -26.60 -3.40 35.42
C LEU A 117 -28.01 -3.65 34.90
N PRO A 118 -28.93 -4.14 35.72
CA PRO A 118 -30.32 -4.30 35.26
C PRO A 118 -31.00 -2.96 35.06
N ALA A 119 -32.06 -2.98 34.24
CA ALA A 119 -32.71 -1.75 33.78
C ALA A 119 -33.41 -0.99 34.90
N GLN A 120 -33.78 -1.66 35.98
CA GLN A 120 -34.37 -0.96 37.12
C GLN A 120 -33.29 -0.26 37.94
N VAL A 121 -32.04 -0.64 37.76
CA VAL A 121 -30.91 0.04 38.39
C VAL A 121 -30.18 0.92 37.37
N CYS A 122 -30.24 0.53 36.10
CA CYS A 122 -29.72 1.34 35.00
C CYS A 122 -30.42 2.69 34.92
N SER A 123 -31.73 2.70 35.17
CA SER A 123 -32.47 3.96 35.13
C SER A 123 -32.52 4.62 36.50
N ALA A 124 -31.95 3.97 37.51
CA ALA A 124 -32.00 4.55 38.85
C ALA A 124 -30.71 5.28 39.20
N ARG A 125 -29.55 4.69 38.86
CA ARG A 125 -28.26 5.29 39.23
C ARG A 125 -27.96 6.53 38.39
N ILE A 126 -28.65 6.66 37.25
CA ILE A 126 -28.50 7.80 36.36
C ILE A 126 -29.15 9.06 36.90
N GLN A 127 -30.00 8.95 37.93
CA GLN A 127 -30.80 10.09 38.36
C GLN A 127 -30.28 10.77 39.62
N GLU A 128 -29.46 10.10 40.44
CA GLU A 128 -28.78 10.82 41.52
C GLU A 128 -27.43 11.36 41.07
N ASN A 129 -27.42 12.00 39.91
CA ASN A 129 -26.25 12.67 39.37
C ASN A 129 -26.76 13.95 38.73
N GLY A 130 -26.75 15.03 39.50
CA GLY A 130 -27.37 16.27 39.04
C GLY A 130 -26.59 16.93 37.92
N SER A 131 -25.31 16.59 37.78
CA SER A 131 -24.56 17.02 36.61
C SER A 131 -25.00 16.26 35.37
N LEU A 132 -25.24 14.95 35.51
CA LEU A 132 -25.51 14.13 34.32
C LEU A 132 -26.92 14.35 33.80
N ILE A 133 -27.90 14.58 34.69
CA ILE A 133 -29.24 14.96 34.26
C ILE A 133 -29.21 16.30 33.54
N THR A 134 -28.41 17.24 34.06
CA THR A 134 -28.24 18.54 33.40
C THR A 134 -27.55 18.38 32.05
N ILE A 135 -26.65 17.42 31.93
CA ILE A 135 -26.09 17.09 30.62
C ILE A 135 -27.15 16.48 29.71
N LEU A 136 -27.95 15.53 30.23
CA LEU A 136 -28.93 14.83 29.40
C LEU A 136 -30.14 15.69 29.03
N VAL A 137 -30.53 16.66 29.84
CA VAL A 137 -31.65 17.52 29.46
C VAL A 137 -31.24 18.48 28.35
N ILE A 138 -30.08 19.13 28.49
CA ILE A 138 -29.63 20.09 27.49
C ILE A 138 -29.24 19.38 26.20
N ALA A 139 -28.74 18.14 26.31
CA ALA A 139 -28.55 17.33 25.12
C ALA A 139 -29.88 16.88 24.54
N GLY A 140 -30.87 16.66 25.41
CA GLY A 140 -32.18 16.22 24.94
C GLY A 140 -32.97 17.33 24.29
N VAL A 141 -32.85 18.56 24.81
CA VAL A 141 -33.54 19.70 24.22
C VAL A 141 -32.94 20.06 22.88
N PHE A 142 -31.61 20.01 22.77
CA PHE A 142 -30.94 20.25 21.50
C PHE A 142 -31.25 19.17 20.48
N TRP A 143 -31.49 17.94 20.93
CA TRP A 143 -31.77 16.87 19.98
C TRP A 143 -33.20 16.93 19.46
N ILE A 144 -34.16 17.27 20.32
CA ILE A 144 -35.53 17.39 19.83
C ILE A 144 -35.69 18.67 19.02
N HIS A 145 -34.83 19.66 19.25
CA HIS A 145 -34.77 20.81 18.35
C HIS A 145 -34.20 20.42 17.00
N ARG A 146 -33.29 19.46 16.98
CA ARG A 146 -32.71 19.00 15.72
C ARG A 146 -33.63 17.98 15.06
N LEU A 147 -34.58 17.44 15.82
CA LEU A 147 -35.57 16.53 15.26
C LEU A 147 -36.74 17.28 14.63
N ILE A 148 -37.13 18.41 15.22
CA ILE A 148 -38.19 19.24 14.64
C ILE A 148 -37.74 19.84 13.32
N LYS A 149 -36.51 20.35 13.29
CA LYS A 149 -35.90 20.95 12.11
C LYS A 149 -35.71 19.96 10.97
N PHE A 150 -35.58 18.67 11.28
CA PHE A 150 -35.45 17.65 10.25
C PHE A 150 -36.78 17.29 9.62
N ILE A 151 -37.85 17.22 10.43
CA ILE A 151 -39.19 17.00 9.90
C ILE A 151 -39.63 18.18 9.05
N TYR A 152 -39.17 19.39 9.42
CA TYR A 152 -39.43 20.56 8.60
C TYR A 152 -38.67 20.50 7.27
N ASN A 153 -37.53 19.80 7.24
CA ASN A 153 -36.77 19.71 6.00
C ASN A 153 -37.35 18.66 5.05
N ILE A 154 -37.97 17.60 5.59
CA ILE A 154 -38.57 16.58 4.75
C ILE A 154 -39.75 17.15 3.99
N CYS A 155 -40.54 18.01 4.64
CA CYS A 155 -41.66 18.66 3.97
C CYS A 155 -41.18 19.64 2.89
N CYS A 156 -39.99 20.20 3.07
CA CYS A 156 -39.48 21.20 2.13
C CYS A 156 -38.64 20.59 1.02
N TYR A 157 -37.93 19.49 1.27
CA TYR A 157 -37.18 18.85 0.20
C TYR A 157 -38.07 17.97 -0.66
N TRP A 158 -39.23 17.56 -0.14
CA TRP A 158 -40.18 16.81 -0.96
C TRP A 158 -40.78 17.68 -2.04
N GLU A 159 -40.97 18.98 -1.76
CA GLU A 159 -41.43 19.93 -2.75
C GLU A 159 -40.37 20.19 -3.83
N ILE A 160 -39.11 19.93 -3.53
CA ILE A 160 -38.04 20.05 -4.52
C ILE A 160 -37.68 18.69 -5.11
N HIS A 161 -37.94 17.60 -4.39
CA HIS A 161 -38.01 16.28 -5.00
C HIS A 161 -39.01 16.20 -6.14
N SER A 162 -40.16 16.84 -6.00
CA SER A 162 -41.12 16.92 -7.10
C SER A 162 -40.75 17.97 -8.13
N PHE A 163 -39.76 18.82 -7.88
CA PHE A 163 -39.29 19.77 -8.87
C PHE A 163 -38.41 19.11 -9.92
N TYR A 164 -37.65 18.09 -9.52
CA TYR A 164 -36.88 17.31 -10.48
C TYR A 164 -37.78 16.44 -11.32
N LEU A 165 -38.80 15.85 -10.70
CA LEU A 165 -39.66 14.91 -11.41
C LEU A 165 -40.60 15.63 -12.36
N HIS A 166 -41.37 16.59 -11.84
CA HIS A 166 -42.47 17.16 -12.60
C HIS A 166 -42.11 18.46 -13.31
N ALA A 167 -40.90 18.98 -13.18
CA ALA A 167 -40.57 20.23 -13.86
C ALA A 167 -39.24 20.14 -14.59
N LEU A 168 -38.38 19.22 -14.18
CA LEU A 168 -37.10 19.09 -14.84
C LEU A 168 -36.96 17.76 -15.55
N ARG A 169 -37.91 16.84 -15.31
CA ARG A 169 -37.96 15.48 -15.87
C ARG A 169 -36.70 14.69 -15.55
N ILE A 170 -36.25 14.67 -14.31
CA ILE A 170 -35.07 13.92 -13.89
C ILE A 170 -35.46 13.03 -12.72
N PRO A 171 -35.41 11.72 -12.87
CA PRO A 171 -35.75 10.83 -11.76
C PRO A 171 -34.66 10.80 -10.69
N MET A 172 -34.98 10.13 -9.58
CA MET A 172 -33.99 9.94 -8.52
C MET A 172 -32.97 8.87 -8.86
N SER A 173 -33.22 8.06 -9.90
CA SER A 173 -32.23 7.11 -10.35
C SER A 173 -31.19 7.79 -11.23
N ALA A 174 -31.63 8.72 -12.08
CA ALA A 174 -30.72 9.39 -12.98
C ALA A 174 -30.00 10.54 -12.30
N LEU A 175 -30.43 10.91 -11.10
CA LEU A 175 -29.88 12.09 -10.43
C LEU A 175 -28.45 11.92 -9.91
N PRO A 176 -28.02 10.81 -9.28
CA PRO A 176 -26.59 10.70 -8.94
C PRO A 176 -25.66 10.58 -10.14
N TYR A 177 -26.20 10.33 -11.32
CA TYR A 177 -25.41 10.15 -12.52
C TYR A 177 -25.53 11.33 -13.47
N CYS A 178 -26.08 12.43 -13.00
CA CYS A 178 -26.03 13.72 -13.66
C CYS A 178 -24.94 14.58 -13.02
N THR A 179 -24.44 15.52 -13.80
CA THR A 179 -23.57 16.56 -13.27
C THR A 179 -24.42 17.76 -12.89
N TRP A 180 -23.80 18.77 -12.28
CA TRP A 180 -24.54 19.99 -12.00
C TRP A 180 -24.84 20.76 -13.28
N GLN A 181 -24.00 20.63 -14.31
CA GLN A 181 -24.28 21.26 -15.59
C GLN A 181 -25.49 20.62 -16.29
N GLU A 182 -25.84 19.39 -15.93
CA GLU A 182 -27.12 18.81 -16.33
C GLU A 182 -28.26 19.53 -15.63
N VAL A 183 -28.20 19.57 -14.29
CA VAL A 183 -29.26 20.03 -13.40
C VAL A 183 -29.47 21.53 -13.56
N GLN A 184 -28.38 22.27 -13.80
CA GLN A 184 -28.50 23.71 -13.98
C GLN A 184 -29.19 24.06 -15.30
N ALA A 185 -28.80 23.40 -16.38
CA ALA A 185 -29.38 23.66 -17.69
C ALA A 185 -30.84 23.26 -17.80
N ARG A 186 -31.31 22.34 -16.95
CA ARG A 186 -32.73 22.03 -16.88
C ARG A 186 -33.52 23.20 -16.28
N ILE A 187 -32.95 23.87 -15.29
CA ILE A 187 -33.59 25.01 -14.66
C ILE A 187 -33.62 26.23 -15.57
N VAL A 188 -32.57 26.45 -16.35
CA VAL A 188 -32.42 27.67 -17.12
C VAL A 188 -33.37 27.76 -18.32
N GLN A 189 -33.50 26.70 -19.12
CA GLN A 189 -34.27 26.79 -20.35
C GLN A 189 -35.73 26.36 -20.21
N THR A 190 -36.13 25.87 -19.03
CA THR A 190 -37.54 25.60 -18.77
C THR A 190 -38.23 26.73 -18.01
N GLN A 191 -37.65 27.94 -18.02
CA GLN A 191 -38.24 29.10 -17.34
C GLN A 191 -39.42 29.68 -18.09
N LYS A 192 -39.69 29.20 -19.30
CA LYS A 192 -40.94 29.54 -19.97
C LYS A 192 -42.10 28.80 -19.34
N GLU A 193 -41.81 27.64 -18.73
CA GLU A 193 -42.85 26.87 -18.07
C GLU A 193 -43.12 27.40 -16.66
N HIS A 194 -42.09 27.51 -15.83
CA HIS A 194 -42.20 28.04 -14.47
C HIS A 194 -41.58 29.43 -14.42
N GLN A 195 -42.25 30.38 -13.76
CA GLN A 195 -41.70 31.72 -13.63
C GLN A 195 -40.49 31.72 -12.70
N ILE A 196 -40.73 31.50 -11.41
CA ILE A 196 -39.70 31.24 -10.40
C ILE A 196 -38.63 32.33 -10.28
N ARG A 201 -36.53 38.12 -15.90
CA ARG A 201 -36.88 37.26 -17.02
C ARG A 201 -35.63 37.01 -17.84
N GLU A 202 -35.35 35.73 -18.14
CA GLU A 202 -34.05 35.28 -18.61
C GLU A 202 -32.96 35.72 -17.66
N LEU A 203 -32.92 35.07 -16.48
CA LEU A 203 -32.18 35.51 -15.31
C LEU A 203 -30.69 35.68 -15.59
N THR A 204 -29.94 34.57 -15.62
CA THR A 204 -28.64 34.28 -16.26
C THR A 204 -28.35 32.87 -15.76
N GLU A 205 -27.31 32.18 -16.25
CA GLU A 205 -26.75 31.08 -15.48
C GLU A 205 -25.85 31.62 -14.36
N LEU A 206 -25.56 32.91 -14.40
CA LEU A 206 -24.77 33.56 -13.36
C LEU A 206 -25.64 33.95 -12.16
N ASP A 207 -26.90 34.31 -12.40
CA ASP A 207 -27.72 34.81 -11.30
C ASP A 207 -28.25 33.69 -10.41
N ILE A 208 -28.05 32.44 -10.82
CA ILE A 208 -28.29 31.33 -9.91
C ILE A 208 -27.07 31.14 -9.00
N TYR A 209 -25.89 31.59 -9.46
CA TYR A 209 -24.68 31.44 -8.65
C TYR A 209 -24.66 32.42 -7.49
N HIS A 210 -25.15 33.65 -7.71
CA HIS A 210 -25.17 34.64 -6.65
C HIS A 210 -26.18 34.31 -5.57
N ARG A 211 -27.17 33.48 -5.89
CA ARG A 211 -28.22 33.16 -4.91
C ARG A 211 -27.84 31.97 -4.05
N ILE A 212 -27.20 30.96 -4.65
CA ILE A 212 -26.74 29.80 -3.88
C ILE A 212 -25.60 30.21 -2.96
N LEU A 213 -24.75 31.11 -3.43
CA LEU A 213 -23.52 31.48 -2.74
C LEU A 213 -23.46 32.95 -2.39
N ARG A 214 -24.48 33.51 -1.76
CA ARG A 214 -24.39 34.92 -1.45
C ARG A 214 -23.55 35.17 -0.20
N PHE A 215 -23.78 34.38 0.84
CA PHE A 215 -23.10 34.57 2.12
C PHE A 215 -21.79 33.82 2.18
N GLN A 216 -21.40 33.11 1.12
CA GLN A 216 -20.06 32.56 1.00
C GLN A 216 -19.11 33.48 0.26
N ASN A 217 -19.62 34.40 -0.57
CA ASN A 217 -18.75 35.40 -1.17
C ASN A 217 -18.41 36.52 -0.20
N TYR A 218 -19.06 36.60 0.96
CA TYR A 218 -18.62 37.54 1.98
C TYR A 218 -17.47 36.95 2.79
N MET A 219 -17.52 35.65 3.09
CA MET A 219 -16.46 35.04 3.89
C MET A 219 -15.18 34.89 3.09
N VAL A 220 -15.25 34.98 1.77
CA VAL A 220 -14.03 35.04 0.97
C VAL A 220 -13.37 36.40 1.13
N ALA A 221 -14.17 37.47 1.17
CA ALA A 221 -13.61 38.81 1.23
C ALA A 221 -13.25 39.22 2.66
N LEU A 222 -13.82 38.55 3.66
CA LEU A 222 -13.48 38.88 5.04
C LEU A 222 -12.21 38.15 5.48
N VAL A 223 -11.85 37.09 4.77
CA VAL A 223 -10.62 36.36 5.09
C VAL A 223 -9.45 36.93 4.29
N ASN A 224 -9.71 37.35 3.05
CA ASN A 224 -8.62 37.87 2.21
C ASN A 224 -8.23 39.28 2.62
N LYS A 225 -9.08 39.96 3.37
CA LYS A 225 -8.77 41.30 3.86
C LYS A 225 -8.36 41.32 5.32
N SER A 226 -8.38 40.16 5.99
CA SER A 226 -8.07 40.00 7.42
C SER A 226 -8.93 40.91 8.29
N LEU A 227 -10.21 41.00 7.98
CA LEU A 227 -11.19 41.60 8.85
C LEU A 227 -11.69 40.62 9.90
N LEU A 228 -11.32 39.35 9.78
CA LEU A 228 -11.54 38.35 10.79
C LEU A 228 -10.15 38.02 11.28
N PRO A 229 -9.96 37.77 12.61
CA PRO A 229 -8.62 37.75 13.20
C PRO A 229 -7.66 36.70 12.65
N LEU A 230 -8.00 35.43 12.87
CA LEU A 230 -7.49 34.24 12.19
C LEU A 230 -6.01 33.90 12.41
N ARG A 231 -5.24 34.74 13.08
CA ARG A 231 -3.81 34.50 13.24
C ARG A 231 -3.27 35.22 14.48
N PHE A 232 -2.48 34.50 15.27
CA PHE A 232 -2.09 34.93 16.62
C PHE A 232 -0.68 34.46 16.92
N ARG A 233 0.19 35.38 17.34
CA ARG A 233 1.47 34.98 17.92
C ARG A 233 1.27 34.45 19.33
N LEU A 234 1.77 33.25 19.56
CA LEU A 234 1.88 32.71 20.90
C LEU A 234 3.35 32.36 21.06
N PRO A 235 3.93 32.54 22.24
CA PRO A 235 5.34 32.15 22.43
C PRO A 235 5.50 30.64 22.46
N GLY A 236 6.35 30.14 21.57
CA GLY A 236 6.62 28.72 21.44
C GLY A 236 6.46 28.17 20.03
N LEU A 237 5.47 28.63 19.28
CA LEU A 237 5.24 28.15 17.92
C LEU A 237 5.53 29.19 16.85
N GLY A 238 5.33 30.46 17.15
CA GLY A 238 5.45 31.51 16.16
C GLY A 238 4.11 32.16 15.88
N GLU A 239 3.77 32.29 14.61
CA GLU A 239 2.46 32.80 14.23
C GLU A 239 1.57 31.61 13.88
N ALA A 240 0.61 31.33 14.76
CA ALA A 240 -0.35 30.26 14.57
C ALA A 240 -1.56 30.79 13.82
N VAL A 241 -2.22 29.91 13.09
CA VAL A 241 -3.44 30.25 12.36
C VAL A 241 -4.59 29.41 12.89
N PHE A 242 -5.60 30.09 13.37
CA PHE A 242 -6.86 29.56 13.85
C PHE A 242 -7.80 29.49 12.65
N PHE A 243 -9.09 29.75 12.89
CA PHE A 243 -10.25 29.60 12.00
C PHE A 243 -10.61 28.13 11.81
N THR A 244 -11.06 27.54 12.90
CA THR A 244 -11.70 26.24 12.92
C THR A 244 -13.16 26.34 12.45
N ARG A 245 -13.87 25.22 12.58
CA ARG A 245 -15.17 25.06 11.95
C ARG A 245 -16.28 25.68 12.79
N GLY A 246 -16.19 25.58 14.11
CA GLY A 246 -17.18 26.21 14.97
C GLY A 246 -17.00 27.71 15.11
N LEU A 247 -15.87 28.24 14.63
CA LEU A 247 -15.67 29.67 14.63
C LEU A 247 -16.32 30.32 13.42
N LYS A 248 -16.24 29.67 12.25
CA LYS A 248 -16.87 30.17 11.03
C LYS A 248 -18.38 30.20 11.14
N TYR A 249 -18.93 29.29 11.95
CA TYR A 249 -20.37 29.27 12.20
C TYR A 249 -20.81 30.52 12.94
N ASN A 250 -20.00 31.00 13.88
CA ASN A 250 -20.34 32.18 14.65
C ASN A 250 -20.24 33.44 13.81
N PHE A 251 -19.29 33.50 12.87
CA PHE A 251 -19.07 34.70 12.07
C PHE A 251 -20.28 35.04 11.21
N GLU A 252 -21.01 34.03 10.75
CA GLU A 252 -22.26 34.27 10.05
C GLU A 252 -23.44 34.42 10.99
N LEU A 253 -23.30 33.99 12.24
CA LEU A 253 -24.30 34.28 13.26
C LEU A 253 -24.17 35.69 13.80
N ILE A 254 -22.98 36.29 13.78
CA ILE A 254 -22.84 37.72 14.02
C ILE A 254 -23.36 38.53 12.84
N LEU A 255 -23.21 38.04 11.61
CA LEU A 255 -23.37 38.90 10.45
C LEU A 255 -24.57 38.60 9.57
N PHE A 256 -25.14 37.39 9.58
CA PHE A 256 -26.13 37.05 8.56
C PHE A 256 -27.40 36.39 9.07
N TRP A 257 -27.49 36.01 10.34
CA TRP A 257 -28.61 35.22 10.83
C TRP A 257 -29.33 35.98 11.95
N GLY A 258 -30.63 36.18 11.77
CA GLY A 258 -31.43 36.78 12.81
C GLY A 258 -32.07 38.08 12.37
N PRO A 259 -32.98 38.61 13.18
CA PRO A 259 -33.56 39.92 12.87
C PRO A 259 -32.69 41.07 13.33
N GLY A 260 -31.87 40.84 14.35
CA GLY A 260 -31.02 41.88 14.90
C GLY A 260 -29.68 42.04 14.23
N SER A 261 -29.46 41.30 13.15
CA SER A 261 -28.21 41.33 12.44
C SER A 261 -28.24 42.37 11.33
N LEU A 262 -27.30 42.25 10.40
CA LEU A 262 -27.52 42.76 9.05
C LEU A 262 -28.47 41.83 8.33
N PHE A 263 -28.87 42.21 7.11
CA PHE A 263 -29.72 41.38 6.26
C PHE A 263 -31.06 41.01 6.89
N LEU A 264 -31.97 41.99 6.95
CA LEU A 264 -33.34 41.88 7.46
C LEU A 264 -34.07 40.66 6.88
N ASN A 265 -33.85 40.40 5.59
CA ASN A 265 -34.26 39.15 4.97
C ASN A 265 -33.02 38.45 4.42
N GLU A 266 -33.18 37.31 3.77
CA GLU A 266 -31.99 36.58 3.34
C GLU A 266 -31.39 37.15 2.06
N TRP A 267 -32.03 38.15 1.44
CA TRP A 267 -31.56 38.63 0.15
C TRP A 267 -31.30 40.13 0.08
N SER A 268 -31.54 40.89 1.14
CA SER A 268 -31.23 42.31 1.13
C SER A 268 -30.81 42.73 2.54
N LEU A 269 -29.94 43.72 2.63
CA LEU A 269 -29.46 44.15 3.94
C LEU A 269 -30.20 45.41 4.34
N LYS A 270 -29.91 45.87 5.55
CA LYS A 270 -30.59 47.02 6.13
C LYS A 270 -30.24 48.29 5.34
N ALA A 271 -31.11 49.29 5.45
CA ALA A 271 -30.83 50.59 4.87
C ALA A 271 -29.86 51.36 5.75
N GLU A 272 -29.67 50.89 6.99
CA GLU A 272 -28.84 51.56 7.97
C GLU A 272 -27.39 51.63 7.53
N TYR A 273 -26.92 50.59 6.83
CA TYR A 273 -25.48 50.41 6.65
C TYR A 273 -24.97 51.12 5.40
N LYS A 274 -25.86 51.80 4.68
CA LYS A 274 -25.41 52.55 3.51
C LYS A 274 -25.23 54.04 3.79
N ARG A 275 -25.80 54.57 4.88
CA ARG A 275 -25.62 55.97 5.21
C ARG A 275 -24.23 56.19 5.80
N GLY A 276 -23.76 57.43 5.74
CA GLY A 276 -22.39 57.72 6.09
C GLY A 276 -22.21 58.52 7.37
N GLY A 277 -21.11 59.25 7.45
CA GLY A 277 -20.71 59.86 8.71
C GLY A 277 -19.96 58.89 9.60
N GLN A 278 -19.65 57.70 9.07
CA GLN A 278 -18.89 56.57 9.61
C GLN A 278 -19.62 55.82 10.72
N ARG A 279 -20.66 56.45 11.30
CA ARG A 279 -21.67 55.86 12.19
C ARG A 279 -21.13 54.93 13.28
N LEU A 280 -20.37 55.51 14.21
CA LEU A 280 -19.87 54.77 15.36
C LEU A 280 -21.01 54.29 16.25
N GLU A 281 -22.14 55.00 16.23
CA GLU A 281 -23.34 54.51 16.88
C GLU A 281 -23.83 53.21 16.23
N LEU A 282 -23.67 53.11 14.90
CA LEU A 282 -24.06 51.89 14.20
C LEU A 282 -22.98 50.82 14.35
N ALA A 283 -21.72 51.24 14.52
CA ALA A 283 -20.65 50.30 14.78
C ALA A 283 -20.62 49.85 16.23
N GLN A 284 -21.26 50.60 17.13
CA GLN A 284 -21.39 50.18 18.52
C GLN A 284 -22.40 49.06 18.68
N ARG A 285 -23.48 49.09 17.91
CA ARG A 285 -24.52 48.04 17.97
C ARG A 285 -23.95 46.68 17.63
N LEU A 286 -23.01 46.63 16.69
CA LEU A 286 -22.30 45.37 16.41
C LEU A 286 -21.35 45.03 17.55
N SER A 287 -20.77 46.05 18.20
CA SER A 287 -19.74 45.81 19.20
C SER A 287 -20.30 45.17 20.47
N ASN A 288 -21.48 45.60 20.94
CA ASN A 288 -22.05 44.91 22.09
C ASN A 288 -22.70 43.60 21.67
N ARG A 289 -23.01 43.42 20.39
CA ARG A 289 -23.66 42.19 19.96
C ARG A 289 -22.72 41.01 20.03
N ILE A 290 -21.44 41.24 19.72
CA ILE A 290 -20.43 40.19 19.80
C ILE A 290 -20.18 39.80 21.26
N LEU A 291 -20.47 40.71 22.19
CA LEU A 291 -20.46 40.36 23.61
C LEU A 291 -21.53 39.32 23.93
N TRP A 292 -22.80 39.62 23.61
CA TRP A 292 -23.90 38.78 24.06
C TRP A 292 -23.88 37.41 23.39
N ILE A 293 -23.31 37.33 22.18
CA ILE A 293 -23.12 36.04 21.54
C ILE A 293 -21.82 35.39 22.02
N GLY A 294 -20.80 36.21 22.30
CA GLY A 294 -19.56 35.67 22.84
C GLY A 294 -19.68 35.19 24.28
N ILE A 295 -20.51 35.85 25.08
CA ILE A 295 -20.83 35.33 26.41
C ILE A 295 -21.64 34.05 26.31
N ALA A 296 -22.46 33.92 25.26
CA ALA A 296 -23.21 32.69 25.04
C ALA A 296 -22.27 31.54 24.66
N ASN A 297 -21.18 31.83 23.96
CA ASN A 297 -20.19 30.79 23.68
C ASN A 297 -19.39 30.43 24.92
N PHE A 298 -19.29 31.36 25.88
CA PHE A 298 -18.53 31.09 27.09
C PHE A 298 -19.36 30.30 28.09
N LEU A 299 -20.66 30.54 28.13
CA LEU A 299 -21.52 29.77 29.03
C LEU A 299 -21.79 28.37 28.49
N LEU A 300 -21.85 28.24 27.17
CA LEU A 300 -22.05 26.94 26.56
C LEU A 300 -20.73 26.24 26.22
N CYS A 301 -19.61 26.86 26.55
CA CYS A 301 -18.26 26.29 26.47
C CYS A 301 -18.07 24.92 27.13
N PRO A 302 -18.56 24.64 28.37
CA PRO A 302 -18.28 23.31 28.92
C PRO A 302 -19.04 22.18 28.24
N LEU A 303 -20.17 22.47 27.61
CA LEU A 303 -21.00 21.40 27.06
C LEU A 303 -20.66 21.12 25.59
N ILE A 304 -20.07 22.08 24.90
CA ILE A 304 -19.51 21.79 23.60
C ILE A 304 -18.15 21.12 23.75
N LEU A 305 -17.46 21.38 24.86
CA LEU A 305 -16.17 20.74 25.10
C LEU A 305 -16.34 19.26 25.41
N ILE A 306 -17.42 18.89 26.10
CA ILE A 306 -17.71 17.49 26.38
C ILE A 306 -18.03 16.76 25.10
N TRP A 307 -18.72 17.39 24.17
CA TRP A 307 -19.07 16.78 22.89
C TRP A 307 -17.87 16.55 21.99
N GLN A 308 -16.88 17.44 21.97
CA GLN A 308 -15.76 17.28 21.04
C GLN A 308 -14.79 16.20 21.51
N ILE A 309 -14.68 16.02 22.83
CA ILE A 309 -13.82 14.97 23.37
C ILE A 309 -14.44 13.60 23.15
N LEU A 310 -15.76 13.50 23.36
CA LEU A 310 -16.49 12.26 23.14
C LEU A 310 -16.49 11.85 21.67
N TYR A 311 -16.59 12.81 20.76
CA TYR A 311 -16.66 12.46 19.35
C TYR A 311 -15.30 12.09 18.81
N ALA A 312 -14.23 12.64 19.38
CA ALA A 312 -12.90 12.31 18.89
C ALA A 312 -12.46 10.94 19.37
N PHE A 313 -12.92 10.52 20.55
CA PHE A 313 -12.59 9.20 21.04
C PHE A 313 -13.37 8.11 20.30
N PHE A 314 -14.57 8.43 19.83
CA PHE A 314 -15.40 7.43 19.19
C PHE A 314 -15.11 7.31 17.71
N SER A 315 -14.25 8.18 17.17
CA SER A 315 -14.05 8.14 15.74
C SER A 315 -12.58 8.16 15.35
N TYR A 316 -11.66 8.24 16.32
CA TYR A 316 -10.24 8.25 16.00
C TYR A 316 -9.39 7.39 16.91
N ALA A 317 -9.93 6.85 18.01
CA ALA A 317 -9.08 6.17 18.98
C ALA A 317 -8.77 4.75 18.56
N GLU A 318 -9.56 4.17 17.66
CA GLU A 318 -9.23 2.84 17.18
C GLU A 318 -8.32 2.93 15.96
N VAL A 319 -8.32 4.08 15.29
CA VAL A 319 -7.43 4.30 14.15
C VAL A 319 -6.00 4.51 14.64
N LEU A 320 -5.85 4.91 15.91
CA LEU A 320 -4.52 5.02 16.51
C LEU A 320 -3.85 3.67 16.63
N LYS A 321 -4.60 2.63 16.99
CA LYS A 321 -3.97 1.31 17.17
C LYS A 321 -3.61 0.68 15.83
N ARG A 322 -4.54 0.67 14.88
CA ARG A 322 -4.24 0.15 13.56
C ARG A 322 -3.22 0.96 12.78
N GLU A 323 -3.56 2.20 12.45
CA GLU A 323 -2.83 2.96 11.45
C GLU A 323 -2.64 4.40 11.92
N PRO A 324 -1.58 4.71 12.66
CA PRO A 324 -1.32 6.11 13.03
C PRO A 324 -0.67 6.92 11.93
N GLY A 325 -0.39 6.32 10.77
CA GLY A 325 -0.01 7.12 9.62
C GLY A 325 -1.21 7.75 8.95
N ALA A 326 -2.41 7.35 9.34
CA ALA A 326 -3.62 8.01 8.87
C ALA A 326 -3.74 9.41 9.47
N LEU A 327 -3.45 9.54 10.76
CA LEU A 327 -3.50 10.83 11.41
C LEU A 327 -2.25 11.66 11.18
N GLY A 328 -1.23 11.08 10.55
CA GLY A 328 -0.09 11.83 10.04
C GLY A 328 -0.26 12.26 8.61
N ALA A 329 -1.36 11.90 7.96
CA ALA A 329 -1.68 12.41 6.65
C ALA A 329 -2.20 13.83 6.79
N ARG A 330 -2.20 14.57 5.70
CA ARG A 330 -2.59 15.96 5.77
C ARG A 330 -3.94 16.18 5.10
N CYS A 331 -4.56 17.31 5.44
CA CYS A 331 -5.85 17.68 4.90
C CYS A 331 -5.87 19.19 4.71
N TRP A 332 -6.56 19.64 3.67
CA TRP A 332 -6.73 21.06 3.40
C TRP A 332 -7.53 21.72 4.51
N SER A 333 -6.90 22.66 5.22
CA SER A 333 -7.51 23.29 6.38
C SER A 333 -8.62 24.23 5.96
N LEU A 334 -9.45 24.61 6.94
CA LEU A 334 -10.58 25.50 6.65
C LEU A 334 -10.11 26.91 6.34
N TYR A 335 -8.94 27.30 6.84
CA TYR A 335 -8.35 28.55 6.38
C TYR A 335 -7.91 28.44 4.93
N GLY A 336 -7.43 27.27 4.52
CA GLY A 336 -7.06 27.07 3.13
C GLY A 336 -8.25 26.97 2.20
N ARG A 337 -9.38 26.44 2.68
CA ARG A 337 -10.57 26.33 1.86
C ARG A 337 -11.19 27.70 1.61
N CYS A 338 -10.94 28.67 2.49
CA CYS A 338 -11.43 30.02 2.26
C CYS A 338 -10.36 30.89 1.60
N TYR A 339 -9.12 30.41 1.56
CA TYR A 339 -8.07 31.16 0.88
C TYR A 339 -7.95 30.79 -0.59
N LEU A 340 -8.22 29.54 -0.96
CA LEU A 340 -8.10 29.12 -2.35
C LEU A 340 -9.41 29.21 -3.10
N ARG A 341 -10.48 29.59 -2.41
CA ARG A 341 -11.81 29.70 -2.99
C ARG A 341 -11.89 30.90 -3.93
N HIS A 342 -12.62 30.74 -5.03
CA HIS A 342 -12.86 31.84 -5.97
C HIS A 342 -14.14 32.57 -5.62
N PHE A 343 -14.51 33.52 -6.48
CA PHE A 343 -15.79 34.21 -6.36
C PHE A 343 -16.80 33.49 -7.25
N ASN A 344 -17.97 33.21 -6.67
CA ASN A 344 -19.08 32.43 -7.22
C ASN A 344 -18.63 31.05 -7.64
N GLU A 345 -18.00 30.32 -6.74
CA GLU A 345 -17.50 29.02 -7.11
C GLU A 345 -18.07 28.01 -6.11
N LEU A 346 -18.78 27.02 -6.64
CA LEU A 346 -19.62 26.15 -5.84
C LEU A 346 -18.77 25.21 -5.00
N GLU A 347 -19.40 24.55 -4.04
CA GLU A 347 -18.69 23.73 -3.08
C GLU A 347 -18.10 22.47 -3.70
N HIS A 348 -18.68 21.96 -4.78
CA HIS A 348 -18.12 20.81 -5.47
C HIS A 348 -17.05 21.21 -6.47
N GLU A 349 -17.01 22.47 -6.88
CA GLU A 349 -15.96 22.97 -7.76
C GLU A 349 -14.68 23.32 -7.02
N LEU A 350 -14.79 23.67 -5.73
CA LEU A 350 -13.61 23.83 -4.90
C LEU A 350 -12.95 22.49 -4.64
N GLN A 351 -13.75 21.47 -4.40
CA GLN A 351 -13.22 20.15 -4.06
C GLN A 351 -12.59 19.47 -5.27
N SER A 352 -13.00 19.83 -6.48
CA SER A 352 -12.44 19.20 -7.67
C SER A 352 -11.01 19.65 -7.93
N ARG A 353 -10.61 20.81 -7.41
CA ARG A 353 -9.20 21.17 -7.48
C ARG A 353 -8.45 20.74 -6.24
N LEU A 354 -9.14 20.69 -5.11
CA LEU A 354 -8.49 20.26 -3.88
C LEU A 354 -8.34 18.75 -3.78
N ASN A 355 -8.90 17.97 -4.69
CA ASN A 355 -8.54 16.56 -4.79
C ASN A 355 -7.43 16.34 -5.81
N ARG A 356 -7.38 17.17 -6.85
CA ARG A 356 -6.32 17.07 -7.83
C ARG A 356 -5.01 17.63 -7.31
N GLY A 357 -5.07 18.57 -6.38
CA GLY A 357 -3.87 19.12 -5.80
C GLY A 357 -3.48 18.45 -4.50
N TYR A 358 -4.23 17.44 -4.09
CA TYR A 358 -3.90 16.69 -2.89
C TYR A 358 -2.70 15.80 -3.07
N LYS A 359 -2.55 15.19 -4.23
CA LYS A 359 -1.52 14.20 -4.47
C LYS A 359 -0.12 14.83 -4.58
N PRO A 360 0.11 15.97 -5.30
CA PRO A 360 1.43 16.59 -5.20
C PRO A 360 1.72 17.21 -3.84
N ALA A 361 0.73 17.83 -3.22
CA ALA A 361 0.98 18.60 -2.00
C ALA A 361 1.24 17.70 -0.81
N SER A 362 0.81 16.44 -0.88
CA SER A 362 1.06 15.56 0.24
C SER A 362 2.45 14.95 0.16
N LYS A 363 3.09 15.03 -1.01
CA LYS A 363 4.47 14.57 -1.12
C LYS A 363 5.44 15.74 -1.17
N TYR A 364 4.93 16.96 -1.32
CA TYR A 364 5.77 18.14 -1.08
C TYR A 364 6.09 18.29 0.39
N MET A 365 5.16 17.89 1.26
CA MET A 365 5.39 18.04 2.70
C MET A 365 6.25 16.91 3.23
N ASN A 366 6.29 15.78 2.53
CA ASN A 366 7.08 14.64 3.00
C ASN A 366 8.56 14.83 2.71
N CYS A 367 8.91 15.73 1.81
CA CYS A 367 10.32 15.97 1.51
C CYS A 367 10.84 17.23 2.18
N PHE A 368 10.28 17.55 3.35
CA PHE A 368 10.74 18.61 4.22
C PHE A 368 10.75 18.19 5.67
N LEU A 369 10.82 16.89 5.94
CA LEU A 369 10.70 16.41 7.31
C LEU A 369 11.94 16.78 8.12
N SER A 370 11.72 16.98 9.41
CA SER A 370 12.72 17.58 10.28
C SER A 370 13.86 16.59 10.52
N PRO A 371 15.11 17.04 10.41
CA PRO A 371 16.24 16.12 10.67
C PRO A 371 16.29 15.65 12.09
N LEU A 372 15.89 16.51 13.03
CA LEU A 372 15.82 16.14 14.44
C LEU A 372 14.66 15.19 14.72
N LEU A 373 13.60 15.23 13.94
CA LEU A 373 12.49 14.32 14.12
C LEU A 373 12.74 12.94 13.55
N THR A 374 13.33 12.87 12.35
CA THR A 374 13.70 11.60 11.73
C THR A 374 14.74 10.86 12.57
N LEU A 375 15.67 11.61 13.17
CA LEU A 375 16.73 11.01 13.96
C LEU A 375 16.21 10.45 15.27
N LEU A 376 15.20 11.10 15.86
CA LEU A 376 14.55 10.55 17.05
C LEU A 376 13.61 9.41 16.69
N ALA A 377 13.12 9.38 15.45
CA ALA A 377 12.20 8.33 15.03
C ALA A 377 12.94 7.03 14.74
N LYS A 378 14.12 7.13 14.11
CA LYS A 378 14.90 5.93 13.78
C LYS A 378 15.46 5.28 15.02
N ASN A 379 15.99 6.08 15.95
CA ASN A 379 16.58 5.53 17.16
C ASN A 379 15.54 5.24 18.24
N GLY A 380 14.34 5.77 18.10
CA GLY A 380 13.27 5.36 18.99
C GLY A 380 12.63 4.06 18.54
N ALA A 381 12.63 3.83 17.22
CA ALA A 381 12.11 2.58 16.67
C ALA A 381 13.11 1.43 16.85
N PHE A 382 14.39 1.74 17.02
CA PHE A 382 15.36 0.70 17.34
C PHE A 382 15.16 0.21 18.76
N PHE A 383 15.04 1.13 19.72
CA PHE A 383 14.97 0.76 21.13
C PHE A 383 13.66 0.07 21.47
N ALA A 384 12.59 0.37 20.74
CA ALA A 384 11.31 -0.29 20.98
C ALA A 384 11.20 -1.59 20.18
N GLY A 385 11.80 -1.63 18.99
CA GLY A 385 11.76 -2.84 18.19
C GLY A 385 12.67 -3.92 18.71
N SER A 386 13.64 -3.54 19.55
CA SER A 386 14.58 -4.52 20.09
C SER A 386 13.98 -5.27 21.26
N ILE A 387 13.12 -4.61 22.04
CA ILE A 387 12.44 -5.27 23.15
C ILE A 387 11.16 -5.97 22.66
N LEU A 388 10.59 -5.54 21.52
CA LEU A 388 9.58 -6.35 20.85
C LEU A 388 10.16 -7.67 20.37
N ALA A 389 11.27 -7.61 19.63
CA ALA A 389 11.85 -8.81 19.02
C ALA A 389 12.33 -9.80 20.06
N VAL A 390 12.70 -9.33 21.25
CA VAL A 390 12.93 -10.26 22.35
C VAL A 390 11.62 -10.89 22.79
N LEU A 391 10.59 -10.07 23.04
CA LEU A 391 9.30 -10.57 23.47
C LEU A 391 8.55 -11.34 22.41
N ILE A 392 8.69 -10.98 21.12
CA ILE A 392 8.10 -11.78 20.04
C ILE A 392 8.73 -13.17 19.99
N ALA A 393 10.06 -13.23 20.00
CA ALA A 393 10.75 -14.52 19.91
C ALA A 393 10.61 -15.31 21.19
N LEU A 394 10.24 -14.66 22.29
CA LEU A 394 10.05 -15.38 23.54
C LEU A 394 8.62 -15.92 23.66
N THR A 395 7.67 -15.33 22.94
CA THR A 395 6.33 -15.89 22.83
C THR A 395 6.26 -17.06 21.87
N ILE A 396 7.02 -17.03 20.78
CA ILE A 396 7.03 -18.14 19.83
C ILE A 396 7.67 -19.36 20.46
N TYR A 397 8.64 -19.14 21.36
CA TYR A 397 9.36 -20.25 21.97
C TYR A 397 8.48 -21.04 22.93
N ASP A 398 7.70 -20.37 23.77
CA ASP A 398 6.97 -21.09 24.82
C ASP A 398 5.48 -20.77 24.92
N GLU A 399 5.04 -19.57 24.50
CA GLU A 399 3.62 -19.14 24.49
C GLU A 399 2.97 -19.16 25.87
N ASP A 400 3.78 -19.16 26.93
CA ASP A 400 3.28 -18.97 28.27
C ASP A 400 3.95 -17.77 28.91
N VAL A 401 4.71 -16.98 28.15
CA VAL A 401 5.13 -15.66 28.59
C VAL A 401 4.06 -14.64 28.23
N LEU A 402 3.00 -15.08 27.57
CA LEU A 402 1.73 -14.38 27.64
C LEU A 402 1.07 -14.90 28.92
N ALA A 403 0.14 -14.12 29.48
CA ALA A 403 -0.50 -14.31 30.79
C ALA A 403 0.49 -14.27 31.95
N VAL A 404 1.66 -13.68 31.74
CA VAL A 404 2.43 -13.08 32.83
C VAL A 404 2.26 -11.56 32.64
N GLU A 405 2.33 -10.83 33.77
CA GLU A 405 1.50 -9.65 34.07
C GLU A 405 1.29 -8.63 32.94
N HIS A 406 2.35 -7.95 32.52
CA HIS A 406 2.13 -6.83 31.61
C HIS A 406 2.64 -7.08 30.20
N VAL A 407 2.86 -8.34 29.82
CA VAL A 407 3.55 -8.62 28.57
C VAL A 407 2.66 -8.33 27.37
N LEU A 408 1.36 -8.64 27.48
CA LEU A 408 0.49 -8.52 26.32
C LEU A 408 0.16 -7.06 26.02
N THR A 409 0.12 -6.20 27.05
CA THR A 409 -0.04 -4.78 26.80
C THR A 409 1.27 -4.13 26.43
N THR A 410 2.38 -4.77 26.73
CA THR A 410 3.68 -4.23 26.35
C THR A 410 3.90 -4.45 24.86
N VAL A 411 3.53 -5.61 24.34
CA VAL A 411 3.58 -5.88 22.90
C VAL A 411 2.61 -4.97 22.15
N THR A 412 1.48 -4.65 22.79
CA THR A 412 0.48 -3.77 22.17
C THR A 412 0.99 -2.34 22.09
N LEU A 413 1.60 -1.85 23.17
CA LEU A 413 2.04 -0.46 23.21
C LEU A 413 3.37 -0.26 22.50
N LEU A 414 4.26 -1.26 22.54
CA LEU A 414 5.50 -1.14 21.77
C LEU A 414 5.24 -1.37 20.30
N GLY A 415 4.21 -2.17 19.97
CA GLY A 415 3.88 -2.38 18.58
C GLY A 415 3.30 -1.13 17.93
N VAL A 416 2.62 -0.30 18.71
CA VAL A 416 2.09 0.95 18.16
C VAL A 416 3.14 2.05 18.28
N THR A 417 4.11 1.89 19.19
CA THR A 417 5.24 2.82 19.25
C THR A 417 6.12 2.68 18.02
N VAL A 418 6.41 1.45 17.63
CA VAL A 418 7.15 1.17 16.40
C VAL A 418 6.35 1.60 15.17
N THR A 419 5.01 1.46 15.23
CA THR A 419 4.18 1.81 14.08
C THR A 419 4.10 3.32 13.89
N VAL A 420 4.09 4.08 15.00
CA VAL A 420 4.14 5.55 14.92
C VAL A 420 5.47 6.01 14.35
N CYS A 421 6.56 5.40 14.78
CA CYS A 421 7.89 5.86 14.40
C CYS A 421 8.22 5.52 12.95
N ARG A 422 7.74 4.36 12.46
CA ARG A 422 7.86 4.07 11.04
C ARG A 422 7.10 5.04 10.16
N SER A 423 6.09 5.72 10.69
CA SER A 423 5.42 6.76 9.91
C SER A 423 6.28 8.01 9.83
N PHE A 424 6.98 8.34 10.91
CA PHE A 424 7.78 9.55 10.95
C PHE A 424 9.02 9.41 10.09
N ILE A 425 9.57 8.20 10.01
CA ILE A 425 10.71 7.93 9.13
C ILE A 425 10.26 8.04 7.69
N PRO A 426 10.86 8.87 6.86
CA PRO A 426 10.45 8.98 5.47
C PRO A 426 10.93 7.76 4.67
N ASP A 427 10.67 7.81 3.37
CA ASP A 427 11.18 6.77 2.50
C ASP A 427 12.69 6.92 2.37
N GLN A 428 13.40 5.80 2.55
CA GLN A 428 14.85 5.78 2.39
C GLN A 428 15.26 6.14 0.98
N HIS A 429 14.50 5.73 -0.01
CA HIS A 429 14.82 5.92 -1.41
C HIS A 429 13.91 6.96 -2.02
N MET A 430 13.49 7.91 -1.20
CA MET A 430 12.62 8.99 -1.64
C MET A 430 13.39 9.88 -2.59
N VAL A 431 12.96 9.92 -3.84
CA VAL A 431 13.41 10.93 -4.78
C VAL A 431 13.14 12.28 -4.15
N PHE A 432 14.16 13.12 -4.06
CA PHE A 432 13.98 14.36 -3.33
C PHE A 432 13.27 15.43 -4.14
N CYS A 433 12.70 15.06 -5.33
CA CYS A 433 11.56 15.68 -5.98
C CYS A 433 11.74 17.18 -6.13
N PRO A 434 12.49 17.64 -7.14
CA PRO A 434 12.96 19.03 -7.23
C PRO A 434 11.86 20.05 -7.04
N GLU A 435 12.06 20.90 -6.03
CA GLU A 435 10.96 21.34 -5.16
C GLU A 435 10.00 22.29 -5.85
N GLN A 436 10.20 22.54 -7.14
CA GLN A 436 9.18 23.12 -7.99
C GLN A 436 8.39 21.98 -8.64
N LEU A 437 7.85 21.10 -7.79
CA LEU A 437 6.51 20.57 -7.99
C LEU A 437 5.47 21.51 -7.41
N LEU A 438 5.91 22.59 -6.77
CA LEU A 438 5.08 23.72 -6.42
C LEU A 438 4.49 24.41 -7.64
N ARG A 439 5.02 24.19 -8.84
CA ARG A 439 4.32 24.64 -10.03
C ARG A 439 3.30 23.62 -10.52
N VAL A 440 3.28 22.43 -9.94
CA VAL A 440 2.20 21.49 -10.21
C VAL A 440 1.02 21.75 -9.28
N ILE A 441 1.31 22.16 -8.04
CA ILE A 441 0.26 22.50 -7.08
C ILE A 441 -0.44 23.79 -7.48
N LEU A 442 0.33 24.80 -7.91
CA LEU A 442 -0.20 26.06 -8.44
C LEU A 442 -1.12 25.87 -9.64
N ALA A 443 -0.97 24.79 -10.40
CA ALA A 443 -1.91 24.51 -11.47
C ALA A 443 -3.27 24.09 -10.94
N HIS A 444 -3.32 23.43 -9.78
CA HIS A 444 -4.60 22.97 -9.26
C HIS A 444 -5.24 23.99 -8.34
N ILE A 445 -4.56 24.36 -7.26
CA ILE A 445 -5.03 25.45 -6.41
C ILE A 445 -4.38 26.74 -6.92
N HIS A 446 -5.16 27.78 -7.09
CA HIS A 446 -4.70 28.84 -7.99
C HIS A 446 -4.07 30.02 -7.28
N TYR A 447 -3.64 29.91 -6.03
CA TYR A 447 -3.13 31.07 -5.32
C TYR A 447 -1.87 30.67 -4.55
N MET A 448 -0.78 31.37 -4.84
CA MET A 448 0.47 31.23 -4.13
C MET A 448 0.80 32.62 -3.60
N PRO A 449 1.39 32.72 -2.41
CA PRO A 449 1.67 34.04 -1.84
C PRO A 449 2.86 34.79 -2.42
N ASP A 450 3.34 34.41 -3.61
CA ASP A 450 4.27 35.14 -4.48
C ASP A 450 5.71 35.17 -3.97
N HIS A 451 5.93 34.80 -2.71
CA HIS A 451 7.28 34.61 -2.22
C HIS A 451 7.83 33.24 -2.63
N TRP A 452 6.98 32.41 -3.23
CA TRP A 452 7.29 30.99 -3.32
C TRP A 452 7.74 30.59 -4.72
N GLN A 453 7.92 31.56 -5.62
CA GLN A 453 8.20 31.24 -7.01
C GLN A 453 9.59 30.68 -7.21
N GLY A 454 10.55 31.14 -6.41
CA GLY A 454 11.91 30.64 -6.52
C GLY A 454 12.50 30.17 -5.21
N ASN A 455 11.72 30.25 -4.14
CA ASN A 455 12.22 30.02 -2.80
C ASN A 455 11.53 28.78 -2.24
N ALA A 456 11.37 27.77 -3.09
CA ALA A 456 10.49 26.65 -2.80
C ALA A 456 11.08 25.67 -1.79
N HIS A 457 12.31 25.89 -1.33
CA HIS A 457 12.98 24.91 -0.48
C HIS A 457 13.31 25.42 0.92
N ARG A 458 12.85 26.63 1.27
CA ARG A 458 13.19 27.21 2.56
C ARG A 458 12.19 26.76 3.63
N SER A 459 12.21 27.44 4.77
CA SER A 459 11.23 27.24 5.82
C SER A 459 10.18 28.35 5.88
N GLN A 460 10.33 29.39 5.04
CA GLN A 460 9.29 30.38 4.84
C GLN A 460 8.49 30.06 3.58
N THR A 461 8.47 28.78 3.20
CA THR A 461 7.65 28.30 2.11
C THR A 461 7.05 26.97 2.58
N ARG A 462 7.67 26.37 3.59
CA ARG A 462 7.16 25.14 4.17
C ARG A 462 6.23 25.41 5.33
N ASP A 463 6.50 26.44 6.15
CA ASP A 463 5.65 26.74 7.29
C ASP A 463 4.43 27.56 6.93
N GLU A 464 4.47 28.30 5.84
CA GLU A 464 3.29 29.01 5.38
C GLU A 464 2.37 28.10 4.58
N PHE A 465 2.93 27.03 4.00
CA PHE A 465 2.10 26.08 3.26
C PHE A 465 1.38 25.12 4.19
N ALA A 466 1.92 24.87 5.38
CA ALA A 466 1.23 24.04 6.35
C ALA A 466 0.12 24.77 7.07
N GLN A 467 -0.03 26.08 6.84
CA GLN A 467 -1.20 26.80 7.29
C GLN A 467 -2.39 26.51 6.37
N LEU A 468 -2.10 26.25 5.10
CA LEU A 468 -3.13 25.88 4.14
C LEU A 468 -3.42 24.38 4.12
N PHE A 469 -2.43 23.56 4.44
CA PHE A 469 -2.48 22.12 4.18
C PHE A 469 -2.00 21.38 5.42
N GLN A 470 -2.64 21.68 6.56
CA GLN A 470 -2.21 21.19 7.86
C GLN A 470 -2.30 19.68 8.02
N TYR A 471 -1.76 19.16 9.12
CA TYR A 471 -1.88 17.75 9.47
C TYR A 471 -3.33 17.37 9.69
N LYS A 472 -3.60 16.08 9.78
CA LYS A 472 -4.90 15.67 10.26
C LYS A 472 -4.99 15.78 11.76
N ALA A 473 -3.96 15.41 12.50
CA ALA A 473 -3.99 15.47 13.95
C ALA A 473 -3.99 16.89 14.51
N VAL A 474 -3.49 17.87 13.76
CA VAL A 474 -3.63 19.27 14.16
C VAL A 474 -5.08 19.72 13.99
N PHE A 475 -5.74 19.21 12.95
CA PHE A 475 -7.17 19.47 12.75
C PHE A 475 -7.99 18.86 13.88
N ILE A 476 -7.58 17.70 14.41
CA ILE A 476 -8.23 17.12 15.58
C ILE A 476 -8.00 18.02 16.78
N LEU A 477 -6.79 18.57 16.89
CA LEU A 477 -6.42 19.36 18.05
C LEU A 477 -7.14 20.69 18.06
N GLU A 478 -7.35 21.28 16.89
CA GLU A 478 -8.02 22.56 16.81
C GLU A 478 -9.53 22.47 16.94
N GLU A 479 -10.11 21.26 16.89
CA GLU A 479 -11.53 21.11 17.17
C GLU A 479 -11.81 20.88 18.64
N LEU A 480 -10.88 20.30 19.38
CA LEU A 480 -11.05 20.16 20.83
C LEU A 480 -10.78 21.49 21.54
N LEU A 481 -9.84 22.28 21.03
CA LEU A 481 -9.58 23.59 21.60
C LEU A 481 -10.63 24.60 21.20
N SER A 482 -11.40 24.32 20.15
CA SER A 482 -12.37 25.27 19.60
C SER A 482 -13.46 25.75 20.57
N PRO A 483 -14.05 24.95 21.48
CA PRO A 483 -14.94 25.57 22.47
C PRO A 483 -14.22 26.48 23.47
N ILE A 484 -12.91 26.29 23.66
CA ILE A 484 -12.18 27.11 24.63
C ILE A 484 -11.79 28.45 24.00
N VAL A 485 -11.32 28.41 22.75
CA VAL A 485 -10.70 29.58 22.15
C VAL A 485 -11.74 30.54 21.57
N THR A 486 -12.82 30.02 21.01
CA THR A 486 -13.84 30.80 20.29
C THR A 486 -14.51 31.92 21.11
N PRO A 487 -14.94 31.74 22.38
CA PRO A 487 -15.50 32.92 23.07
C PRO A 487 -14.45 33.96 23.44
N LEU A 488 -13.19 33.54 23.55
CA LEU A 488 -12.12 34.48 23.87
C LEU A 488 -11.82 35.41 22.70
N ILE A 489 -11.89 34.89 21.47
CA ILE A 489 -11.42 35.70 20.36
C ILE A 489 -12.59 36.43 19.69
N LEU A 490 -13.81 36.14 20.09
CA LEU A 490 -14.91 37.03 19.70
C LEU A 490 -14.95 38.26 20.58
N ILE A 491 -14.78 38.08 21.89
CA ILE A 491 -14.86 39.21 22.81
C ILE A 491 -13.63 40.10 22.70
N PHE A 492 -12.45 39.49 22.75
CA PHE A 492 -11.22 40.27 22.92
C PHE A 492 -10.57 40.60 21.58
N CYS A 493 -10.89 39.84 20.53
CA CYS A 493 -10.17 40.03 19.28
C CYS A 493 -11.08 40.54 18.16
N LEU A 494 -12.37 40.23 18.21
CA LEU A 494 -13.23 40.61 17.09
C LEU A 494 -13.85 41.98 17.28
N ARG A 495 -14.25 42.32 18.51
CA ARG A 495 -14.78 43.64 18.87
C ARG A 495 -13.89 44.85 18.55
N PRO A 496 -12.54 44.79 18.61
CA PRO A 496 -11.77 45.92 18.09
C PRO A 496 -11.85 46.12 16.58
N ARG A 497 -12.26 45.09 15.83
CA ARG A 497 -12.36 45.19 14.37
C ARG A 497 -13.77 45.49 13.90
N ALA A 498 -14.65 45.92 14.80
CA ALA A 498 -16.05 46.11 14.44
C ALA A 498 -16.26 47.35 13.57
N LEU A 499 -15.40 48.36 13.72
CA LEU A 499 -15.57 49.58 12.92
C LEU A 499 -15.12 49.35 11.49
N GLU A 500 -14.24 48.39 11.25
CA GLU A 500 -13.82 48.09 9.89
C GLU A 500 -14.76 47.08 9.24
N ILE A 501 -15.51 46.33 10.05
CA ILE A 501 -16.53 45.45 9.50
C ILE A 501 -17.73 46.26 9.02
N ILE A 502 -18.17 47.22 9.83
CA ILE A 502 -19.28 48.09 9.46
C ILE A 502 -18.94 48.95 8.24
N ASP A 503 -17.70 49.41 8.13
CA ASP A 503 -17.29 50.16 6.95
C ASP A 503 -17.08 49.27 5.73
N PHE A 504 -16.85 47.98 5.93
CA PHE A 504 -16.71 47.05 4.81
C PHE A 504 -18.03 46.86 4.09
N PHE A 505 -19.12 46.69 4.86
CA PHE A 505 -20.43 46.48 4.26
C PHE A 505 -21.05 47.76 3.75
N ARG A 506 -20.46 48.92 4.07
CA ARG A 506 -20.89 50.14 3.42
C ARG A 506 -20.24 50.28 2.05
N ASN A 507 -18.93 50.07 1.97
CA ASN A 507 -18.20 50.34 0.73
C ASN A 507 -18.27 49.20 -0.28
N PHE A 508 -18.29 47.94 0.17
CA PHE A 508 -18.30 46.82 -0.77
C PHE A 508 -19.60 46.05 -0.58
N THR A 509 -20.68 46.58 -1.16
CA THR A 509 -21.97 45.90 -1.28
C THR A 509 -22.65 46.49 -2.51
N VAL A 510 -22.70 45.72 -3.59
CA VAL A 510 -23.28 46.19 -4.84
C VAL A 510 -24.63 45.51 -5.06
N GLU A 511 -25.65 46.32 -5.31
CA GLU A 511 -26.98 45.82 -5.60
C GLU A 511 -27.08 45.54 -7.09
N VAL A 512 -27.28 44.27 -7.44
CA VAL A 512 -27.55 43.85 -8.82
C VAL A 512 -29.06 43.63 -8.93
N VAL A 513 -29.63 43.93 -10.09
CA VAL A 513 -31.06 44.22 -10.19
C VAL A 513 -31.88 42.93 -10.10
N GLY A 514 -31.27 41.78 -10.42
CA GLY A 514 -32.01 40.54 -10.37
C GLY A 514 -31.90 39.85 -9.03
N VAL A 515 -30.69 39.79 -8.47
CA VAL A 515 -30.42 38.98 -7.28
C VAL A 515 -30.58 39.77 -5.99
N GLY A 516 -30.17 41.03 -5.96
CA GLY A 516 -30.22 41.78 -4.72
C GLY A 516 -28.87 42.31 -4.28
N ASP A 517 -28.59 42.25 -3.00
CA ASP A 517 -27.39 42.83 -2.42
C ASP A 517 -26.28 41.79 -2.33
N THR A 518 -25.31 41.89 -3.24
CA THR A 518 -24.20 40.95 -3.31
C THR A 518 -22.93 41.63 -2.82
N CYS A 519 -21.88 40.83 -2.65
CA CYS A 519 -20.56 41.38 -2.40
C CYS A 519 -20.03 42.07 -3.65
N SER A 520 -19.24 43.12 -3.44
CA SER A 520 -18.73 43.89 -4.57
C SER A 520 -17.64 43.15 -5.32
N PHE A 521 -16.88 42.33 -4.61
CA PHE A 521 -15.76 41.63 -5.22
C PHE A 521 -16.20 40.49 -6.13
N ALA A 522 -17.30 39.81 -5.78
CA ALA A 522 -17.79 38.67 -6.52
C ALA A 522 -18.39 39.06 -7.87
N PRO B 36 37.12 31.57 10.86
CA PRO B 36 38.32 30.81 11.16
C PRO B 36 39.54 31.21 10.32
N TRP B 37 40.70 30.73 10.78
CA TRP B 37 41.87 31.57 10.79
C TRP B 37 42.86 31.24 9.67
N HIS B 38 44.03 31.84 9.80
CA HIS B 38 44.99 31.99 8.71
C HIS B 38 45.77 30.68 8.54
N HIS B 39 45.74 30.13 7.31
CA HIS B 39 46.62 29.05 6.86
C HIS B 39 46.51 27.77 7.70
N ILE B 40 45.38 27.08 7.62
CA ILE B 40 45.10 25.90 8.43
C ILE B 40 46.01 24.76 7.97
N GLU B 41 46.22 23.79 8.88
CA GLU B 41 47.30 22.82 8.72
C GLU B 41 46.89 21.66 7.82
N ASN B 42 45.59 21.40 7.68
CA ASN B 42 45.14 20.18 7.02
C ASN B 42 43.87 20.52 6.24
N LEU B 43 44.01 20.76 4.94
CA LEU B 43 42.86 21.12 4.12
C LEU B 43 42.03 19.93 3.69
N ASP B 44 42.44 18.71 4.03
CA ASP B 44 41.63 17.53 3.72
C ASP B 44 40.65 17.25 4.85
N LEU B 45 41.14 17.22 6.08
CA LEU B 45 40.28 16.91 7.21
C LEU B 45 39.38 18.09 7.54
N PHE B 46 39.75 19.29 7.10
CA PHE B 46 38.88 20.45 7.29
C PHE B 46 37.69 20.39 6.35
N PHE B 47 37.95 20.26 5.04
CA PHE B 47 36.89 20.24 4.04
C PHE B 47 36.03 18.99 4.14
N SER B 48 36.57 17.89 4.66
CA SER B 48 35.76 16.71 4.87
C SER B 48 34.78 16.90 6.00
N ARG B 49 35.09 17.79 6.94
CA ARG B 49 34.21 18.03 8.08
C ARG B 49 33.25 19.19 7.81
N VAL B 50 33.64 20.10 6.92
CA VAL B 50 32.69 21.08 6.40
C VAL B 50 31.57 20.36 5.65
N TYR B 51 31.91 19.39 4.81
CA TYR B 51 30.93 18.58 4.10
C TYR B 51 30.12 17.69 5.03
N ASN B 52 30.74 17.12 6.07
CA ASN B 52 30.02 16.21 6.94
C ASN B 52 29.09 16.97 7.87
N LEU B 53 29.38 18.24 8.14
CA LEU B 53 28.51 19.03 8.99
C LEU B 53 27.26 19.43 8.23
N HIS B 54 27.39 19.64 6.92
CA HIS B 54 26.24 19.95 6.07
C HIS B 54 25.34 18.76 5.83
N GLN B 55 25.90 17.55 5.72
CA GLN B 55 25.12 16.36 5.43
C GLN B 55 24.47 15.77 6.67
N LYS B 56 25.02 16.04 7.84
CA LYS B 56 24.37 15.71 9.09
C LYS B 56 23.42 16.79 9.57
N ASN B 57 23.18 17.82 8.75
CA ASN B 57 22.14 18.84 8.90
C ASN B 57 22.36 19.74 10.10
N GLY B 58 23.59 19.86 10.58
CA GLY B 58 23.94 20.86 11.56
C GLY B 58 24.82 20.30 12.66
N PHE B 59 25.19 21.19 13.58
CA PHE B 59 26.00 20.76 14.72
C PHE B 59 25.15 19.98 15.71
N THR B 60 24.02 20.54 16.13
CA THR B 60 23.23 19.92 17.18
C THR B 60 22.47 18.70 16.69
N CYS B 61 22.27 18.58 15.37
CA CYS B 61 21.65 17.38 14.83
C CYS B 61 22.66 16.25 14.76
N MET B 62 23.90 16.57 14.38
CA MET B 62 24.98 15.58 14.39
C MET B 62 25.36 15.19 15.81
N LEU B 63 25.30 16.15 16.74
CA LEU B 63 25.67 15.89 18.12
C LEU B 63 24.70 14.92 18.77
N ILE B 64 23.40 15.18 18.66
CA ILE B 64 22.42 14.25 19.21
C ILE B 64 22.29 13.02 18.34
N GLY B 65 22.76 13.08 17.10
CA GLY B 65 22.85 11.91 16.25
C GLY B 65 23.89 10.93 16.75
N GLU B 66 25.12 11.41 16.94
CA GLU B 66 26.22 10.54 17.30
C GLU B 66 26.19 10.13 18.78
N ILE B 67 25.39 10.81 19.61
CA ILE B 67 25.10 10.30 20.95
C ILE B 67 24.30 9.00 20.86
N PHE B 68 23.43 8.90 19.86
CA PHE B 68 22.54 7.75 19.74
C PHE B 68 23.31 6.47 19.41
N GLU B 69 24.29 6.52 18.51
CA GLU B 69 25.06 5.33 18.17
C GLU B 69 25.97 4.90 19.32
N LEU B 70 26.40 5.84 20.15
CA LEU B 70 27.09 5.44 21.37
C LEU B 70 26.12 4.83 22.37
N MET B 71 24.86 5.27 22.34
CA MET B 71 23.84 4.64 23.17
C MET B 71 23.31 3.35 22.55
N GLN B 72 23.25 3.31 21.21
CA GLN B 72 22.84 2.10 20.51
C GLN B 72 23.84 0.97 20.66
N PHE B 73 25.15 1.26 20.65
CA PHE B 73 26.13 0.24 21.02
C PHE B 73 25.95 -0.17 22.47
N LEU B 74 25.68 0.77 23.35
CA LEU B 74 25.60 0.48 24.78
C LEU B 74 24.30 -0.21 25.12
N PHE B 75 23.24 0.01 24.33
CA PHE B 75 21.99 -0.70 24.55
C PHE B 75 22.12 -2.16 24.16
N VAL B 76 22.68 -2.43 22.97
CA VAL B 76 22.77 -3.80 22.45
C VAL B 76 23.68 -4.65 23.33
N VAL B 77 24.73 -4.07 23.88
CA VAL B 77 25.67 -4.83 24.69
C VAL B 77 25.10 -5.08 26.10
N ALA B 78 24.45 -4.06 26.69
CA ALA B 78 24.00 -4.21 28.07
C ALA B 78 22.69 -4.99 28.17
N PHE B 79 21.81 -4.83 27.18
CA PHE B 79 20.53 -5.53 27.23
C PHE B 79 20.68 -7.00 26.89
N THR B 80 21.59 -7.33 25.98
CA THR B 80 21.83 -8.73 25.67
C THR B 80 22.65 -9.41 26.76
N THR B 81 23.34 -8.65 27.59
CA THR B 81 24.05 -9.24 28.72
C THR B 81 23.09 -9.52 29.87
N PHE B 82 22.08 -8.66 30.02
CA PHE B 82 21.03 -8.88 31.01
C PHE B 82 20.16 -10.08 30.66
N LEU B 83 19.89 -10.28 29.36
CA LEU B 83 19.09 -11.42 28.92
C LEU B 83 19.81 -12.74 29.14
N VAL B 84 21.13 -12.75 28.94
CA VAL B 84 21.89 -13.99 29.08
C VAL B 84 21.99 -14.42 30.54
N SER B 85 22.27 -13.48 31.44
CA SER B 85 22.70 -13.85 32.78
C SER B 85 21.69 -13.59 33.89
N CYS B 86 20.70 -12.70 33.70
CA CYS B 86 19.97 -12.17 34.85
C CYS B 86 18.45 -12.32 34.74
N VAL B 87 17.94 -12.98 33.71
CA VAL B 87 16.53 -13.31 33.60
C VAL B 87 16.38 -14.79 33.86
N ASP B 88 15.52 -15.15 34.81
CA ASP B 88 15.31 -16.54 35.19
C ASP B 88 14.10 -17.00 34.38
N TYR B 89 14.34 -17.88 33.40
CA TYR B 89 13.29 -18.23 32.45
C TYR B 89 12.37 -19.32 32.99
N ASP B 90 12.79 -20.03 34.03
CA ASP B 90 11.94 -21.06 34.63
C ASP B 90 10.72 -20.46 35.31
N ILE B 91 10.84 -19.23 35.81
CA ILE B 91 9.68 -18.51 36.32
C ILE B 91 8.91 -17.90 35.16
N LEU B 92 9.60 -17.50 34.09
CA LEU B 92 8.95 -16.82 32.98
C LEU B 92 8.23 -17.80 32.07
N PHE B 93 8.73 -19.03 31.95
CA PHE B 93 8.09 -20.02 31.08
C PHE B 93 7.06 -20.84 31.83
N ALA B 94 7.50 -21.56 32.86
CA ALA B 94 6.65 -22.54 33.52
C ALA B 94 6.07 -22.07 34.84
N ASN B 95 6.85 -21.41 35.69
CA ASN B 95 6.44 -21.13 37.06
C ASN B 95 5.95 -19.70 37.23
N LYS B 109 -0.75 -15.81 39.80
CA LYS B 109 -0.36 -14.85 38.78
C LYS B 109 1.07 -14.37 38.99
N VAL B 110 1.88 -14.47 37.94
CA VAL B 110 3.27 -14.05 37.95
C VAL B 110 3.37 -12.68 37.28
N THR B 111 4.34 -11.88 37.72
CA THR B 111 4.60 -10.58 37.15
C THR B 111 5.86 -10.61 36.29
N LEU B 112 5.99 -9.62 35.41
CA LEU B 112 7.19 -9.53 34.57
C LEU B 112 8.46 -9.14 35.33
N PRO B 113 8.44 -8.26 36.35
CA PRO B 113 9.65 -8.12 37.20
C PRO B 113 9.87 -9.26 38.18
N ASP B 114 9.05 -10.31 38.19
CA ASP B 114 9.35 -11.47 39.01
C ASP B 114 10.41 -12.34 38.37
N ALA B 115 10.54 -12.29 37.05
CA ALA B 115 11.56 -13.07 36.37
C ALA B 115 12.94 -12.50 36.64
N PHE B 116 13.05 -11.17 36.75
CA PHE B 116 14.33 -10.48 36.83
C PHE B 116 15.01 -10.77 38.17
N LEU B 117 16.32 -10.81 38.13
CA LEU B 117 17.08 -11.07 39.34
C LEU B 117 17.40 -9.77 40.07
N PRO B 118 17.59 -9.80 41.38
CA PRO B 118 17.97 -8.57 42.10
C PRO B 118 19.40 -8.16 41.76
N ALA B 119 19.69 -6.87 41.98
CA ALA B 119 20.93 -6.26 41.52
C ALA B 119 22.16 -6.80 42.25
N GLN B 120 21.99 -7.34 43.46
CA GLN B 120 23.11 -7.97 44.14
C GLN B 120 23.41 -9.36 43.58
N VAL B 121 22.46 -9.93 42.84
CA VAL B 121 22.67 -11.19 42.15
C VAL B 121 22.88 -10.95 40.65
N CYS B 122 22.28 -9.86 40.15
CA CYS B 122 22.51 -9.42 38.77
C CYS B 122 23.96 -9.09 38.51
N SER B 123 24.63 -8.49 39.50
CA SER B 123 26.04 -8.16 39.34
C SER B 123 26.94 -9.28 39.84
N ALA B 124 26.34 -10.35 40.38
CA ALA B 124 27.15 -11.44 40.90
C ALA B 124 27.28 -12.58 39.90
N ARG B 125 26.17 -12.95 39.25
CA ARG B 125 26.18 -14.11 38.34
C ARG B 125 26.92 -13.77 37.04
N ILE B 126 27.09 -12.48 36.77
CA ILE B 126 27.80 -12.01 35.58
C ILE B 126 29.31 -12.19 35.69
N GLN B 127 29.83 -12.46 36.89
CA GLN B 127 31.27 -12.46 37.09
C GLN B 127 31.90 -13.84 37.16
N GLU B 128 31.13 -14.90 37.43
CA GLU B 128 31.68 -16.25 37.27
C GLU B 128 31.42 -16.80 35.86
N ASN B 129 31.72 -15.96 34.87
CA ASN B 129 31.64 -16.33 33.47
C ASN B 129 32.83 -15.68 32.79
N GLY B 130 33.93 -16.42 32.70
CA GLY B 130 35.18 -15.83 32.21
C GLY B 130 35.14 -15.50 30.74
N SER B 131 34.23 -16.14 30.00
CA SER B 131 34.00 -15.73 28.63
C SER B 131 33.27 -14.40 28.56
N LEU B 132 32.27 -14.20 29.44
CA LEU B 132 31.43 -13.01 29.34
C LEU B 132 32.16 -11.76 29.84
N ILE B 133 33.00 -11.90 30.86
CA ILE B 133 33.84 -10.79 31.31
C ILE B 133 34.82 -10.40 30.21
N THR B 134 35.38 -11.41 29.52
CA THR B 134 36.28 -11.17 28.39
C THR B 134 35.53 -10.50 27.25
N ILE B 135 34.26 -10.85 27.06
CA ILE B 135 33.43 -10.12 26.10
C ILE B 135 33.18 -8.68 26.57
N LEU B 136 32.86 -8.49 27.85
CA LEU B 136 32.52 -7.16 28.35
C LEU B 136 33.71 -6.22 28.49
N VAL B 137 34.92 -6.74 28.74
CA VAL B 137 36.08 -5.87 28.82
C VAL B 137 36.47 -5.37 27.44
N ILE B 138 36.53 -6.26 26.45
CA ILE B 138 36.93 -5.87 25.10
C ILE B 138 35.86 -5.00 24.45
N ALA B 139 34.59 -5.26 24.79
CA ALA B 139 33.54 -4.32 24.37
C ALA B 139 33.63 -3.01 25.13
N GLY B 140 34.08 -3.06 26.39
CA GLY B 140 34.21 -1.84 27.17
C GLY B 140 35.38 -0.99 26.76
N VAL B 141 36.49 -1.62 26.38
CA VAL B 141 37.67 -0.88 25.93
C VAL B 141 37.40 -0.24 24.57
N PHE B 142 36.72 -0.96 23.68
CA PHE B 142 36.34 -0.40 22.39
C PHE B 142 35.32 0.73 22.53
N TRP B 143 34.48 0.67 23.56
CA TRP B 143 33.47 1.70 23.71
C TRP B 143 34.07 2.97 24.30
N ILE B 144 34.99 2.84 25.27
CA ILE B 144 35.61 4.05 25.81
C ILE B 144 36.60 4.63 24.81
N HIS B 145 37.11 3.81 23.88
CA HIS B 145 37.88 4.33 22.76
C HIS B 145 36.98 5.10 21.80
N ARG B 146 35.73 4.67 21.67
CA ARG B 146 34.79 5.36 20.80
C ARG B 146 34.19 6.56 21.51
N LEU B 147 34.32 6.62 22.84
CA LEU B 147 33.86 7.76 23.61
C LEU B 147 34.91 8.87 23.63
N ILE B 148 36.19 8.52 23.66
CA ILE B 148 37.26 9.52 23.61
C ILE B 148 37.28 10.21 22.24
N LYS B 149 37.15 9.41 21.18
CA LYS B 149 37.14 9.89 19.80
C LYS B 149 35.93 10.79 19.51
N PHE B 150 34.84 10.63 20.24
CA PHE B 150 33.67 11.48 20.06
C PHE B 150 33.82 12.83 20.75
N ILE B 151 34.43 12.86 21.93
CA ILE B 151 34.73 14.12 22.61
C ILE B 151 35.77 14.90 21.81
N TYR B 152 36.67 14.19 21.13
CA TYR B 152 37.62 14.84 20.24
C TYR B 152 36.93 15.43 19.00
N ASN B 153 35.80 14.84 18.60
CA ASN B 153 35.09 15.37 17.44
C ASN B 153 34.25 16.59 17.78
N ILE B 154 33.74 16.67 19.01
CA ILE B 154 32.95 17.82 19.43
C ILE B 154 33.81 19.07 19.47
N CYS B 155 35.06 18.93 19.92
CA CYS B 155 35.98 20.06 19.94
C CYS B 155 36.36 20.49 18.53
N CYS B 156 36.35 19.56 17.58
CA CYS B 156 36.76 19.87 16.21
C CYS B 156 35.60 20.29 15.32
N TYR B 157 34.39 19.80 15.56
CA TYR B 157 33.26 20.26 14.76
C TYR B 157 32.72 21.59 15.27
N TRP B 158 33.00 21.94 16.52
CA TRP B 158 32.61 23.25 17.04
C TRP B 158 33.40 24.36 16.36
N GLU B 159 34.65 24.09 16.00
CA GLU B 159 35.48 25.03 15.26
C GLU B 159 34.97 25.21 13.83
N ILE B 160 34.24 24.23 13.30
CA ILE B 160 33.64 24.34 11.98
C ILE B 160 32.17 24.74 12.07
N HIS B 161 31.51 24.47 13.20
CA HIS B 161 30.27 25.15 13.54
C HIS B 161 30.40 26.67 13.57
N SER B 162 31.51 27.19 14.08
CA SER B 162 31.77 28.62 14.03
C SER B 162 32.28 29.08 12.67
N PHE B 163 32.62 28.17 11.76
CA PHE B 163 33.00 28.54 10.40
C PHE B 163 31.80 28.90 9.56
N TYR B 164 30.67 28.25 9.80
CA TYR B 164 29.42 28.62 9.13
C TYR B 164 28.90 29.95 9.64
N LEU B 165 28.98 30.16 10.96
CA LEU B 165 28.42 31.35 11.57
C LEU B 165 29.26 32.58 11.27
N HIS B 166 30.55 32.52 11.60
CA HIS B 166 31.38 33.72 11.58
C HIS B 166 32.17 33.91 10.30
N ALA B 167 32.10 32.99 9.34
CA ALA B 167 32.87 33.18 8.12
C ALA B 167 32.03 32.95 6.87
N LEU B 168 30.93 32.21 7.01
CA LEU B 168 30.08 31.97 5.85
C LEU B 168 28.71 32.61 6.01
N ARG B 169 28.41 33.11 7.21
CA ARG B 169 27.15 33.73 7.60
C ARG B 169 25.94 32.82 7.36
N ILE B 170 26.01 31.57 7.80
CA ILE B 170 24.92 30.62 7.64
C ILE B 170 24.59 30.04 9.01
N PRO B 171 23.40 30.29 9.55
CA PRO B 171 23.03 29.74 10.86
C PRO B 171 22.74 28.24 10.78
N MET B 172 22.57 27.64 11.96
CA MET B 172 22.19 26.24 12.03
C MET B 172 20.73 26.01 11.71
N SER B 173 19.92 27.07 11.67
CA SER B 173 18.54 26.94 11.23
C SER B 173 18.45 26.91 9.71
N ALA B 174 19.27 27.73 9.05
CA ALA B 174 19.22 27.81 7.59
C ALA B 174 20.04 26.69 6.96
N LEU B 175 20.82 25.97 7.76
CA LEU B 175 21.73 24.96 7.20
C LEU B 175 21.05 23.70 6.66
N PRO B 176 20.03 23.09 7.30
CA PRO B 176 19.36 21.96 6.62
C PRO B 176 18.56 22.34 5.38
N TYR B 177 18.33 23.64 5.16
CA TYR B 177 17.55 24.12 4.05
C TYR B 177 18.41 24.78 2.99
N CYS B 178 19.73 24.62 3.08
CA CYS B 178 20.66 24.95 2.03
C CYS B 178 21.04 23.69 1.27
N THR B 179 21.45 23.87 0.02
CA THR B 179 22.06 22.80 -0.74
C THR B 179 23.57 22.88 -0.57
N TRP B 180 24.29 21.90 -1.11
CA TRP B 180 25.74 21.98 -1.07
C TRP B 180 26.26 23.07 -2.00
N GLN B 181 25.53 23.38 -3.08
CA GLN B 181 25.92 24.48 -3.94
C GLN B 181 25.78 25.84 -3.26
N GLU B 182 24.95 25.92 -2.21
CA GLU B 182 24.95 27.09 -1.33
C GLU B 182 26.24 27.14 -0.53
N VAL B 183 26.54 26.06 0.17
CA VAL B 183 27.62 25.96 1.15
C VAL B 183 28.98 26.02 0.45
N GLN B 184 29.06 25.46 -0.75
CA GLN B 184 30.33 25.49 -1.50
C GLN B 184 30.64 26.89 -1.99
N ALA B 185 29.66 27.60 -2.54
CA ALA B 185 29.85 28.94 -3.06
C ALA B 185 30.16 29.96 -1.97
N ARG B 186 29.77 29.70 -0.72
CA ARG B 186 30.16 30.54 0.40
C ARG B 186 31.66 30.42 0.67
N ILE B 187 32.20 29.21 0.55
CA ILE B 187 33.62 28.98 0.77
C ILE B 187 34.48 29.55 -0.35
N VAL B 188 34.01 29.49 -1.60
CA VAL B 188 34.82 29.86 -2.75
C VAL B 188 35.07 31.36 -2.86
N GLN B 189 34.05 32.20 -2.72
CA GLN B 189 34.19 33.63 -2.96
C GLN B 189 34.53 34.45 -1.73
N THR B 190 34.55 33.84 -0.55
CA THR B 190 35.03 34.53 0.64
C THR B 190 36.48 34.21 0.97
N GLN B 191 37.25 33.72 0.01
CA GLN B 191 38.66 33.40 0.21
C GLN B 191 39.54 34.64 0.24
N LYS B 192 38.98 35.81 -0.04
CA LYS B 192 39.70 37.06 0.20
C LYS B 192 39.73 37.36 1.70
N GLU B 193 38.74 36.85 2.43
CA GLU B 193 38.69 37.05 3.87
C GLU B 193 39.60 36.05 4.60
N HIS B 194 39.40 34.76 4.36
CA HIS B 194 40.21 33.70 4.95
C HIS B 194 41.13 33.10 3.90
N GLN B 195 42.40 32.89 4.26
CA GLN B 195 43.34 32.28 3.30
C GLN B 195 42.98 30.83 3.06
N ILE B 196 43.19 29.99 4.07
CA ILE B 196 42.72 28.59 4.12
C ILE B 196 43.20 27.72 2.96
N ARG B 201 45.98 30.13 -4.52
CA ARG B 201 45.15 31.34 -4.53
C ARG B 201 44.18 31.24 -5.69
N GLU B 202 42.88 31.46 -5.40
CA GLU B 202 41.79 31.10 -6.31
C GLU B 202 41.88 29.62 -6.67
N LEU B 203 41.57 28.77 -5.69
CA LEU B 203 41.86 27.34 -5.71
C LEU B 203 41.28 26.63 -6.92
N THR B 204 39.96 26.33 -6.88
CA THR B 204 38.99 26.09 -7.95
C THR B 204 37.75 25.67 -7.14
N GLU B 205 36.57 25.52 -7.77
CA GLU B 205 35.53 24.70 -7.13
C GLU B 205 35.83 23.21 -7.33
N LEU B 206 36.81 22.90 -8.19
CA LEU B 206 37.24 21.53 -8.41
C LEU B 206 38.23 21.07 -7.36
N ASP B 207 39.06 21.99 -6.84
CA ASP B 207 40.12 21.56 -5.92
C ASP B 207 39.59 21.33 -4.52
N ILE B 208 38.33 21.68 -4.26
CA ILE B 208 37.69 21.24 -3.03
C ILE B 208 37.17 19.82 -3.19
N TYR B 209 36.92 19.40 -4.44
CA TYR B 209 36.42 18.05 -4.69
C TYR B 209 37.51 17.01 -4.52
N HIS B 210 38.74 17.33 -4.92
CA HIS B 210 39.84 16.38 -4.80
C HIS B 210 40.25 16.19 -3.34
N ARG B 211 39.92 17.15 -2.48
CA ARG B 211 40.34 17.07 -1.08
C ARG B 211 39.34 16.30 -0.23
N ILE B 212 38.05 16.50 -0.50
CA ILE B 212 37.02 15.76 0.22
C ILE B 212 37.04 14.29 -0.18
N LEU B 213 37.32 14.04 -1.45
CA LEU B 213 37.22 12.71 -2.04
C LEU B 213 38.53 12.21 -2.60
N ARG B 214 39.63 12.27 -1.84
CA ARG B 214 40.88 11.81 -2.42
C ARG B 214 40.98 10.29 -2.36
N PHE B 215 40.64 9.70 -1.22
CA PHE B 215 40.78 8.27 -1.01
C PHE B 215 39.54 7.51 -1.44
N GLN B 216 38.52 8.19 -1.97
CA GLN B 216 37.41 7.54 -2.63
C GLN B 216 37.61 7.43 -4.13
N ASN B 217 38.44 8.27 -4.74
CA ASN B 217 38.78 8.08 -6.14
C ASN B 217 39.80 6.98 -6.36
N TYR B 218 40.41 6.47 -5.30
CA TYR B 218 41.24 5.28 -5.45
C TYR B 218 40.40 4.01 -5.44
N MET B 219 39.37 3.97 -4.59
CA MET B 219 38.54 2.78 -4.52
C MET B 219 37.64 2.63 -5.73
N VAL B 220 37.46 3.70 -6.50
CA VAL B 220 36.78 3.59 -7.79
C VAL B 220 37.68 2.89 -8.79
N ALA B 221 38.97 3.21 -8.77
CA ALA B 221 39.89 2.66 -9.76
C ALA B 221 40.39 1.28 -9.37
N LEU B 222 40.30 0.91 -8.09
CA LEU B 222 40.73 -0.42 -7.67
C LEU B 222 39.63 -1.44 -7.88
N VAL B 223 38.39 -0.97 -8.00
CA VAL B 223 37.28 -1.89 -8.25
C VAL B 223 37.05 -2.04 -9.75
N ASN B 224 37.25 -0.97 -10.52
CA ASN B 224 37.01 -1.04 -11.96
C ASN B 224 38.14 -1.76 -12.67
N LYS B 225 39.29 -1.92 -12.02
CA LYS B 225 40.40 -2.65 -12.60
C LYS B 225 40.55 -4.05 -12.02
N SER B 226 39.72 -4.42 -11.06
CA SER B 226 39.75 -5.70 -10.35
C SER B 226 41.12 -5.99 -9.73
N LEU B 227 41.71 -4.96 -9.13
CA LEU B 227 42.88 -5.12 -8.28
C LEU B 227 42.50 -5.53 -6.86
N LEU B 228 41.21 -5.50 -6.55
CA LEU B 228 40.67 -6.03 -5.32
C LEU B 228 39.86 -7.23 -5.79
N PRO B 229 39.85 -8.34 -5.01
CA PRO B 229 39.35 -9.62 -5.52
C PRO B 229 37.88 -9.67 -5.94
N LEU B 230 37.00 -9.46 -4.97
CA LEU B 230 35.59 -9.10 -5.10
C LEU B 230 34.67 -10.13 -5.76
N ARG B 231 35.19 -11.23 -6.30
CA ARG B 231 34.36 -12.20 -7.01
C ARG B 231 35.01 -13.59 -6.99
N PHE B 232 34.20 -14.60 -6.69
CA PHE B 232 34.70 -15.94 -6.38
C PHE B 232 33.70 -16.98 -6.89
N ARG B 233 34.20 -17.95 -7.66
CA ARG B 233 33.41 -19.13 -7.96
C ARG B 233 33.35 -20.05 -6.74
N LEU B 234 32.13 -20.40 -6.33
CA LEU B 234 31.92 -21.45 -5.36
C LEU B 234 30.98 -22.42 -6.05
N PRO B 235 31.14 -23.72 -5.83
CA PRO B 235 30.20 -24.69 -6.45
C PRO B 235 28.84 -24.63 -5.78
N GLY B 236 27.81 -24.38 -6.60
CA GLY B 236 26.45 -24.27 -6.15
C GLY B 236 25.72 -23.01 -6.59
N LEU B 237 26.40 -21.86 -6.61
CA LEU B 237 25.79 -20.61 -7.02
C LEU B 237 26.32 -20.08 -8.34
N GLY B 238 27.58 -20.34 -8.67
CA GLY B 238 28.20 -19.77 -9.85
C GLY B 238 29.32 -18.81 -9.45
N GLU B 239 29.30 -17.61 -10.03
CA GLU B 239 30.25 -16.58 -9.66
C GLU B 239 29.55 -15.62 -8.69
N ALA B 240 29.95 -15.69 -7.42
CA ALA B 240 29.42 -14.83 -6.38
C ALA B 240 30.26 -13.57 -6.30
N VAL B 241 29.65 -12.48 -5.86
CA VAL B 241 30.33 -11.21 -5.67
C VAL B 241 30.26 -10.83 -4.19
N PHE B 242 31.43 -10.67 -3.59
CA PHE B 242 31.64 -10.21 -2.23
C PHE B 242 31.74 -8.69 -2.29
N PHE B 243 32.61 -8.12 -1.44
CA PHE B 243 32.81 -6.70 -1.13
C PHE B 243 31.66 -6.15 -0.30
N THR B 244 31.61 -6.67 0.93
CA THR B 244 30.80 -6.13 2.00
C THR B 244 31.44 -4.89 2.62
N ARG B 245 30.83 -4.42 3.70
CA ARG B 245 31.15 -3.11 4.26
C ARG B 245 32.39 -3.17 5.15
N GLY B 246 32.54 -4.25 5.91
CA GLY B 246 33.72 -4.40 6.75
C GLY B 246 34.96 -4.80 5.97
N LEU B 247 34.80 -5.18 4.71
CA LEU B 247 35.94 -5.47 3.85
C LEU B 247 36.54 -4.19 3.26
N LYS B 248 35.67 -3.26 2.84
CA LYS B 248 36.12 -1.98 2.29
C LYS B 248 36.86 -1.14 3.33
N TYR B 249 36.51 -1.34 4.60
CA TYR B 249 37.20 -0.66 5.69
C TYR B 249 38.65 -1.11 5.80
N ASN B 250 38.89 -2.41 5.57
CA ASN B 250 40.24 -2.94 5.65
C ASN B 250 41.10 -2.50 4.47
N PHE B 251 40.50 -2.35 3.30
CA PHE B 251 41.26 -2.00 2.10
C PHE B 251 41.91 -0.62 2.21
N GLU B 252 41.27 0.30 2.91
CA GLU B 252 41.90 1.58 3.19
C GLU B 252 42.77 1.54 4.43
N LEU B 253 42.62 0.53 5.28
CA LEU B 253 43.54 0.30 6.38
C LEU B 253 44.84 -0.37 5.91
N ILE B 254 44.79 -1.14 4.83
CA ILE B 254 46.02 -1.60 4.18
C ILE B 254 46.69 -0.45 3.42
N LEU B 255 45.93 0.47 2.87
CA LEU B 255 46.48 1.38 1.86
C LEU B 255 46.57 2.84 2.28
N PHE B 256 45.79 3.32 3.25
CA PHE B 256 45.73 4.77 3.47
C PHE B 256 45.86 5.22 4.92
N TRP B 257 45.85 4.32 5.89
CA TRP B 257 45.80 4.72 7.30
C TRP B 257 47.03 4.20 8.03
N GLY B 258 47.75 5.10 8.67
CA GLY B 258 48.87 4.70 9.50
C GLY B 258 50.18 5.27 9.02
N PRO B 259 51.23 5.13 9.82
CA PRO B 259 52.55 5.57 9.36
C PRO B 259 53.25 4.54 8.49
N GLY B 260 52.91 3.26 8.68
CA GLY B 260 53.54 2.19 7.93
C GLY B 260 52.91 1.89 6.60
N SER B 261 51.93 2.68 6.19
CA SER B 261 51.22 2.47 4.95
C SER B 261 51.89 3.23 3.82
N LEU B 262 51.15 3.41 2.72
CA LEU B 262 51.39 4.53 1.83
C LEU B 262 50.86 5.79 2.48
N PHE B 263 51.11 6.95 1.86
CA PHE B 263 50.58 8.23 2.33
C PHE B 263 51.02 8.60 3.74
N LEU B 264 52.30 8.99 3.88
CA LEU B 264 52.94 9.43 5.11
C LEU B 264 52.10 10.48 5.85
N ASN B 265 51.48 11.38 5.09
CA ASN B 265 50.46 12.28 5.61
C ASN B 265 49.17 12.03 4.84
N GLU B 266 48.11 12.78 5.12
CA GLU B 266 46.85 12.49 4.47
C GLU B 266 46.78 13.06 3.05
N TRP B 267 47.79 13.81 2.61
CA TRP B 267 47.71 14.47 1.32
C TRP B 267 48.87 14.19 0.37
N SER B 268 49.86 13.40 0.77
CA SER B 268 50.94 13.04 -0.14
C SER B 268 51.42 11.65 0.20
N LEU B 269 51.90 10.92 -0.81
CA LEU B 269 52.34 9.55 -0.56
C LEU B 269 53.86 9.53 -0.47
N LYS B 270 54.39 8.35 -0.19
CA LYS B 270 55.82 8.17 0.01
C LYS B 270 56.57 8.43 -1.28
N ALA B 271 57.85 8.75 -1.15
CA ALA B 271 58.72 8.88 -2.32
C ALA B 271 59.14 7.50 -2.82
N GLU B 272 58.92 6.48 -1.98
CA GLU B 272 59.33 5.11 -2.28
C GLU B 272 58.63 4.57 -3.52
N TYR B 273 57.37 4.96 -3.71
CA TYR B 273 56.51 4.24 -4.66
C TYR B 273 56.61 4.82 -6.06
N LYS B 274 57.45 5.85 -6.24
CA LYS B 274 57.63 6.39 -7.59
C LYS B 274 58.89 5.89 -8.27
N ARG B 275 59.85 5.31 -7.53
CA ARG B 275 61.05 4.79 -8.15
C ARG B 275 60.73 3.44 -8.81
N GLY B 276 61.57 3.05 -9.76
CA GLY B 276 61.28 1.91 -10.61
C GLY B 276 62.16 0.71 -10.36
N GLY B 277 62.30 -0.14 -11.39
CA GLY B 277 62.92 -1.43 -11.22
C GLY B 277 61.95 -2.47 -10.71
N GLN B 278 60.67 -2.09 -10.63
CA GLN B 278 59.46 -2.85 -10.26
C GLN B 278 59.40 -3.18 -8.76
N ARG B 279 60.54 -3.07 -8.06
CA ARG B 279 60.69 -3.08 -6.60
C ARG B 279 59.88 -4.15 -5.86
N LEU B 280 60.24 -5.42 -6.10
CA LEU B 280 59.63 -6.53 -5.39
C LEU B 280 59.94 -6.49 -3.91
N GLU B 281 61.06 -5.86 -3.53
CA GLU B 281 61.34 -5.57 -2.13
C GLU B 281 60.30 -4.60 -1.56
N LEU B 282 59.84 -3.66 -2.37
CA LEU B 282 58.81 -2.73 -1.93
C LEU B 282 57.43 -3.37 -2.01
N ALA B 283 57.26 -4.31 -2.93
CA ALA B 283 56.01 -5.06 -3.01
C ALA B 283 55.94 -6.17 -1.97
N GLN B 284 57.07 -6.56 -1.40
CA GLN B 284 57.08 -7.52 -0.32
C GLN B 284 56.61 -6.91 0.99
N ARG B 285 56.96 -5.63 1.24
CA ARG B 285 56.55 -4.93 2.45
C ARG B 285 55.04 -4.83 2.57
N LEU B 286 54.35 -4.67 1.44
CA LEU B 286 52.90 -4.73 1.44
C LEU B 286 52.41 -6.16 1.65
N SER B 287 53.17 -7.14 1.15
CA SER B 287 52.71 -8.53 1.18
C SER B 287 52.69 -9.11 2.59
N ASN B 288 53.72 -8.80 3.42
CA ASN B 288 53.62 -9.28 4.79
C ASN B 288 52.71 -8.40 5.63
N ARG B 289 52.42 -7.18 5.17
CA ARG B 289 51.57 -6.29 5.94
C ARG B 289 50.12 -6.79 5.97
N ILE B 290 49.67 -7.35 4.84
CA ILE B 290 48.32 -7.90 4.75
C ILE B 290 48.20 -9.15 5.62
N LEU B 291 49.32 -9.81 5.91
CA LEU B 291 49.32 -10.88 6.90
C LEU B 291 49.01 -10.36 8.29
N TRP B 292 49.76 -9.38 8.77
CA TRP B 292 49.64 -8.95 10.17
C TRP B 292 48.30 -8.26 10.44
N ILE B 293 47.70 -7.66 9.41
CA ILE B 293 46.36 -7.11 9.55
C ILE B 293 45.32 -8.20 9.30
N GLY B 294 45.62 -9.14 8.41
CA GLY B 294 44.71 -10.26 8.18
C GLY B 294 44.68 -11.26 9.33
N ILE B 295 45.80 -11.46 10.01
CA ILE B 295 45.80 -12.25 11.25
C ILE B 295 45.03 -11.51 12.34
N ALA B 296 45.07 -10.17 12.32
CA ALA B 296 44.30 -9.40 13.29
C ALA B 296 42.80 -9.54 13.04
N ASN B 297 42.39 -9.69 11.78
CA ASN B 297 40.99 -9.94 11.49
C ASN B 297 40.59 -11.35 11.88
N PHE B 298 41.55 -12.28 11.90
CA PHE B 298 41.24 -13.66 12.24
C PHE B 298 41.16 -13.85 13.74
N LEU B 299 41.97 -13.11 14.50
CA LEU B 299 41.90 -13.20 15.96
C LEU B 299 40.70 -12.45 16.51
N LEU B 300 40.32 -11.34 15.85
CA LEU B 300 39.16 -10.59 16.27
C LEU B 300 37.88 -11.04 15.56
N CYS B 301 37.97 -12.06 14.72
CA CYS B 301 36.85 -12.75 14.08
C CYS B 301 35.73 -13.22 15.02
N PRO B 302 35.98 -13.85 16.18
CA PRO B 302 34.83 -14.29 16.99
C PRO B 302 34.06 -13.17 17.65
N LEU B 303 34.69 -12.01 17.86
CA LEU B 303 34.02 -10.95 18.61
C LEU B 303 33.30 -9.98 17.69
N ILE B 304 33.71 -9.91 16.42
CA ILE B 304 32.91 -9.19 15.45
C ILE B 304 31.74 -10.07 14.99
N LEU B 305 31.89 -11.39 15.06
CA LEU B 305 30.81 -12.29 14.67
C LEU B 305 29.68 -12.24 15.69
N ILE B 306 30.01 -12.08 16.97
CA ILE B 306 29.00 -11.95 18.02
C ILE B 306 28.22 -10.66 17.84
N TRP B 307 28.89 -9.58 17.44
CA TRP B 307 28.23 -8.30 17.22
C TRP B 307 27.28 -8.30 16.04
N GLN B 308 27.60 -9.00 14.94
CA GLN B 308 26.74 -8.92 13.76
C GLN B 308 25.47 -9.75 13.94
N ILE B 309 25.55 -10.83 14.73
CA ILE B 309 24.38 -11.65 15.00
C ILE B 309 23.43 -10.94 15.95
N LEU B 310 24.00 -10.28 16.97
CA LEU B 310 23.22 -9.51 17.93
C LEU B 310 22.53 -8.32 17.28
N TYR B 311 23.21 -7.67 16.34
CA TYR B 311 22.64 -6.46 15.74
C TYR B 311 21.56 -6.82 14.73
N ALA B 312 21.67 -7.99 14.10
CA ALA B 312 20.67 -8.37 13.11
C ALA B 312 19.39 -8.86 13.78
N PHE B 313 19.51 -9.45 14.97
CA PHE B 313 18.32 -9.87 15.70
C PHE B 313 17.59 -8.69 16.31
N PHE B 314 18.31 -7.63 16.65
CA PHE B 314 17.68 -6.49 17.32
C PHE B 314 17.12 -5.50 16.32
N SER B 315 17.36 -5.71 15.03
CA SER B 315 16.90 -4.70 14.09
C SER B 315 16.16 -5.30 12.89
N TYR B 316 16.03 -6.62 12.84
CA TYR B 316 15.33 -7.24 11.72
C TYR B 316 14.38 -8.38 12.12
N ALA B 317 14.41 -8.83 13.37
CA ALA B 317 13.66 -10.03 13.72
C ALA B 317 12.19 -9.73 13.98
N GLU B 318 11.86 -8.46 14.26
CA GLU B 318 10.45 -8.12 14.42
C GLU B 318 9.85 -7.74 13.08
N VAL B 319 10.69 -7.35 12.12
CA VAL B 319 10.22 -7.02 10.77
C VAL B 319 9.86 -8.31 10.03
N LEU B 320 10.42 -9.45 10.46
CA LEU B 320 10.03 -10.73 9.91
C LEU B 320 8.59 -11.08 10.20
N LYS B 321 8.11 -10.78 11.41
CA LYS B 321 6.74 -11.14 11.76
C LYS B 321 5.73 -10.24 11.07
N ARG B 322 5.94 -8.92 11.11
CA ARG B 322 5.05 -8.00 10.41
C ARG B 322 5.11 -8.13 8.90
N GLU B 323 6.27 -7.80 8.32
CA GLU B 323 6.35 -7.56 6.89
C GLU B 323 7.61 -8.21 6.33
N PRO B 324 7.57 -9.47 5.92
CA PRO B 324 8.73 -10.09 5.28
C PRO B 324 8.89 -9.73 3.81
N GLY B 325 7.99 -8.92 3.26
CA GLY B 325 8.25 -8.34 1.94
C GLY B 325 9.19 -7.17 2.02
N ALA B 326 9.47 -6.69 3.24
CA ALA B 326 10.49 -5.67 3.42
C ALA B 326 11.88 -6.23 3.14
N LEU B 327 12.15 -7.43 3.64
CA LEU B 327 13.44 -8.07 3.42
C LEU B 327 13.53 -8.75 2.06
N GLY B 328 12.42 -8.82 1.32
CA GLY B 328 12.43 -9.20 -0.07
C GLY B 328 12.56 -8.03 -1.01
N ALA B 329 12.61 -6.81 -0.49
CA ALA B 329 12.92 -5.64 -1.31
C ALA B 329 14.41 -5.60 -1.59
N ARG B 330 14.79 -4.84 -2.59
CA ARG B 330 16.19 -4.82 -2.98
C ARG B 330 16.84 -3.51 -2.59
N CYS B 331 18.17 -3.54 -2.56
CA CYS B 331 18.97 -2.37 -2.22
C CYS B 331 20.23 -2.39 -3.06
N TRP B 332 20.71 -1.22 -3.44
CA TRP B 332 21.94 -1.07 -4.20
C TRP B 332 23.12 -1.54 -3.36
N SER B 333 23.80 -2.59 -3.81
CA SER B 333 24.87 -3.20 -3.06
C SER B 333 26.10 -2.31 -3.04
N LEU B 334 27.03 -2.62 -2.13
CA LEU B 334 28.24 -1.81 -2.01
C LEU B 334 29.17 -2.02 -3.19
N TYR B 335 29.09 -3.19 -3.84
CA TYR B 335 29.79 -3.33 -5.11
C TYR B 335 29.17 -2.44 -6.19
N GLY B 336 27.86 -2.27 -6.16
CA GLY B 336 27.21 -1.39 -7.10
C GLY B 336 27.45 0.08 -6.82
N ARG B 337 27.62 0.45 -5.55
CA ARG B 337 27.89 1.83 -5.21
C ARG B 337 29.30 2.25 -5.63
N CYS B 338 30.22 1.29 -5.75
CA CYS B 338 31.55 1.59 -6.24
C CYS B 338 31.66 1.35 -7.74
N TYR B 339 30.68 0.69 -8.33
CA TYR B 339 30.70 0.49 -9.78
C TYR B 339 29.99 1.61 -10.52
N LEU B 340 28.96 2.22 -9.94
CA LEU B 340 28.23 3.28 -10.62
C LEU B 340 28.75 4.66 -10.26
N ARG B 341 29.72 4.73 -9.35
CA ARG B 341 30.29 5.98 -8.89
C ARG B 341 31.15 6.62 -9.97
N HIS B 342 31.09 7.95 -10.05
CA HIS B 342 31.94 8.69 -10.98
C HIS B 342 33.24 9.11 -10.32
N PHE B 343 34.04 9.89 -11.04
CA PHE B 343 35.24 10.50 -10.49
C PHE B 343 34.89 11.90 -9.99
N ASN B 344 35.31 12.18 -8.75
CA ASN B 344 35.03 13.40 -7.98
C ASN B 344 33.54 13.62 -7.83
N GLU B 345 32.82 12.62 -7.35
CA GLU B 345 31.38 12.76 -7.24
C GLU B 345 31.00 12.46 -5.80
N LEU B 346 30.36 13.42 -5.16
CA LEU B 346 30.16 13.40 -3.73
C LEU B 346 29.14 12.34 -3.33
N GLU B 347 29.09 12.06 -2.03
CA GLU B 347 28.27 10.97 -1.53
C GLU B 347 26.78 11.25 -1.64
N HIS B 348 26.37 12.52 -1.64
CA HIS B 348 24.96 12.85 -1.84
C HIS B 348 24.60 12.93 -3.31
N GLU B 349 25.57 13.08 -4.20
CA GLU B 349 25.33 13.06 -5.63
C GLU B 349 25.21 11.66 -6.20
N LEU B 350 25.85 10.68 -5.56
CA LEU B 350 25.62 9.29 -5.93
C LEU B 350 24.23 8.84 -5.55
N GLN B 351 23.77 9.26 -4.38
CA GLN B 351 22.47 8.84 -3.87
C GLN B 351 21.33 9.49 -4.64
N SER B 352 21.55 10.64 -5.26
CA SER B 352 20.49 11.31 -6.01
C SER B 352 20.16 10.59 -7.30
N ARG B 353 21.09 9.79 -7.83
CA ARG B 353 20.75 8.95 -8.97
C ARG B 353 20.32 7.57 -8.51
N LEU B 354 20.83 7.11 -7.39
CA LEU B 354 20.44 5.80 -6.88
C LEU B 354 19.10 5.81 -6.18
N ASN B 355 18.47 6.97 -5.95
CA ASN B 355 17.08 7.00 -5.55
C ASN B 355 16.15 7.15 -6.76
N ARG B 356 16.62 7.82 -7.80
CA ARG B 356 15.82 7.96 -9.01
C ARG B 356 15.82 6.69 -9.83
N GLY B 357 16.86 5.87 -9.72
CA GLY B 357 16.91 4.63 -10.43
C GLY B 357 16.45 3.45 -9.59
N TYR B 358 16.01 3.71 -8.37
CA TYR B 358 15.49 2.67 -7.51
C TYR B 358 14.12 2.18 -7.96
N LYS B 359 13.28 3.07 -8.43
CA LYS B 359 11.90 2.76 -8.75
C LYS B 359 11.77 1.92 -10.02
N PRO B 360 12.49 2.20 -11.16
CA PRO B 360 12.44 1.24 -12.26
C PRO B 360 13.15 -0.08 -11.97
N ALA B 361 14.28 -0.04 -11.27
CA ALA B 361 15.09 -1.24 -11.11
C ALA B 361 14.46 -2.22 -10.14
N SER B 362 13.56 -1.75 -9.29
CA SER B 362 12.94 -2.68 -8.35
C SER B 362 11.77 -3.40 -9.01
N LYS B 363 11.27 -2.87 -10.13
CA LYS B 363 10.23 -3.56 -10.87
C LYS B 363 10.77 -4.26 -12.10
N TYR B 364 12.04 -3.99 -12.46
CA TYR B 364 12.71 -4.82 -13.44
C TYR B 364 13.02 -6.20 -12.87
N MET B 365 13.30 -6.26 -11.58
CA MET B 365 13.63 -7.54 -10.96
C MET B 365 12.39 -8.35 -10.64
N ASN B 366 11.24 -7.68 -10.52
CA ASN B 366 10.01 -8.39 -10.20
C ASN B 366 9.43 -9.09 -11.41
N CYS B 367 9.83 -8.71 -12.62
CA CYS B 367 9.33 -9.36 -13.82
C CYS B 367 10.34 -10.35 -14.39
N PHE B 368 11.12 -10.97 -13.50
CA PHE B 368 12.03 -12.07 -13.82
C PHE B 368 11.99 -13.16 -12.78
N LEU B 369 10.88 -13.25 -12.02
CA LEU B 369 10.83 -14.19 -10.91
C LEU B 369 10.75 -15.62 -11.42
N SER B 370 11.32 -16.52 -10.64
CA SER B 370 11.58 -17.89 -11.08
C SER B 370 10.26 -18.65 -11.19
N PRO B 371 10.04 -19.39 -12.28
CA PRO B 371 8.80 -20.16 -12.41
C PRO B 371 8.68 -21.25 -11.39
N LEU B 372 9.82 -21.85 -11.00
CA LEU B 372 9.84 -22.86 -9.96
C LEU B 372 9.62 -22.27 -8.58
N LEU B 373 9.97 -21.01 -8.36
CA LEU B 373 9.74 -20.36 -7.08
C LEU B 373 8.30 -19.90 -6.90
N THR B 374 7.70 -19.31 -7.94
CA THR B 374 6.30 -18.90 -7.92
C THR B 374 5.37 -20.10 -7.74
N LEU B 375 5.73 -21.22 -8.36
CA LEU B 375 4.91 -22.42 -8.30
C LEU B 375 4.95 -23.05 -6.91
N LEU B 376 6.10 -22.99 -6.23
CA LEU B 376 6.19 -23.46 -4.86
C LEU B 376 5.56 -22.47 -3.89
N ALA B 377 5.49 -21.19 -4.28
CA ALA B 377 4.90 -20.17 -3.42
C ALA B 377 3.39 -20.24 -3.42
N LYS B 378 2.78 -20.48 -4.60
CA LYS B 378 1.33 -20.55 -4.70
C LYS B 378 0.78 -21.79 -4.02
N ASN B 379 1.44 -22.92 -4.22
CA ASN B 379 0.96 -24.17 -3.64
C ASN B 379 1.43 -24.35 -2.20
N GLY B 380 2.41 -23.57 -1.75
CA GLY B 380 2.74 -23.57 -0.34
C GLY B 380 1.82 -22.66 0.45
N ALA B 381 1.32 -21.61 -0.19
CA ALA B 381 0.36 -20.72 0.44
C ALA B 381 -1.04 -21.31 0.47
N PHE B 382 -1.33 -22.26 -0.43
CA PHE B 382 -2.60 -22.99 -0.35
C PHE B 382 -2.61 -23.92 0.85
N PHE B 383 -1.55 -24.70 1.02
CA PHE B 383 -1.53 -25.72 2.08
C PHE B 383 -1.45 -25.10 3.46
N ALA B 384 -0.86 -23.91 3.58
CA ALA B 384 -0.79 -23.24 4.88
C ALA B 384 -2.03 -22.39 5.12
N GLY B 385 -2.60 -21.82 4.06
CA GLY B 385 -3.80 -21.02 4.22
C GLY B 385 -5.04 -21.86 4.47
N SER B 386 -4.97 -23.14 4.14
CA SER B 386 -6.12 -24.02 4.33
C SER B 386 -6.23 -24.48 5.77
N ILE B 387 -5.10 -24.65 6.45
CA ILE B 387 -5.11 -25.02 7.86
C ILE B 387 -5.24 -23.78 8.75
N LEU B 388 -4.85 -22.60 8.24
CA LEU B 388 -5.24 -21.35 8.90
C LEU B 388 -6.75 -21.17 8.90
N ALA B 389 -7.38 -21.28 7.73
CA ALA B 389 -8.80 -21.00 7.59
C ALA B 389 -9.65 -21.99 8.37
N VAL B 390 -9.15 -23.20 8.60
CA VAL B 390 -9.80 -24.09 9.54
C VAL B 390 -9.65 -23.56 10.95
N LEU B 391 -8.42 -23.22 11.36
CA LEU B 391 -8.16 -22.72 12.70
C LEU B 391 -8.73 -21.33 12.95
N ILE B 392 -8.77 -20.45 11.94
CA ILE B 392 -9.42 -19.16 12.08
C ILE B 392 -10.91 -19.33 12.32
N ALA B 393 -11.58 -20.14 11.50
CA ALA B 393 -13.02 -20.33 11.64
C ALA B 393 -13.35 -21.16 12.87
N LEU B 394 -12.38 -21.87 13.42
CA LEU B 394 -12.63 -22.64 14.63
C LEU B 394 -12.41 -21.81 15.88
N THR B 395 -11.63 -20.73 15.80
CA THR B 395 -11.52 -19.76 16.87
C THR B 395 -12.72 -18.83 16.94
N ILE B 396 -13.27 -18.43 15.80
CA ILE B 396 -14.45 -17.56 15.79
C ILE B 396 -15.66 -18.30 16.34
N TYR B 397 -15.71 -19.62 16.13
CA TYR B 397 -16.86 -20.40 16.56
C TYR B 397 -16.93 -20.52 18.08
N ASP B 398 -15.81 -20.78 18.75
CA ASP B 398 -15.86 -21.07 20.17
C ASP B 398 -14.88 -20.28 21.04
N GLU B 399 -13.74 -19.84 20.49
CA GLU B 399 -12.73 -19.02 21.20
C GLU B 399 -12.14 -19.70 22.43
N ASP B 400 -12.26 -21.01 22.51
CA ASP B 400 -11.57 -21.79 23.52
C ASP B 400 -10.71 -22.85 22.87
N VAL B 401 -10.55 -22.80 21.54
CA VAL B 401 -9.50 -23.56 20.89
C VAL B 401 -8.21 -22.75 20.86
N LEU B 402 -8.26 -21.54 21.38
CA LEU B 402 -7.06 -20.91 21.90
C LEU B 402 -6.91 -21.44 23.31
N ALA B 403 -5.70 -21.41 23.87
CA ALA B 403 -5.28 -22.02 25.14
C ALA B 403 -5.44 -23.54 25.14
N VAL B 404 -5.51 -24.17 23.98
CA VAL B 404 -5.10 -25.56 23.80
C VAL B 404 -3.76 -25.49 23.07
N GLU B 405 -2.92 -26.50 23.31
CA GLU B 405 -1.46 -26.38 23.44
C GLU B 405 -0.73 -25.50 22.42
N HIS B 406 -0.72 -25.89 21.15
CA HIS B 406 0.14 -25.18 20.21
C HIS B 406 -0.63 -24.35 19.19
N VAL B 407 -1.89 -24.03 19.45
CA VAL B 407 -2.72 -23.44 18.41
C VAL B 407 -2.33 -22.00 18.16
N LEU B 408 -1.98 -21.25 19.21
CA LEU B 408 -1.74 -19.82 19.04
C LEU B 408 -0.39 -19.57 18.37
N THR B 409 0.59 -20.46 18.56
CA THR B 409 1.84 -20.33 17.82
C THR B 409 1.72 -20.93 16.44
N THR B 410 0.70 -21.77 16.21
CA THR B 410 0.50 -22.31 14.88
C THR B 410 -0.12 -21.27 13.97
N VAL B 411 -1.06 -20.49 14.49
CA VAL B 411 -1.64 -19.37 13.75
C VAL B 411 -0.57 -18.30 13.49
N THR B 412 0.35 -18.13 14.44
CA THR B 412 1.43 -17.16 14.30
C THR B 412 2.42 -17.58 13.22
N LEU B 413 2.80 -18.85 13.21
CA LEU B 413 3.81 -19.31 12.26
C LEU B 413 3.20 -19.60 10.89
N LEU B 414 1.95 -20.06 10.82
CA LEU B 414 1.32 -20.22 9.52
C LEU B 414 0.90 -18.88 8.94
N GLY B 415 0.62 -17.91 9.81
CA GLY B 415 0.29 -16.58 9.32
C GLY B 415 1.47 -15.88 8.70
N VAL B 416 2.68 -16.16 9.19
CA VAL B 416 3.86 -15.57 8.59
C VAL B 416 4.36 -16.43 7.43
N THR B 417 4.00 -17.72 7.42
CA THR B 417 4.29 -18.56 6.26
C THR B 417 3.49 -18.12 5.04
N VAL B 418 2.20 -17.84 5.24
CA VAL B 418 1.36 -17.28 4.18
C VAL B 418 1.82 -15.90 3.78
N THR B 419 2.32 -15.12 4.74
CA THR B 419 2.75 -13.75 4.44
C THR B 419 4.05 -13.74 3.65
N VAL B 420 4.95 -14.69 3.91
CA VAL B 420 6.17 -14.84 3.12
C VAL B 420 5.84 -15.25 1.69
N CYS B 421 4.90 -16.19 1.54
CA CYS B 421 4.61 -16.76 0.23
C CYS B 421 3.84 -15.78 -0.65
N ARG B 422 2.96 -14.96 -0.06
CA ARG B 422 2.33 -13.88 -0.81
C ARG B 422 3.33 -12.85 -1.31
N SER B 423 4.50 -12.72 -0.68
CA SER B 423 5.51 -11.83 -1.22
C SER B 423 6.19 -12.44 -2.44
N PHE B 424 6.38 -13.76 -2.43
CA PHE B 424 7.07 -14.44 -3.53
C PHE B 424 6.19 -14.50 -4.76
N ILE B 425 4.88 -14.62 -4.56
CA ILE B 425 3.93 -14.60 -5.67
C ILE B 425 3.91 -13.20 -6.26
N PRO B 426 4.17 -13.03 -7.55
CA PRO B 426 4.14 -11.69 -8.15
C PRO B 426 2.70 -11.22 -8.33
N ASP B 427 2.56 -10.04 -8.93
CA ASP B 427 1.24 -9.54 -9.26
C ASP B 427 0.65 -10.38 -10.38
N GLN B 428 -0.59 -10.81 -10.18
CA GLN B 428 -1.31 -11.57 -11.21
C GLN B 428 -1.50 -10.77 -12.47
N HIS B 429 -1.73 -9.47 -12.35
CA HIS B 429 -2.02 -8.59 -13.46
C HIS B 429 -0.85 -7.69 -13.74
N MET B 430 0.35 -8.19 -13.46
CA MET B 430 1.58 -7.45 -13.69
C MET B 430 1.77 -7.28 -15.18
N VAL B 431 1.74 -6.04 -15.63
CA VAL B 431 2.19 -5.71 -16.98
C VAL B 431 3.62 -6.19 -17.10
N PHE B 432 3.89 -6.99 -18.12
CA PHE B 432 5.20 -7.61 -18.21
C PHE B 432 6.27 -6.67 -18.74
N CYS B 433 5.95 -5.35 -18.88
CA CYS B 433 6.87 -4.22 -18.82
C CYS B 433 8.03 -4.38 -19.77
N PRO B 434 7.86 -4.11 -21.07
CA PRO B 434 8.82 -4.49 -22.11
C PRO B 434 10.25 -4.09 -21.80
N GLU B 435 11.11 -5.12 -21.75
CA GLU B 435 12.18 -5.18 -20.76
C GLU B 435 13.29 -4.17 -21.00
N GLN B 436 13.13 -3.32 -22.00
CA GLN B 436 13.90 -2.09 -22.12
C GLN B 436 13.14 -0.97 -21.43
N LEU B 437 12.82 -1.19 -20.15
CA LEU B 437 12.93 -0.15 -19.13
C LEU B 437 14.35 -0.10 -18.59
N LEU B 438 15.21 -1.00 -19.04
CA LEU B 438 16.65 -0.90 -18.85
C LEU B 438 17.24 0.34 -19.51
N ARG B 439 16.55 0.98 -20.45
CA ARG B 439 16.99 2.27 -20.92
C ARG B 439 16.47 3.41 -20.04
N VAL B 440 15.58 3.10 -19.10
CA VAL B 440 15.20 4.10 -18.09
C VAL B 440 16.18 4.05 -16.93
N ILE B 441 16.66 2.85 -16.58
CA ILE B 441 17.65 2.70 -15.52
C ILE B 441 19.00 3.28 -15.93
N LEU B 442 19.42 3.03 -17.18
CA LEU B 442 20.63 3.62 -17.75
C LEU B 442 20.62 5.15 -17.78
N ALA B 443 19.45 5.78 -17.77
CA ALA B 443 19.41 7.23 -17.66
C ALA B 443 19.79 7.69 -16.25
N HIS B 444 19.49 6.89 -15.23
CA HIS B 444 19.79 7.31 -13.87
C HIS B 444 21.17 6.86 -13.42
N ILE B 445 21.42 5.56 -13.42
CA ILE B 445 22.76 5.05 -13.16
C ILE B 445 23.46 4.89 -14.50
N HIS B 446 24.68 5.37 -14.61
CA HIS B 446 25.18 5.66 -15.96
C HIS B 446 26.07 4.59 -16.55
N TYR B 447 26.05 3.36 -16.04
CA TYR B 447 26.96 2.34 -16.53
C TYR B 447 26.23 1.03 -16.70
N MET B 448 26.26 0.50 -17.93
CA MET B 448 25.73 -0.81 -18.25
C MET B 448 26.89 -1.58 -18.85
N PRO B 449 26.98 -2.88 -18.58
CA PRO B 449 28.11 -3.67 -19.08
C PRO B 449 28.08 -4.02 -20.56
N ASP B 450 27.27 -3.34 -21.38
CA ASP B 450 27.28 -3.32 -22.85
C ASP B 450 26.75 -4.60 -23.49
N HIS B 451 26.62 -5.67 -22.72
CA HIS B 451 25.95 -6.86 -23.22
C HIS B 451 24.43 -6.70 -23.14
N TRP B 452 23.96 -5.62 -22.53
CA TRP B 452 22.59 -5.56 -22.07
C TRP B 452 21.72 -4.69 -22.98
N GLN B 453 22.28 -4.22 -24.10
CA GLN B 453 21.56 -3.24 -24.93
C GLN B 453 20.40 -3.88 -25.68
N GLY B 454 20.54 -5.15 -26.06
CA GLY B 454 19.46 -5.81 -26.75
C GLY B 454 19.07 -7.15 -26.14
N ASN B 455 19.73 -7.52 -25.06
CA ASN B 455 19.61 -8.86 -24.48
C ASN B 455 18.99 -8.72 -23.10
N ALA B 456 18.01 -7.83 -23.00
CA ALA B 456 17.50 -7.40 -21.70
C ALA B 456 16.61 -8.43 -21.01
N HIS B 457 16.34 -9.56 -21.65
CA HIS B 457 15.38 -10.50 -21.10
C HIS B 457 15.98 -11.86 -20.76
N ARG B 458 17.30 -12.01 -20.86
CA ARG B 458 17.94 -13.30 -20.61
C ARG B 458 18.24 -13.47 -19.13
N SER B 459 19.08 -14.46 -18.82
CA SER B 459 19.59 -14.66 -17.47
C SER B 459 21.03 -14.20 -17.30
N GLN B 460 21.67 -13.77 -18.40
CA GLN B 460 22.97 -13.09 -18.33
C GLN B 460 22.77 -11.58 -18.39
N THR B 461 21.59 -11.12 -17.97
CA THR B 461 21.31 -9.71 -17.82
C THR B 461 20.54 -9.55 -16.52
N ARG B 462 19.96 -10.64 -16.03
CA ARG B 462 19.27 -10.65 -14.76
C ARG B 462 20.20 -11.01 -13.60
N ASP B 463 21.13 -11.94 -13.82
CA ASP B 463 22.03 -12.36 -12.76
C ASP B 463 23.21 -11.43 -12.58
N GLU B 464 23.58 -10.68 -13.61
CA GLU B 464 24.64 -9.70 -13.46
C GLU B 464 24.10 -8.40 -12.88
N PHE B 465 22.80 -8.15 -13.05
CA PHE B 465 22.20 -6.94 -12.47
C PHE B 465 21.90 -7.12 -10.99
N ALA B 466 21.70 -8.36 -10.53
CA ALA B 466 21.52 -8.60 -9.11
C ALA B 466 22.83 -8.58 -8.33
N GLN B 467 23.96 -8.46 -9.02
CA GLN B 467 25.21 -8.19 -8.34
C GLN B 467 25.31 -6.71 -7.97
N LEU B 468 24.67 -5.85 -8.76
CA LEU B 468 24.60 -4.43 -8.48
C LEU B 468 23.44 -4.06 -7.57
N PHE B 469 22.35 -4.81 -7.61
CA PHE B 469 21.09 -4.40 -7.03
C PHE B 469 20.51 -5.58 -6.25
N GLN B 470 21.31 -6.11 -5.32
CA GLN B 470 20.98 -7.34 -4.59
C GLN B 470 19.76 -7.22 -3.70
N TYR B 471 19.29 -8.35 -3.16
CA TYR B 471 18.22 -8.39 -2.18
C TYR B 471 18.62 -7.62 -0.92
N LYS B 472 17.64 -7.36 -0.06
CA LYS B 472 17.99 -6.91 1.26
C LYS B 472 18.46 -8.04 2.13
N ALA B 473 17.83 -9.21 2.08
CA ALA B 473 18.22 -10.33 2.93
C ALA B 473 19.56 -10.95 2.54
N VAL B 474 20.01 -10.77 1.30
CA VAL B 474 21.37 -11.18 0.93
C VAL B 474 22.38 -10.21 1.54
N PHE B 475 22.02 -8.93 1.62
CA PHE B 475 22.85 -7.94 2.31
C PHE B 475 22.95 -8.24 3.80
N ILE B 476 21.88 -8.77 4.40
CA ILE B 476 21.94 -9.22 5.79
C ILE B 476 22.88 -10.41 5.90
N LEU B 477 22.82 -11.31 4.91
CA LEU B 477 23.59 -12.54 4.95
C LEU B 477 25.07 -12.26 4.76
N GLU B 478 25.41 -11.29 3.93
CA GLU B 478 26.81 -10.97 3.68
C GLU B 478 27.45 -10.14 4.78
N GLU B 479 26.67 -9.61 5.72
CA GLU B 479 27.24 -8.94 6.88
C GLU B 479 27.51 -9.90 8.03
N LEU B 480 26.74 -10.97 8.14
CA LEU B 480 27.02 -11.98 9.16
C LEU B 480 28.19 -12.87 8.75
N LEU B 481 28.33 -13.13 7.45
CA LEU B 481 29.46 -13.90 6.96
C LEU B 481 30.74 -13.07 6.91
N SER B 482 30.60 -11.75 6.94
CA SER B 482 31.74 -10.84 6.79
C SER B 482 32.87 -10.99 7.81
N PRO B 483 32.65 -11.25 9.11
CA PRO B 483 33.81 -11.56 9.96
C PRO B 483 34.49 -12.88 9.62
N ILE B 484 33.78 -13.82 8.99
CA ILE B 484 34.36 -15.12 8.66
C ILE B 484 35.19 -15.03 7.39
N VAL B 485 34.67 -14.33 6.38
CA VAL B 485 35.26 -14.38 5.05
C VAL B 485 36.43 -13.41 4.91
N THR B 486 36.36 -12.23 5.55
CA THR B 486 37.34 -11.16 5.40
C THR B 486 38.79 -11.52 5.75
N PRO B 487 39.11 -12.23 6.86
CA PRO B 487 40.53 -12.58 7.05
C PRO B 487 41.03 -13.63 6.07
N LEU B 488 40.12 -14.43 5.51
CA LEU B 488 40.52 -15.46 4.55
C LEU B 488 40.91 -14.83 3.22
N ILE B 489 40.22 -13.77 2.81
CA ILE B 489 40.46 -13.28 1.46
C ILE B 489 41.48 -12.15 1.47
N LEU B 490 41.88 -11.66 2.64
CA LEU B 490 43.06 -10.80 2.68
C LEU B 490 44.33 -11.62 2.61
N ILE B 491 44.40 -12.73 3.34
CA ILE B 491 45.60 -13.53 3.38
C ILE B 491 45.78 -14.31 2.08
N PHE B 492 44.73 -15.00 1.64
CA PHE B 492 44.88 -15.96 0.56
C PHE B 492 44.56 -15.35 -0.80
N CYS B 493 43.83 -14.24 -0.83
CA CYS B 493 43.38 -13.73 -2.12
C CYS B 493 43.98 -12.36 -2.43
N LEU B 494 44.31 -11.56 -1.42
CA LEU B 494 44.79 -10.21 -1.69
C LEU B 494 46.30 -10.15 -1.86
N ARG B 495 47.05 -10.92 -1.05
CA ARG B 495 48.50 -11.03 -1.15
C ARG B 495 49.06 -11.46 -2.51
N PRO B 496 48.41 -12.33 -3.32
CA PRO B 496 48.92 -12.53 -4.68
C PRO B 496 48.78 -11.33 -5.60
N ARG B 497 47.92 -10.36 -5.27
CA ARG B 497 47.74 -9.17 -6.10
C ARG B 497 48.54 -7.98 -5.60
N ALA B 498 49.51 -8.20 -4.72
CA ALA B 498 50.23 -7.08 -4.12
C ALA B 498 51.19 -6.43 -5.10
N LEU B 499 51.71 -7.19 -6.07
CA LEU B 499 52.66 -6.62 -7.02
C LEU B 499 51.94 -5.72 -8.03
N GLU B 500 50.65 -5.97 -8.27
CA GLU B 500 49.90 -5.13 -9.18
C GLU B 500 49.31 -3.92 -8.45
N ILE B 501 49.19 -4.01 -7.13
CA ILE B 501 48.78 -2.84 -6.34
C ILE B 501 49.91 -1.83 -6.25
N ILE B 502 51.13 -2.31 -5.97
CA ILE B 502 52.31 -1.46 -5.90
C ILE B 502 52.62 -0.81 -7.25
N ASP B 503 52.42 -1.54 -8.35
CA ASP B 503 52.61 -0.95 -9.66
C ASP B 503 51.49 -0.01 -10.07
N PHE B 504 50.30 -0.16 -9.46
CA PHE B 504 49.20 0.75 -9.75
C PHE B 504 49.48 2.14 -9.21
N PHE B 505 50.00 2.22 -7.98
CA PHE B 505 50.29 3.51 -7.37
C PHE B 505 51.56 4.14 -7.91
N ARG B 506 52.35 3.38 -8.67
CA ARG B 506 53.47 4.01 -9.38
C ARG B 506 52.99 4.68 -10.65
N ASN B 507 52.18 3.97 -11.45
CA ASN B 507 51.81 4.46 -12.77
C ASN B 507 50.63 5.42 -12.76
N PHE B 508 49.66 5.24 -11.86
CA PHE B 508 48.49 6.11 -11.84
C PHE B 508 48.46 6.85 -10.50
N THR B 509 49.28 7.90 -10.40
CA THR B 509 49.26 8.86 -9.30
C THR B 509 49.81 10.17 -9.87
N VAL B 510 48.93 11.14 -10.08
CA VAL B 510 49.32 12.41 -10.67
C VAL B 510 49.30 13.49 -9.60
N GLU B 511 50.41 14.21 -9.47
CA GLU B 511 50.53 15.32 -8.54
C GLU B 511 50.00 16.58 -9.20
N VAL B 512 48.91 17.13 -8.64
CA VAL B 512 48.37 18.42 -9.06
C VAL B 512 48.85 19.45 -8.03
N VAL B 513 49.11 20.67 -8.50
CA VAL B 513 49.99 21.59 -7.76
C VAL B 513 49.27 22.19 -6.55
N GLY B 514 47.94 22.19 -6.57
CA GLY B 514 47.22 22.76 -5.43
C GLY B 514 46.88 21.72 -4.38
N VAL B 515 46.40 20.55 -4.81
CA VAL B 515 45.84 19.56 -3.90
C VAL B 515 46.88 18.55 -3.43
N GLY B 516 47.77 18.11 -4.30
CA GLY B 516 48.73 17.09 -3.93
C GLY B 516 48.66 15.86 -4.81
N ASP B 517 48.76 14.68 -4.21
CA ASP B 517 48.84 13.43 -4.94
C ASP B 517 47.45 12.82 -5.10
N THR B 518 46.90 12.92 -6.30
CA THR B 518 45.57 12.42 -6.59
C THR B 518 45.68 11.18 -7.47
N CYS B 519 44.55 10.50 -7.66
CA CYS B 519 44.48 9.43 -8.64
C CYS B 519 44.55 10.00 -10.04
N SER B 520 45.14 9.23 -10.96
CA SER B 520 45.32 9.72 -12.33
C SER B 520 44.02 9.73 -13.10
N PHE B 521 43.12 8.80 -12.77
CA PHE B 521 41.86 8.68 -13.51
C PHE B 521 40.89 9.80 -13.18
N ALA B 522 40.89 10.28 -11.93
CA ALA B 522 39.96 11.30 -11.49
C ALA B 522 40.27 12.67 -12.08
N PRO C 36 12.51 -35.06 -33.34
CA PRO C 36 11.36 -35.93 -33.58
C PRO C 36 10.97 -36.06 -35.05
N TRP C 37 10.13 -37.07 -35.30
CA TRP C 37 10.30 -37.89 -36.47
C TRP C 37 9.32 -37.58 -37.58
N HIS C 38 9.32 -38.46 -38.57
CA HIS C 38 8.76 -38.22 -39.89
C HIS C 38 7.25 -38.39 -39.84
N HIS C 39 6.51 -37.35 -40.26
CA HIS C 39 5.08 -37.38 -40.55
C HIS C 39 4.22 -37.82 -39.36
N ILE C 40 4.12 -36.99 -38.33
CA ILE C 40 3.42 -37.32 -37.08
C ILE C 40 1.92 -37.37 -37.37
N GLU C 41 1.19 -38.09 -36.51
CA GLU C 41 -0.17 -38.50 -36.81
C GLU C 41 -1.18 -37.41 -36.49
N ASN C 42 -0.83 -36.48 -35.61
CA ASN C 42 -1.82 -35.53 -35.09
C ASN C 42 -1.13 -34.19 -34.88
N LEU C 43 -1.28 -33.28 -35.85
CA LEU C 43 -0.61 -31.99 -35.76
C LEU C 43 -1.36 -31.00 -34.89
N ASP C 44 -2.51 -31.37 -34.34
CA ASP C 44 -3.22 -30.49 -33.41
C ASP C 44 -2.76 -30.75 -31.98
N LEU C 45 -2.74 -32.01 -31.57
CA LEU C 45 -2.35 -32.33 -30.21
C LEU C 45 -0.85 -32.19 -30.02
N PHE C 46 -0.08 -32.23 -31.11
CA PHE C 46 1.34 -31.98 -31.02
C PHE C 46 1.64 -30.50 -30.77
N PHE C 47 1.11 -29.63 -31.62
CA PHE C 47 1.36 -28.19 -31.50
C PHE C 47 0.71 -27.59 -30.27
N SER C 48 -0.37 -28.20 -29.78
CA SER C 48 -0.98 -27.72 -28.54
C SER C 48 -0.10 -28.04 -27.35
N ARG C 49 0.74 -29.07 -27.45
CA ARG C 49 1.60 -29.45 -26.34
C ARG C 49 2.97 -28.81 -26.46
N VAL C 50 3.38 -28.46 -27.68
CA VAL C 50 4.53 -27.59 -27.83
C VAL C 50 4.28 -26.24 -27.20
N TYR C 51 3.09 -25.67 -27.43
CA TYR C 51 2.69 -24.42 -26.79
C TYR C 51 2.51 -24.55 -25.29
N ASN C 52 1.97 -25.66 -24.82
CA ASN C 52 1.71 -25.80 -23.38
C ASN C 52 3.00 -26.05 -22.62
N LEU C 53 4.02 -26.60 -23.30
CA LEU C 53 5.28 -26.83 -22.62
C LEU C 53 6.04 -25.52 -22.45
N HIS C 54 5.85 -24.60 -23.39
CA HIS C 54 6.47 -23.27 -23.31
C HIS C 54 5.80 -22.39 -22.27
N GLN C 55 4.48 -22.50 -22.09
CA GLN C 55 3.76 -21.65 -21.16
C GLN C 55 3.82 -22.16 -19.73
N LYS C 56 4.07 -23.44 -19.54
CA LYS C 56 4.36 -23.98 -18.23
C LYS C 56 5.83 -23.92 -17.89
N ASN C 57 6.65 -23.25 -18.72
CA ASN C 57 8.03 -22.86 -18.46
C ASN C 57 8.98 -24.04 -18.36
N GLY C 58 8.62 -25.19 -18.94
CA GLY C 58 9.53 -26.29 -19.09
C GLY C 58 8.90 -27.62 -18.74
N PHE C 59 9.70 -28.68 -18.89
CA PHE C 59 9.21 -30.00 -18.55
C PHE C 59 9.15 -30.18 -17.04
N THR C 60 10.25 -29.88 -16.34
CA THR C 60 10.32 -30.16 -14.91
C THR C 60 9.50 -29.16 -14.11
N CYS C 61 9.20 -28.00 -14.68
CA CYS C 61 8.34 -27.05 -13.99
C CYS C 61 6.88 -27.47 -14.13
N MET C 62 6.49 -27.95 -15.30
CA MET C 62 5.16 -28.49 -15.50
C MET C 62 4.96 -29.79 -14.74
N LEU C 63 6.03 -30.60 -14.64
CA LEU C 63 5.94 -31.88 -13.95
C LEU C 63 5.69 -31.68 -12.47
N ILE C 64 6.49 -30.84 -11.81
CA ILE C 64 6.27 -30.57 -10.40
C ILE C 64 5.08 -29.66 -10.20
N GLY C 65 4.63 -28.98 -11.26
CA GLY C 65 3.40 -28.22 -11.22
C GLY C 65 2.19 -29.12 -11.12
N GLU C 66 2.08 -30.08 -12.04
CA GLU C 66 0.91 -30.92 -12.11
C GLU C 66 0.90 -32.02 -11.04
N ILE C 67 2.04 -32.27 -10.38
CA ILE C 67 2.04 -33.07 -9.16
C ILE C 67 1.27 -32.37 -8.06
N PHE C 68 1.36 -31.04 -8.01
CA PHE C 68 0.75 -30.26 -6.93
C PHE C 68 -0.78 -30.31 -6.98
N GLU C 69 -1.38 -30.21 -8.17
CA GLU C 69 -2.83 -30.28 -8.27
C GLU C 69 -3.37 -31.67 -7.99
N LEU C 70 -2.57 -32.71 -8.24
CA LEU C 70 -2.97 -34.03 -7.78
C LEU C 70 -2.82 -34.14 -6.28
N MET C 71 -1.87 -33.42 -5.70
CA MET C 71 -1.74 -33.37 -4.24
C MET C 71 -2.74 -32.40 -3.63
N GLN C 72 -3.06 -31.31 -4.33
CA GLN C 72 -4.07 -30.36 -3.87
C GLN C 72 -5.46 -30.95 -3.87
N PHE C 73 -5.82 -31.78 -4.86
CA PHE C 73 -7.06 -32.54 -4.78
C PHE C 73 -7.02 -33.52 -3.62
N LEU C 74 -5.87 -34.16 -3.41
CA LEU C 74 -5.78 -35.19 -2.38
C LEU C 74 -5.69 -34.58 -0.99
N PHE C 75 -5.19 -33.35 -0.89
CA PHE C 75 -5.18 -32.68 0.41
C PHE C 75 -6.58 -32.26 0.83
N VAL C 76 -7.33 -31.65 -0.09
CA VAL C 76 -8.67 -31.13 0.23
C VAL C 76 -9.63 -32.27 0.57
N VAL C 77 -9.48 -33.41 -0.09
CA VAL C 77 -10.39 -34.53 0.17
C VAL C 77 -10.02 -35.25 1.46
N ALA C 78 -8.72 -35.44 1.72
CA ALA C 78 -8.33 -36.23 2.89
C ALA C 78 -8.37 -35.42 4.17
N PHE C 79 -8.05 -34.13 4.10
CA PHE C 79 -8.05 -33.30 5.30
C PHE C 79 -9.45 -32.95 5.74
N THR C 80 -10.36 -32.75 4.78
CA THR C 80 -11.75 -32.48 5.15
C THR C 80 -12.47 -33.76 5.59
N THR C 81 -11.94 -34.92 5.24
CA THR C 81 -12.53 -36.16 5.74
C THR C 81 -12.07 -36.44 7.16
N PHE C 82 -10.83 -36.05 7.47
CA PHE C 82 -10.31 -36.16 8.83
C PHE C 82 -11.02 -35.21 9.79
N LEU C 83 -11.36 -34.01 9.31
CA LEU C 83 -12.06 -33.03 10.14
C LEU C 83 -13.48 -33.48 10.45
N VAL C 84 -14.14 -34.14 9.50
CA VAL C 84 -15.53 -34.56 9.70
C VAL C 84 -15.61 -35.71 10.69
N SER C 85 -14.74 -36.70 10.57
CA SER C 85 -14.95 -37.97 11.25
C SER C 85 -14.02 -38.24 12.41
N CYS C 86 -12.85 -37.62 12.50
CA CYS C 86 -11.80 -38.13 13.37
C CYS C 86 -11.24 -37.11 14.37
N VAL C 87 -11.80 -35.91 14.43
CA VAL C 87 -11.46 -34.92 15.44
C VAL C 87 -12.61 -34.85 16.43
N ASP C 88 -12.30 -35.03 17.71
CA ASP C 88 -13.32 -35.03 18.76
C ASP C 88 -13.34 -33.61 19.31
N TYR C 89 -14.42 -32.88 19.02
CA TYR C 89 -14.45 -31.45 19.32
C TYR C 89 -14.84 -31.18 20.77
N ASP C 90 -15.42 -32.18 21.46
CA ASP C 90 -15.77 -31.99 22.87
C ASP C 90 -14.54 -31.86 23.74
N ILE C 91 -13.44 -32.49 23.35
CA ILE C 91 -12.17 -32.26 24.02
C ILE C 91 -11.55 -30.94 23.56
N LEU C 92 -11.77 -30.59 22.29
CA LEU C 92 -11.12 -29.40 21.74
C LEU C 92 -11.84 -28.12 22.16
N PHE C 93 -13.16 -28.20 22.37
CA PHE C 93 -13.90 -27.00 22.78
C PHE C 93 -13.97 -26.86 24.29
N ALA C 94 -14.55 -27.85 24.97
CA ALA C 94 -14.86 -27.73 26.37
C ALA C 94 -13.89 -28.47 27.28
N ASN C 95 -13.50 -29.69 26.95
CA ASN C 95 -12.76 -30.55 27.86
C ASN C 95 -11.25 -30.56 27.56
N LYS C 109 -4.26 -28.98 31.44
CA LYS C 109 -3.85 -28.53 30.13
C LYS C 109 -4.05 -29.62 29.08
N VAL C 110 -4.73 -29.28 28.00
CA VAL C 110 -5.02 -30.18 26.89
C VAL C 110 -4.03 -29.88 25.77
N THR C 111 -3.70 -30.90 24.99
CA THR C 111 -2.82 -30.78 23.85
C THR C 111 -3.62 -30.88 22.55
N LEU C 112 -3.03 -30.38 21.47
CA LEU C 112 -3.69 -30.47 20.17
C LEU C 112 -3.77 -31.88 19.59
N PRO C 113 -2.77 -32.78 19.74
CA PRO C 113 -3.03 -34.18 19.40
C PRO C 113 -3.89 -34.96 20.38
N ASP C 114 -4.41 -34.34 21.45
CA ASP C 114 -5.36 -35.03 22.30
C ASP C 114 -6.75 -35.06 21.68
N ALA C 115 -7.06 -34.11 20.81
CA ALA C 115 -8.35 -34.10 20.13
C ALA C 115 -8.44 -35.22 19.11
N PHE C 116 -7.32 -35.53 18.45
CA PHE C 116 -7.30 -36.46 17.33
C PHE C 116 -7.55 -37.89 17.79
N LEU C 117 -8.21 -38.66 16.95
CA LEU C 117 -8.51 -40.03 17.29
C LEU C 117 -7.38 -40.96 16.85
N PRO C 118 -7.18 -42.10 17.52
CA PRO C 118 -6.16 -43.04 17.06
C PRO C 118 -6.53 -43.69 15.74
N ALA C 119 -5.51 -44.19 15.05
CA ALA C 119 -5.67 -44.68 13.67
C ALA C 119 -6.53 -45.92 13.57
N GLN C 120 -6.64 -46.70 14.64
CA GLN C 120 -7.55 -47.85 14.62
C GLN C 120 -9.00 -47.42 14.80
N VAL C 121 -9.22 -46.20 15.28
CA VAL C 121 -10.56 -45.62 15.36
C VAL C 121 -10.78 -44.61 14.24
N CYS C 122 -9.68 -43.98 13.79
CA CYS C 122 -9.72 -43.08 12.63
C CYS C 122 -10.16 -43.81 11.38
N SER C 123 -9.73 -45.06 11.22
CA SER C 123 -10.14 -45.83 10.04
C SER C 123 -11.40 -46.64 10.32
N ALA C 124 -11.92 -46.57 11.54
CA ALA C 124 -13.12 -47.34 11.87
C ALA C 124 -14.38 -46.49 11.77
N ARG C 125 -14.34 -45.26 12.31
CA ARG C 125 -15.53 -44.40 12.33
C ARG C 125 -15.87 -43.88 10.95
N ILE C 126 -14.90 -43.93 10.02
CA ILE C 126 -15.10 -43.49 8.65
C ILE C 126 -15.92 -44.47 7.84
N GLN C 127 -16.13 -45.69 8.32
CA GLN C 127 -16.73 -46.74 7.50
C GLN C 127 -18.21 -46.99 7.83
N GLU C 128 -18.69 -46.61 9.01
CA GLU C 128 -20.14 -46.66 9.23
C GLU C 128 -20.82 -45.33 8.85
N ASN C 129 -20.45 -44.83 7.68
CA ASN C 129 -21.04 -43.63 7.10
C ASN C 129 -21.19 -43.91 5.62
N GLY C 130 -22.35 -44.42 5.22
CA GLY C 130 -22.53 -44.87 3.85
C GLY C 130 -22.56 -43.73 2.85
N SER C 131 -22.85 -42.52 3.33
CA SER C 131 -22.70 -41.34 2.48
C SER C 131 -21.24 -41.02 2.25
N LEU C 132 -20.41 -41.14 3.30
CA LEU C 132 -19.02 -40.68 3.19
C LEU C 132 -18.17 -41.66 2.40
N ILE C 133 -18.44 -42.97 2.52
CA ILE C 133 -17.78 -43.96 1.67
C ILE C 133 -18.16 -43.74 0.21
N THR C 134 -19.43 -43.42 -0.05
CA THR C 134 -19.88 -43.11 -1.41
C THR C 134 -19.23 -41.83 -1.91
N ILE C 135 -18.97 -40.87 -1.03
CA ILE C 135 -18.18 -39.70 -1.41
C ILE C 135 -16.73 -40.10 -1.70
N LEU C 136 -16.13 -40.92 -0.84
CA LEU C 136 -14.72 -41.27 -0.99
C LEU C 136 -14.44 -42.22 -2.15
N VAL C 137 -15.39 -43.08 -2.52
CA VAL C 137 -15.15 -43.97 -3.66
C VAL C 137 -15.20 -43.18 -4.96
N ILE C 138 -16.23 -42.33 -5.13
CA ILE C 138 -16.38 -41.56 -6.37
C ILE C 138 -15.28 -40.51 -6.47
N ALA C 139 -14.82 -39.97 -5.33
CA ALA C 139 -13.65 -39.12 -5.36
C ALA C 139 -12.40 -39.93 -5.64
N GLY C 140 -12.36 -41.18 -5.17
CA GLY C 140 -11.20 -42.01 -5.40
C GLY C 140 -11.09 -42.51 -6.83
N VAL C 141 -12.23 -42.82 -7.45
CA VAL C 141 -12.24 -43.26 -8.84
C VAL C 141 -11.86 -42.12 -9.77
N PHE C 142 -12.38 -40.91 -9.50
CA PHE C 142 -12.01 -39.74 -10.28
C PHE C 142 -10.54 -39.37 -10.09
N TRP C 143 -9.98 -39.66 -8.93
CA TRP C 143 -8.58 -39.30 -8.69
C TRP C 143 -7.64 -40.27 -9.38
N ILE C 144 -7.95 -41.58 -9.35
CA ILE C 144 -7.09 -42.52 -10.04
C ILE C 144 -7.27 -42.41 -11.54
N HIS C 145 -8.41 -41.90 -12.00
CA HIS C 145 -8.56 -41.54 -13.41
C HIS C 145 -7.72 -40.34 -13.76
N ARG C 146 -7.53 -39.42 -12.81
CA ARG C 146 -6.70 -38.25 -13.05
C ARG C 146 -5.23 -38.59 -12.85
N LEU C 147 -4.95 -39.72 -12.20
CA LEU C 147 -3.58 -40.19 -12.02
C LEU C 147 -3.10 -40.96 -13.25
N ILE C 148 -4.00 -41.73 -13.88
CA ILE C 148 -3.64 -42.46 -15.10
C ILE C 148 -3.36 -41.49 -16.24
N LYS C 149 -4.23 -40.48 -16.38
CA LYS C 149 -4.11 -39.45 -17.40
C LYS C 149 -2.85 -38.60 -17.24
N PHE C 150 -2.32 -38.49 -16.04
CA PHE C 150 -1.10 -37.73 -15.80
C PHE C 150 0.15 -38.53 -16.18
N ILE C 151 0.15 -39.84 -15.89
CA ILE C 151 1.25 -40.70 -16.33
C ILE C 151 1.26 -40.80 -17.85
N TYR C 152 0.09 -40.73 -18.47
CA TYR C 152 0.02 -40.69 -19.93
C TYR C 152 0.55 -39.37 -20.49
N ASN C 153 0.49 -38.30 -19.70
CA ASN C 153 1.00 -37.01 -20.18
C ASN C 153 2.51 -36.92 -20.04
N ILE C 154 3.09 -37.60 -19.04
CA ILE C 154 4.54 -37.58 -18.86
C ILE C 154 5.22 -38.27 -20.02
N CYS C 155 4.64 -39.38 -20.49
CA CYS C 155 5.18 -40.09 -21.63
C CYS C 155 5.07 -39.27 -22.91
N CYS C 156 4.05 -38.40 -23.00
CA CYS C 156 3.83 -37.62 -24.20
C CYS C 156 4.53 -36.27 -24.19
N TYR C 157 4.71 -35.65 -23.01
CA TYR C 157 5.44 -34.39 -22.97
C TYR C 157 6.95 -34.62 -22.99
N TRP C 158 7.40 -35.83 -22.61
CA TRP C 158 8.82 -36.15 -22.73
C TRP C 158 9.26 -36.23 -24.17
N GLU C 159 8.38 -36.68 -25.06
CA GLU C 159 8.63 -36.71 -26.49
C GLU C 159 8.70 -35.31 -27.09
N ILE C 160 8.08 -34.33 -26.42
CA ILE C 160 8.15 -32.94 -26.85
C ILE C 160 9.20 -32.17 -26.05
N HIS C 161 9.52 -32.62 -24.84
CA HIS C 161 10.75 -32.21 -24.17
C HIS C 161 11.99 -32.50 -24.99
N SER C 162 12.05 -33.64 -25.68
CA SER C 162 13.15 -33.93 -26.59
C SER C 162 13.00 -33.23 -27.94
N PHE C 163 11.85 -32.61 -28.22
CA PHE C 163 11.70 -31.83 -29.45
C PHE C 163 12.39 -30.48 -29.34
N TYR C 164 12.39 -29.90 -28.14
CA TYR C 164 13.13 -28.66 -27.91
C TYR C 164 14.63 -28.91 -27.93
N LEU C 165 15.06 -30.02 -27.33
CA LEU C 165 16.49 -30.29 -27.21
C LEU C 165 17.08 -30.73 -28.53
N HIS C 166 16.51 -31.75 -29.15
CA HIS C 166 17.15 -32.39 -30.28
C HIS C 166 16.66 -31.89 -31.64
N ALA C 167 15.70 -30.98 -31.69
CA ALA C 167 15.23 -30.52 -32.99
C ALA C 167 15.15 -29.00 -33.05
N LEU C 168 15.05 -28.35 -31.90
CA LEU C 168 14.97 -26.90 -31.89
C LEU C 168 16.18 -26.26 -31.23
N ARG C 169 17.02 -27.09 -30.59
CA ARG C 169 18.23 -26.70 -29.86
C ARG C 169 17.94 -25.67 -28.77
N ILE C 170 16.94 -25.90 -27.94
CA ILE C 170 16.60 -24.99 -26.84
C ILE C 170 16.56 -25.80 -25.55
N PRO C 171 17.44 -25.53 -24.59
CA PRO C 171 17.41 -26.27 -23.33
C PRO C 171 16.26 -25.84 -22.44
N MET C 172 16.08 -26.59 -21.35
CA MET C 172 15.07 -26.24 -20.37
C MET C 172 15.47 -25.07 -19.49
N SER C 173 16.75 -24.69 -19.52
CA SER C 173 17.17 -23.48 -18.82
C SER C 173 16.85 -22.24 -19.63
N ALA C 174 17.03 -22.31 -20.95
CA ALA C 174 16.78 -21.16 -21.80
C ALA C 174 15.31 -21.02 -22.13
N LEU C 175 14.51 -22.03 -21.82
CA LEU C 175 13.10 -22.02 -22.23
C LEU C 175 12.21 -21.03 -21.47
N PRO C 176 12.29 -20.84 -20.14
CA PRO C 176 11.48 -19.76 -19.53
C PRO C 176 11.91 -18.36 -19.93
N TYR C 177 13.07 -18.20 -20.55
CA TYR C 177 13.59 -16.91 -20.92
C TYR C 177 13.53 -16.68 -22.43
N CYS C 178 12.80 -17.54 -23.14
CA CYS C 178 12.42 -17.32 -24.52
C CYS C 178 11.00 -16.80 -24.58
N THR C 179 10.68 -16.09 -25.65
CA THR C 179 9.31 -15.73 -25.96
C THR C 179 8.73 -16.80 -26.87
N TRP C 180 7.42 -16.69 -27.17
CA TRP C 180 6.84 -17.62 -28.12
C TRP C 180 7.33 -17.33 -29.53
N GLN C 181 7.68 -16.09 -29.84
CA GLN C 181 8.26 -15.77 -31.14
C GLN C 181 9.65 -16.39 -31.33
N GLU C 182 10.33 -16.72 -30.23
CA GLU C 182 11.53 -17.55 -30.30
C GLU C 182 11.16 -18.97 -30.71
N VAL C 183 10.24 -19.57 -29.95
CA VAL C 183 9.88 -20.98 -30.03
C VAL C 183 9.17 -21.28 -31.34
N GLN C 184 8.37 -20.31 -31.81
CA GLN C 184 7.64 -20.49 -33.07
C GLN C 184 8.60 -20.48 -34.26
N ALA C 185 9.53 -19.52 -34.28
CA ALA C 185 10.48 -19.40 -35.39
C ALA C 185 11.46 -20.56 -35.46
N ARG C 186 11.69 -21.27 -34.35
CA ARG C 186 12.48 -22.49 -34.39
C ARG C 186 11.75 -23.60 -35.14
N ILE C 187 10.43 -23.69 -34.96
CA ILE C 187 9.63 -24.70 -35.62
C ILE C 187 9.48 -24.42 -37.11
N VAL C 188 9.37 -23.14 -37.50
CA VAL C 188 9.05 -22.79 -38.88
C VAL C 188 10.20 -23.02 -39.86
N GLN C 189 11.42 -22.61 -39.52
CA GLN C 189 12.53 -22.69 -40.48
C GLN C 189 13.35 -23.95 -40.38
N THR C 190 13.09 -24.82 -39.42
CA THR C 190 13.73 -26.13 -39.37
C THR C 190 12.86 -27.23 -39.96
N GLN C 191 11.86 -26.89 -40.78
CA GLN C 191 10.99 -27.85 -41.42
C GLN C 191 11.65 -28.57 -42.59
N LYS C 192 12.85 -28.15 -42.97
CA LYS C 192 13.64 -28.93 -43.91
C LYS C 192 14.22 -30.16 -43.22
N GLU C 193 14.40 -30.07 -41.90
CA GLU C 193 14.93 -31.19 -41.14
C GLU C 193 13.81 -32.19 -40.80
N HIS C 194 12.74 -31.73 -40.17
CA HIS C 194 11.59 -32.56 -39.82
C HIS C 194 10.42 -32.22 -40.73
N GLN C 195 9.73 -33.24 -41.25
CA GLN C 195 8.57 -32.99 -42.10
C GLN C 195 7.42 -32.41 -41.29
N ILE C 196 6.83 -33.23 -40.41
CA ILE C 196 5.86 -32.81 -39.39
C ILE C 196 4.63 -32.08 -39.93
N ARG C 201 3.76 -28.21 -47.25
CA ARG C 201 5.16 -27.85 -47.32
C ARG C 201 5.27 -26.33 -47.32
N GLU C 202 6.12 -25.79 -46.43
CA GLU C 202 6.11 -24.37 -46.06
C GLU C 202 4.72 -23.97 -45.60
N LEU C 203 4.35 -24.44 -44.41
CA LEU C 203 2.97 -24.44 -43.89
C LEU C 203 2.37 -23.03 -43.86
N THR C 204 2.72 -22.24 -42.83
CA THR C 204 2.73 -20.77 -42.70
C THR C 204 3.12 -20.60 -41.23
N GLU C 205 3.39 -19.38 -40.75
CA GLU C 205 3.30 -19.14 -39.31
C GLU C 205 1.85 -19.00 -38.87
N LEU C 206 0.94 -18.87 -39.85
CA LEU C 206 -0.49 -18.79 -39.58
C LEU C 206 -1.10 -20.17 -39.38
N ASP C 207 -0.58 -21.19 -40.07
CA ASP C 207 -1.22 -22.50 -40.02
C ASP C 207 -0.86 -23.26 -38.74
N ILE C 208 0.08 -22.73 -37.95
CA ILE C 208 0.27 -23.25 -36.61
C ILE C 208 -0.76 -22.64 -35.67
N TYR C 209 -1.28 -21.45 -36.01
CA TYR C 209 -2.26 -20.78 -35.16
C TYR C 209 -3.63 -21.46 -35.24
N HIS C 210 -4.00 -21.93 -36.44
CA HIS C 210 -5.29 -22.59 -36.61
C HIS C 210 -5.32 -23.95 -35.95
N ARG C 211 -4.15 -24.55 -35.70
CA ARG C 211 -4.11 -25.89 -35.12
C ARG C 211 -4.10 -25.85 -33.60
N ILE C 212 -3.41 -24.88 -33.02
CA ILE C 212 -3.40 -24.72 -31.56
C ILE C 212 -4.76 -24.25 -31.09
N LEU C 213 -5.40 -23.38 -31.88
CA LEU C 213 -6.62 -22.71 -31.49
C LEU C 213 -7.78 -23.01 -32.42
N ARG C 214 -8.06 -24.28 -32.72
CA ARG C 214 -9.17 -24.53 -33.62
C ARG C 214 -10.51 -24.45 -32.90
N PHE C 215 -10.60 -25.07 -31.73
CA PHE C 215 -11.84 -25.13 -30.99
C PHE C 215 -12.04 -23.95 -30.06
N GLN C 216 -11.09 -23.01 -30.04
CA GLN C 216 -11.28 -21.73 -29.38
C GLN C 216 -11.81 -20.66 -30.32
N ASN C 217 -11.60 -20.79 -31.63
CA ASN C 217 -12.23 -19.87 -32.56
C ASN C 217 -13.70 -20.19 -32.80
N TYR C 218 -14.18 -21.34 -32.34
CA TYR C 218 -15.63 -21.58 -32.37
C TYR C 218 -16.32 -20.92 -31.19
N MET C 219 -15.70 -20.95 -30.01
CA MET C 219 -16.32 -20.36 -28.83
C MET C 219 -16.30 -18.84 -28.89
N VAL C 220 -15.48 -18.26 -29.75
CA VAL C 220 -15.54 -16.82 -29.98
C VAL C 220 -16.78 -16.50 -30.80
N ALA C 221 -17.10 -17.34 -31.79
CA ALA C 221 -18.22 -17.05 -32.68
C ALA C 221 -19.54 -17.50 -32.08
N LEU C 222 -19.52 -18.40 -31.11
CA LEU C 222 -20.78 -18.83 -30.49
C LEU C 222 -21.20 -17.87 -29.38
N VAL C 223 -20.26 -17.08 -28.88
CA VAL C 223 -20.58 -16.09 -27.86
C VAL C 223 -20.95 -14.76 -28.50
N ASN C 224 -20.28 -14.41 -29.61
CA ASN C 224 -20.56 -13.13 -30.25
C ASN C 224 -21.86 -13.17 -31.04
N LYS C 225 -22.37 -14.36 -31.32
CA LYS C 225 -23.65 -14.49 -32.01
C LYS C 225 -24.79 -14.87 -31.08
N SER C 226 -24.50 -15.07 -29.79
CA SER C 226 -25.47 -15.49 -28.76
C SER C 226 -26.20 -16.77 -29.16
N LEU C 227 -25.46 -17.73 -29.71
CA LEU C 227 -25.95 -19.09 -29.89
C LEU C 227 -25.80 -19.92 -28.62
N LEU C 228 -25.11 -19.39 -27.62
CA LEU C 228 -25.04 -19.95 -26.30
C LEU C 228 -25.80 -18.94 -25.44
N PRO C 229 -26.59 -19.42 -24.44
CA PRO C 229 -27.58 -18.55 -23.77
C PRO C 229 -27.02 -17.33 -23.05
N LEU C 230 -26.22 -17.58 -22.01
CA LEU C 230 -25.30 -16.66 -21.35
C LEU C 230 -25.90 -15.46 -20.63
N ARG C 231 -27.20 -15.23 -20.73
CA ARG C 231 -27.82 -14.05 -20.13
C ARG C 231 -29.31 -14.28 -19.85
N PHE C 232 -29.74 -13.91 -18.64
CA PHE C 232 -31.05 -14.28 -18.12
C PHE C 232 -31.59 -13.16 -17.25
N ARG C 233 -32.82 -12.75 -17.53
CA ARG C 233 -33.55 -11.88 -16.61
C ARG C 233 -34.04 -12.69 -15.41
N LEU C 234 -33.68 -12.22 -14.21
CA LEU C 234 -34.27 -12.73 -13.00
C LEU C 234 -34.82 -11.50 -12.29
N PRO C 235 -35.97 -11.60 -11.62
CA PRO C 235 -36.50 -10.44 -10.90
C PRO C 235 -35.67 -10.13 -9.65
N GLY C 236 -35.17 -8.90 -9.59
CA GLY C 236 -34.35 -8.44 -8.50
C GLY C 236 -33.03 -7.80 -8.92
N LEU C 237 -32.36 -8.34 -9.94
CA LEU C 237 -31.10 -7.81 -10.40
C LEU C 237 -31.18 -7.15 -11.77
N GLY C 238 -32.06 -7.64 -12.64
CA GLY C 238 -32.11 -7.16 -14.01
C GLY C 238 -31.72 -8.26 -14.98
N GLU C 239 -30.81 -7.94 -15.90
CA GLU C 239 -30.28 -8.93 -16.82
C GLU C 239 -28.92 -9.39 -16.28
N ALA C 240 -28.88 -10.61 -15.77
CA ALA C 240 -27.67 -11.21 -15.25
C ALA C 240 -26.95 -11.94 -16.38
N VAL C 241 -25.63 -12.05 -16.27
CA VAL C 241 -24.82 -12.77 -17.23
C VAL C 241 -24.12 -13.93 -16.53
N PHE C 242 -24.38 -15.12 -17.00
CA PHE C 242 -23.79 -16.37 -16.59
C PHE C 242 -22.54 -16.58 -17.45
N PHE C 243 -22.27 -17.84 -17.81
CA PHE C 243 -21.06 -18.38 -18.46
C PHE C 243 -19.88 -18.41 -17.50
N THR C 244 -20.01 -19.27 -16.51
CA THR C 244 -18.95 -19.68 -15.62
C THR C 244 -18.04 -20.71 -16.30
N ARG C 245 -17.11 -21.24 -15.52
CA ARG C 245 -16.01 -22.03 -16.05
C ARG C 245 -16.42 -23.48 -16.30
N GLY C 246 -17.26 -24.04 -15.43
CA GLY C 246 -17.74 -25.40 -15.63
C GLY C 246 -18.83 -25.49 -16.68
N LEU C 247 -19.36 -24.35 -17.12
CA LEU C 247 -20.33 -24.34 -18.21
C LEU C 247 -19.65 -24.39 -19.57
N LYS C 248 -18.53 -23.66 -19.72
CA LYS C 248 -17.76 -23.65 -20.97
C LYS C 248 -17.16 -25.02 -21.25
N TYR C 249 -16.87 -25.78 -20.20
CA TYR C 249 -16.37 -27.14 -20.36
C TYR C 249 -17.41 -28.04 -21.01
N ASN C 250 -18.68 -27.86 -20.65
CA ASN C 250 -19.74 -28.67 -21.21
C ASN C 250 -20.01 -28.33 -22.66
N PHE C 251 -19.88 -27.05 -23.03
CA PHE C 251 -20.19 -26.62 -24.39
C PHE C 251 -19.29 -27.28 -25.43
N GLU C 252 -18.04 -27.55 -25.07
CA GLU C 252 -17.17 -28.31 -25.95
C GLU C 252 -17.33 -29.81 -25.78
N LEU C 253 -17.94 -30.25 -24.69
CA LEU C 253 -18.31 -31.65 -24.54
C LEU C 253 -19.58 -31.99 -25.30
N ILE C 254 -20.47 -31.02 -25.52
CA ILE C 254 -21.57 -31.20 -26.46
C ILE C 254 -21.06 -31.16 -27.91
N LEU C 255 -20.04 -30.36 -28.20
CA LEU C 255 -19.75 -30.03 -29.58
C LEU C 255 -18.45 -30.59 -30.13
N PHE C 256 -17.45 -30.93 -29.30
CA PHE C 256 -16.13 -31.24 -29.85
C PHE C 256 -15.48 -32.50 -29.33
N TRP C 257 -16.02 -33.16 -28.31
CA TRP C 257 -15.35 -34.28 -27.66
C TRP C 257 -16.20 -35.54 -27.77
N GLY C 258 -15.62 -36.60 -28.31
CA GLY C 258 -16.28 -37.87 -28.36
C GLY C 258 -16.50 -38.36 -29.77
N PRO C 259 -16.94 -39.61 -29.93
CA PRO C 259 -17.26 -40.11 -31.25
C PRO C 259 -18.67 -39.72 -31.70
N GLY C 260 -19.56 -39.50 -30.73
CA GLY C 260 -20.95 -39.18 -31.04
C GLY C 260 -21.21 -37.71 -31.26
N SER C 261 -20.17 -36.90 -31.25
CA SER C 261 -20.30 -35.46 -31.40
C SER C 261 -20.21 -35.07 -32.88
N LEU C 262 -19.97 -33.79 -33.12
CA LEU C 262 -19.31 -33.37 -34.35
C LEU C 262 -17.83 -33.71 -34.25
N PHE C 263 -17.11 -33.51 -35.34
CA PHE C 263 -15.65 -33.71 -35.38
C PHE C 263 -15.22 -35.13 -35.03
N LEU C 264 -15.44 -36.06 -35.97
CA LEU C 264 -15.07 -37.48 -35.89
C LEU C 264 -13.63 -37.67 -35.44
N ASN C 265 -12.74 -36.81 -35.92
CA ASN C 265 -11.38 -36.71 -35.41
C ASN C 265 -11.17 -35.29 -34.91
N GLU C 266 -9.98 -34.96 -34.43
CA GLU C 266 -9.80 -33.64 -33.84
C GLU C 266 -9.59 -32.56 -34.90
N TRP C 267 -9.51 -32.92 -36.19
CA TRP C 267 -9.19 -31.94 -37.20
C TRP C 267 -10.18 -31.86 -38.36
N SER C 268 -11.22 -32.68 -38.38
CA SER C 268 -12.23 -32.58 -39.44
C SER C 268 -13.57 -32.97 -38.85
N LEU C 269 -14.65 -32.39 -39.37
CA LEU C 269 -15.97 -32.68 -38.85
C LEU C 269 -16.66 -33.67 -39.76
N LYS C 270 -17.87 -34.07 -39.35
CA LYS C 270 -18.62 -35.08 -40.07
C LYS C 270 -19.05 -34.55 -41.44
N ALA C 271 -19.33 -35.47 -42.35
CA ALA C 271 -19.88 -35.09 -43.65
C ALA C 271 -21.37 -34.80 -43.52
N GLU C 272 -21.96 -35.18 -42.39
CA GLU C 272 -23.39 -35.04 -42.15
C GLU C 272 -23.81 -33.58 -42.13
N TYR C 273 -22.94 -32.70 -41.62
CA TYR C 273 -23.38 -31.35 -41.26
C TYR C 273 -23.22 -30.39 -42.43
N LYS C 274 -22.78 -30.88 -43.59
CA LYS C 274 -22.69 -30.00 -44.74
C LYS C 274 -23.86 -30.17 -45.71
N ARG C 275 -24.62 -31.26 -45.62
CA ARG C 275 -25.77 -31.44 -46.48
C ARG C 275 -26.93 -30.56 -46.00
N GLY C 276 -27.86 -30.28 -46.90
CA GLY C 276 -28.90 -29.30 -46.62
C GLY C 276 -30.29 -29.89 -46.46
N GLY C 277 -31.30 -29.07 -46.74
CA GLY C 277 -32.67 -29.42 -46.38
C GLY C 277 -32.99 -29.09 -44.94
N GLN C 278 -32.05 -28.42 -44.25
CA GLN C 278 -32.07 -27.89 -42.88
C GLN C 278 -31.99 -29.00 -41.81
N ARG C 279 -32.27 -30.25 -42.19
CA ARG C 279 -32.02 -31.49 -41.44
C ARG C 279 -32.40 -31.44 -39.97
N LEU C 280 -33.71 -31.32 -39.71
CA LEU C 280 -34.23 -31.36 -38.35
C LEU C 280 -33.99 -32.74 -37.71
N GLU C 281 -33.89 -33.79 -38.53
CA GLU C 281 -33.45 -35.09 -38.04
C GLU C 281 -32.02 -35.02 -37.52
N LEU C 282 -31.17 -34.22 -38.18
CA LEU C 282 -29.81 -34.05 -37.71
C LEU C 282 -29.74 -33.07 -36.55
N ALA C 283 -30.67 -32.13 -36.49
CA ALA C 283 -30.76 -31.21 -35.37
C ALA C 283 -31.44 -31.85 -34.17
N GLN C 284 -32.18 -32.94 -34.38
CA GLN C 284 -32.76 -33.67 -33.26
C GLN C 284 -31.73 -34.50 -32.51
N ARG C 285 -30.73 -35.05 -33.24
CA ARG C 285 -29.67 -35.84 -32.61
C ARG C 285 -28.87 -35.02 -31.61
N LEU C 286 -28.66 -33.74 -31.91
CA LEU C 286 -28.04 -32.84 -30.94
C LEU C 286 -29.00 -32.54 -29.79
N SER C 287 -30.30 -32.49 -30.09
CA SER C 287 -31.27 -32.07 -29.08
C SER C 287 -31.45 -33.10 -27.97
N ASN C 288 -31.48 -34.41 -28.30
CA ASN C 288 -31.54 -35.38 -27.21
C ASN C 288 -30.17 -35.57 -26.57
N ARG C 289 -29.10 -35.18 -27.26
CA ARG C 289 -27.76 -35.39 -26.69
C ARG C 289 -27.52 -34.47 -25.50
N ILE C 290 -28.04 -33.24 -25.58
CA ILE C 290 -27.92 -32.28 -24.49
C ILE C 290 -28.74 -32.74 -23.29
N LEU C 291 -29.77 -33.57 -23.52
CA LEU C 291 -30.47 -34.21 -22.41
C LEU C 291 -29.56 -35.18 -21.66
N TRP C 292 -28.94 -36.14 -22.36
CA TRP C 292 -28.22 -37.21 -21.69
C TRP C 292 -26.95 -36.69 -21.00
N ILE C 293 -26.39 -35.59 -21.51
CA ILE C 293 -25.27 -34.95 -20.83
C ILE C 293 -25.77 -34.00 -19.76
N GLY C 294 -26.93 -33.36 -20.01
CA GLY C 294 -27.52 -32.49 -19.00
C GLY C 294 -28.10 -33.25 -17.82
N ILE C 295 -28.64 -34.44 -18.05
CA ILE C 295 -29.03 -35.31 -16.93
C ILE C 295 -27.81 -35.80 -16.18
N ALA C 296 -26.68 -35.97 -16.87
CA ALA C 296 -25.44 -36.36 -16.20
C ALA C 296 -24.92 -35.23 -15.30
N ASN C 297 -25.15 -33.97 -15.70
CA ASN C 297 -24.79 -32.86 -14.83
C ASN C 297 -25.73 -32.75 -13.65
N PHE C 298 -26.96 -33.24 -13.80
CA PHE C 298 -27.93 -33.15 -12.71
C PHE C 298 -27.71 -34.26 -11.70
N LEU C 299 -27.28 -35.44 -12.15
CA LEU C 299 -27.01 -36.53 -11.22
C LEU C 299 -25.68 -36.32 -10.50
N LEU C 300 -24.71 -35.70 -11.19
CA LEU C 300 -23.42 -35.41 -10.56
C LEU C 300 -23.39 -34.04 -9.92
N CYS C 301 -24.50 -33.30 -9.96
CA CYS C 301 -24.71 -32.03 -9.26
C CYS C 301 -24.40 -32.03 -7.75
N PRO C 302 -24.78 -33.03 -6.94
CA PRO C 302 -24.46 -32.90 -5.50
C PRO C 302 -22.99 -33.09 -5.18
N LEU C 303 -22.24 -33.77 -6.04
CA LEU C 303 -20.85 -34.09 -5.71
C LEU C 303 -19.89 -33.04 -6.26
N ILE C 304 -20.31 -32.30 -7.29
CA ILE C 304 -19.54 -31.14 -7.69
C ILE C 304 -19.85 -29.97 -6.77
N LEU C 305 -21.04 -29.96 -6.17
CA LEU C 305 -21.40 -28.89 -5.24
C LEU C 305 -20.61 -28.99 -3.95
N ILE C 306 -20.35 -30.22 -3.50
CA ILE C 306 -19.52 -30.45 -2.31
C ILE C 306 -18.10 -29.99 -2.55
N TRP C 307 -17.57 -30.21 -3.74
CA TRP C 307 -16.23 -29.80 -4.09
C TRP C 307 -16.04 -28.29 -4.16
N GLN C 308 -17.03 -27.54 -4.65
CA GLN C 308 -16.85 -26.10 -4.81
C GLN C 308 -16.93 -25.37 -3.48
N ILE C 309 -17.72 -25.90 -2.54
CA ILE C 309 -17.82 -25.30 -1.22
C ILE C 309 -16.56 -25.56 -0.41
N LEU C 310 -16.03 -26.79 -0.51
CA LEU C 310 -14.79 -27.16 0.17
C LEU C 310 -13.60 -26.38 -0.36
N TYR C 311 -13.55 -26.13 -1.66
CA TYR C 311 -12.40 -25.46 -2.23
C TYR C 311 -12.43 -23.96 -1.95
N ALA C 312 -13.63 -23.39 -1.81
CA ALA C 312 -13.73 -21.97 -1.54
C ALA C 312 -13.40 -21.65 -0.09
N PHE C 313 -13.69 -22.58 0.82
CA PHE C 313 -13.35 -22.39 2.23
C PHE C 313 -11.85 -22.57 2.46
N PHE C 314 -11.20 -23.40 1.66
CA PHE C 314 -9.78 -23.68 1.89
C PHE C 314 -8.90 -22.67 1.19
N SER C 315 -9.47 -21.78 0.39
CA SER C 315 -8.61 -20.89 -0.36
C SER C 315 -9.06 -19.43 -0.28
N TYR C 316 -10.14 -19.14 0.43
CA TYR C 316 -10.60 -17.76 0.55
C TYR C 316 -11.05 -17.37 1.95
N ALA C 317 -11.17 -18.31 2.89
CA ALA C 317 -11.78 -17.99 4.17
C ALA C 317 -10.79 -17.33 5.12
N GLU C 318 -9.49 -17.49 4.87
CA GLU C 318 -8.50 -16.81 5.69
C GLU C 318 -8.19 -15.44 5.12
N VAL C 319 -8.47 -15.25 3.83
CA VAL C 319 -8.27 -13.95 3.19
C VAL C 319 -9.37 -12.98 3.64
N LEU C 320 -10.50 -13.53 4.10
CA LEU C 320 -11.57 -12.70 4.67
C LEU C 320 -11.12 -12.00 5.94
N LYS C 321 -10.38 -12.70 6.80
CA LYS C 321 -9.98 -12.10 8.07
C LYS C 321 -8.89 -11.05 7.87
N ARG C 322 -7.85 -11.37 7.10
CA ARG C 322 -6.81 -10.40 6.82
C ARG C 322 -7.29 -9.24 5.97
N GLU C 323 -7.67 -9.52 4.73
CA GLU C 323 -7.82 -8.47 3.71
C GLU C 323 -9.08 -8.72 2.91
N PRO C 324 -10.24 -8.22 3.33
CA PRO C 324 -11.45 -8.35 2.51
C PRO C 324 -11.54 -7.34 1.37
N GLY C 325 -10.55 -6.46 1.22
CA GLY C 325 -10.47 -5.65 0.02
C GLY C 325 -9.88 -6.43 -1.14
N ALA C 326 -9.33 -7.62 -0.85
CA ALA C 326 -8.88 -8.50 -1.91
C ALA C 326 -10.06 -9.07 -2.68
N LEU C 327 -11.11 -9.48 -1.98
CA LEU C 327 -12.30 -10.00 -2.61
C LEU C 327 -13.23 -8.90 -3.12
N GLY C 328 -12.94 -7.65 -2.81
CA GLY C 328 -13.59 -6.51 -3.43
C GLY C 328 -12.86 -6.00 -4.64
N ALA C 329 -11.71 -6.58 -4.98
CA ALA C 329 -11.04 -6.27 -6.21
C ALA C 329 -11.75 -6.96 -7.36
N ARG C 330 -11.49 -6.50 -8.57
CA ARG C 330 -12.21 -7.05 -9.71
C ARG C 330 -11.29 -7.91 -10.57
N CYS C 331 -11.92 -8.74 -11.39
CA CYS C 331 -11.21 -9.63 -12.30
C CYS C 331 -12.01 -9.73 -13.58
N TRP C 332 -11.29 -9.87 -14.69
CA TRP C 332 -11.91 -10.05 -16.00
C TRP C 332 -12.67 -11.37 -16.05
N SER C 333 -13.99 -11.30 -16.23
CA SER C 333 -14.84 -12.47 -16.18
C SER C 333 -14.63 -13.34 -17.41
N LEU C 334 -15.13 -14.58 -17.34
CA LEU C 334 -14.95 -15.51 -18.44
C LEU C 334 -15.84 -15.13 -19.63
N TYR C 335 -16.93 -14.42 -19.37
CA TYR C 335 -17.68 -13.83 -20.48
C TYR C 335 -16.87 -12.72 -21.14
N GLY C 336 -16.10 -11.97 -20.36
CA GLY C 336 -15.25 -10.94 -20.94
C GLY C 336 -14.05 -11.48 -21.66
N ARG C 337 -13.52 -12.63 -21.21
CA ARG C 337 -12.38 -13.23 -21.88
C ARG C 337 -12.77 -13.80 -23.24
N CYS C 338 -14.05 -14.15 -23.42
CA CYS C 338 -14.50 -14.61 -24.73
C CYS C 338 -15.09 -13.47 -25.54
N TYR C 339 -15.35 -12.33 -24.91
CA TYR C 339 -15.85 -11.18 -25.66
C TYR C 339 -14.73 -10.31 -26.21
N LEU C 340 -13.60 -10.21 -25.49
CA LEU C 340 -12.50 -9.36 -25.95
C LEU C 340 -11.47 -10.12 -26.76
N ARG C 341 -11.66 -11.44 -26.89
CA ARG C 341 -10.75 -12.30 -27.61
C ARG C 341 -10.83 -12.05 -29.12
N HIS C 342 -9.69 -12.12 -29.79
CA HIS C 342 -9.65 -11.99 -31.25
C HIS C 342 -9.73 -13.36 -31.91
N PHE C 343 -9.59 -13.37 -33.24
CA PHE C 343 -9.50 -14.61 -34.00
C PHE C 343 -8.03 -14.95 -34.17
N ASN C 344 -7.70 -16.21 -33.87
CA ASN C 344 -6.36 -16.79 -33.85
C ASN C 344 -5.45 -16.03 -32.92
N GLU C 345 -5.87 -15.86 -31.67
CA GLU C 345 -5.06 -15.08 -30.75
C GLU C 345 -4.82 -15.93 -29.52
N LEU C 346 -3.55 -16.17 -29.21
CA LEU C 346 -3.15 -17.18 -28.25
C LEU C 346 -3.52 -16.74 -26.83
N GLU C 347 -3.44 -17.69 -25.90
CA GLU C 347 -3.88 -17.46 -24.54
C GLU C 347 -2.98 -16.50 -23.78
N HIS C 348 -1.71 -16.40 -24.15
CA HIS C 348 -0.82 -15.43 -23.52
C HIS C 348 -0.90 -14.06 -24.18
N GLU C 349 -1.43 -13.97 -25.39
CA GLU C 349 -1.65 -12.71 -26.05
C GLU C 349 -2.93 -12.01 -25.61
N LEU C 350 -3.92 -12.78 -25.16
CA LEU C 350 -5.10 -12.19 -24.54
C LEU C 350 -4.75 -11.59 -23.19
N GLN C 351 -3.91 -12.27 -22.43
CA GLN C 351 -3.58 -11.82 -21.09
C GLN C 351 -2.65 -10.61 -21.11
N SER C 352 -1.91 -10.40 -22.20
CA SER C 352 -1.02 -9.25 -22.27
C SER C 352 -1.77 -7.95 -22.45
N ARG C 353 -3.00 -8.00 -22.96
CA ARG C 353 -3.82 -6.80 -22.98
C ARG C 353 -4.71 -6.72 -21.75
N LEU C 354 -5.09 -7.86 -21.20
CA LEU C 354 -5.92 -7.87 -20.01
C LEU C 354 -5.14 -7.60 -18.73
N ASN C 355 -3.80 -7.54 -18.78
CA ASN C 355 -3.04 -7.01 -17.66
C ASN C 355 -2.76 -5.52 -17.83
N ARG C 356 -2.62 -5.06 -19.07
CA ARG C 356 -2.41 -3.65 -19.32
C ARG C 356 -3.69 -2.85 -19.16
N GLY C 357 -4.83 -3.47 -19.37
CA GLY C 357 -6.10 -2.79 -19.19
C GLY C 357 -6.71 -3.03 -17.82
N TYR C 358 -6.00 -3.75 -16.96
CA TYR C 358 -6.46 -3.98 -15.61
C TYR C 358 -6.35 -2.74 -14.75
N LYS C 359 -5.31 -1.97 -14.92
CA LYS C 359 -5.02 -0.83 -14.05
C LYS C 359 -5.97 0.34 -14.29
N PRO C 360 -6.30 0.77 -15.55
CA PRO C 360 -7.36 1.77 -15.68
C PRO C 360 -8.75 1.27 -15.30
N ALA C 361 -9.07 0.03 -15.65
CA ALA C 361 -10.44 -0.45 -15.48
C ALA C 361 -10.78 -0.70 -14.03
N SER C 362 -9.78 -0.88 -13.19
CA SER C 362 -10.07 -1.12 -11.78
C SER C 362 -10.30 0.20 -11.05
N LYS C 363 -9.87 1.31 -11.65
CA LYS C 363 -10.14 2.61 -11.04
C LYS C 363 -11.27 3.33 -11.77
N TYR C 364 -11.70 2.81 -12.92
CA TYR C 364 -12.95 3.28 -13.52
C TYR C 364 -14.14 2.80 -12.69
N MET C 365 -14.04 1.62 -12.10
CA MET C 365 -15.16 1.10 -11.32
C MET C 365 -15.20 1.71 -9.93
N ASN C 366 -14.07 2.22 -9.46
CA ASN C 366 -14.04 2.81 -8.11
C ASN C 366 -14.65 4.20 -8.10
N CYS C 367 -14.78 4.85 -9.24
CA CYS C 367 -15.37 6.17 -9.29
C CYS C 367 -16.82 6.13 -9.78
N PHE C 368 -17.52 5.04 -9.47
CA PHE C 368 -18.95 4.86 -9.69
C PHE C 368 -19.62 4.21 -8.51
N LEU C 369 -19.02 4.29 -7.33
CA LEU C 369 -19.56 3.57 -6.19
C LEU C 369 -20.88 4.19 -5.71
N SER C 370 -21.74 3.34 -5.18
CA SER C 370 -23.12 3.70 -4.91
C SER C 370 -23.19 4.68 -3.75
N PRO C 371 -23.98 5.76 -3.87
CA PRO C 371 -24.08 6.70 -2.76
C PRO C 371 -24.75 6.10 -1.54
N LEU C 372 -25.70 5.19 -1.76
CA LEU C 372 -26.35 4.48 -0.67
C LEU C 372 -25.43 3.46 -0.03
N LEU C 373 -24.46 2.92 -0.75
CA LEU C 373 -23.50 1.98 -0.18
C LEU C 373 -22.41 2.66 0.62
N THR C 374 -21.85 3.77 0.10
CA THR C 374 -20.86 4.55 0.83
C THR C 374 -21.41 5.12 2.12
N LEU C 375 -22.68 5.52 2.10
CA LEU C 375 -23.31 6.12 3.27
C LEU C 375 -23.58 5.09 4.35
N LEU C 376 -23.90 3.85 3.96
CA LEU C 376 -24.03 2.77 4.93
C LEU C 376 -22.67 2.27 5.41
N ALA C 377 -21.63 2.46 4.59
CA ALA C 377 -20.30 2.02 4.97
C ALA C 377 -19.65 2.96 5.98
N LYS C 378 -19.85 4.27 5.80
CA LYS C 378 -19.26 5.25 6.72
C LYS C 378 -19.92 5.20 8.08
N ASN C 379 -21.25 5.10 8.11
CA ASN C 379 -21.96 5.08 9.37
C ASN C 379 -22.01 3.69 9.99
N GLY C 380 -21.69 2.64 9.23
CA GLY C 380 -21.52 1.33 9.84
C GLY C 380 -20.14 1.17 10.43
N ALA C 381 -19.15 1.85 9.86
CA ALA C 381 -17.80 1.82 10.40
C ALA C 381 -17.67 2.73 11.63
N PHE C 382 -18.55 3.72 11.77
CA PHE C 382 -18.58 4.52 12.99
C PHE C 382 -19.09 3.70 14.16
N PHE C 383 -20.23 3.01 13.97
CA PHE C 383 -20.87 2.30 15.06
C PHE C 383 -20.06 1.09 15.50
N ALA C 384 -19.28 0.49 14.60
CA ALA C 384 -18.45 -0.65 14.97
C ALA C 384 -17.10 -0.19 15.49
N GLY C 385 -16.58 0.92 14.96
CA GLY C 385 -15.31 1.43 15.43
C GLY C 385 -15.39 2.09 16.80
N SER C 386 -16.60 2.46 17.21
CA SER C 386 -16.79 3.12 18.49
C SER C 386 -16.81 2.12 19.63
N ILE C 387 -17.33 0.91 19.37
CA ILE C 387 -17.32 -0.15 20.37
C ILE C 387 -15.99 -0.92 20.35
N LEU C 388 -15.27 -0.90 19.23
CA LEU C 388 -13.87 -1.34 19.24
C LEU C 388 -13.03 -0.45 20.12
N ALA C 389 -13.09 0.88 19.90
CA ALA C 389 -12.23 1.82 20.61
C ALA C 389 -12.51 1.84 22.10
N VAL C 390 -13.73 1.51 22.51
CA VAL C 390 -13.99 1.28 23.92
C VAL C 390 -13.29 0.01 24.38
N LEU C 391 -13.47 -1.09 23.65
CA LEU C 391 -12.85 -2.37 24.01
C LEU C 391 -11.34 -2.39 23.81
N ILE C 392 -10.80 -1.68 22.82
CA ILE C 392 -9.35 -1.55 22.68
C ILE C 392 -8.76 -0.81 23.88
N ALA C 393 -9.33 0.34 24.23
CA ALA C 393 -8.80 1.13 25.34
C ALA C 393 -9.08 0.47 26.69
N LEU C 394 -10.02 -0.47 26.73
CA LEU C 394 -10.30 -1.17 27.96
C LEU C 394 -9.39 -2.39 28.14
N THR C 395 -8.86 -2.93 27.04
CA THR C 395 -7.83 -3.96 27.12
C THR C 395 -6.46 -3.39 27.46
N ILE C 396 -6.12 -2.21 26.97
CA ILE C 396 -4.84 -1.60 27.28
C ILE C 396 -4.80 -1.20 28.76
N TYR C 397 -5.94 -0.85 29.33
CA TYR C 397 -5.99 -0.39 30.71
C TYR C 397 -5.73 -1.52 31.69
N ASP C 398 -6.32 -2.70 31.48
CA ASP C 398 -6.22 -3.75 32.49
C ASP C 398 -5.80 -5.12 31.96
N GLU C 399 -6.06 -5.45 30.68
CA GLU C 399 -5.67 -6.72 30.02
C GLU C 399 -6.25 -7.95 30.70
N ASP C 400 -7.31 -7.78 31.49
CA ASP C 400 -8.05 -8.90 32.00
C ASP C 400 -9.51 -8.78 31.59
N VAL C 401 -9.85 -7.85 30.70
CA VAL C 401 -11.13 -7.88 30.02
C VAL C 401 -11.03 -8.73 28.77
N LEU C 402 -9.85 -9.26 28.50
CA LEU C 402 -9.75 -10.47 27.71
C LEU C 402 -9.96 -11.61 28.70
N ALA C 403 -10.37 -12.78 28.22
CA ALA C 403 -10.80 -13.96 28.98
C ALA C 403 -12.03 -13.68 29.85
N VAL C 404 -12.79 -12.65 29.53
CA VAL C 404 -14.20 -12.60 29.86
C VAL C 404 -14.93 -12.83 28.53
N GLU C 405 -16.15 -13.42 28.63
CA GLU C 405 -16.68 -14.42 27.70
C GLU C 405 -16.49 -14.17 26.20
N HIS C 406 -17.11 -13.14 25.65
CA HIS C 406 -17.11 -13.01 24.20
C HIS C 406 -16.28 -11.85 23.70
N VAL C 407 -15.36 -11.32 24.51
CA VAL C 407 -14.70 -10.07 24.14
C VAL C 407 -13.70 -10.28 23.03
N LEU C 408 -12.98 -11.41 23.04
CA LEU C 408 -11.91 -11.60 22.08
C LEU C 408 -12.46 -11.92 20.69
N THR C 409 -13.63 -12.56 20.61
CA THR C 409 -14.26 -12.76 19.31
C THR C 409 -15.03 -11.52 18.88
N THR C 410 -15.34 -10.63 19.82
CA THR C 410 -16.01 -9.39 19.46
C THR C 410 -15.02 -8.43 18.81
N VAL C 411 -13.80 -8.36 19.34
CA VAL C 411 -12.74 -7.56 18.72
C VAL C 411 -12.37 -8.14 17.35
N THR C 412 -12.45 -9.47 17.22
CA THR C 412 -12.14 -10.13 15.95
C THR C 412 -13.20 -9.83 14.90
N LEU C 413 -14.47 -9.90 15.28
CA LEU C 413 -15.55 -9.71 14.31
C LEU C 413 -15.82 -8.23 14.06
N LEU C 414 -15.65 -7.37 15.05
CA LEU C 414 -15.79 -5.95 14.79
C LEU C 414 -14.57 -5.40 14.05
N GLY C 415 -13.41 -6.02 14.26
CA GLY C 415 -12.23 -5.61 13.53
C GLY C 415 -12.31 -5.92 12.06
N VAL C 416 -13.00 -7.01 11.71
CA VAL C 416 -13.17 -7.33 10.29
C VAL C 416 -14.40 -6.62 9.73
N THR C 417 -15.34 -6.22 10.60
CA THR C 417 -16.46 -5.39 10.16
C THR C 417 -15.98 -4.00 9.76
N VAL C 418 -15.10 -3.41 10.56
CA VAL C 418 -14.48 -2.14 10.22
C VAL C 418 -13.59 -2.28 8.99
N THR C 419 -12.94 -3.43 8.84
CA THR C 419 -12.02 -3.62 7.71
C THR C 419 -12.79 -3.78 6.40
N VAL C 420 -13.97 -4.43 6.45
CA VAL C 420 -14.83 -4.53 5.28
C VAL C 420 -15.34 -3.15 4.87
N CYS C 421 -15.76 -2.35 5.85
CA CYS C 421 -16.41 -1.07 5.56
C CYS C 421 -15.41 -0.04 5.06
N ARG C 422 -14.17 -0.07 5.58
CA ARG C 422 -13.12 0.78 5.01
C ARG C 422 -12.80 0.44 3.56
N SER C 423 -13.10 -0.78 3.11
CA SER C 423 -12.92 -1.09 1.70
C SER C 423 -14.03 -0.46 0.86
N PHE C 424 -15.25 -0.44 1.39
CA PHE C 424 -16.39 0.09 0.65
C PHE C 424 -16.32 1.60 0.53
N ILE C 425 -15.77 2.26 1.56
CA ILE C 425 -15.56 3.71 1.52
C ILE C 425 -14.48 4.01 0.50
N PRO C 426 -14.74 4.84 -0.50
CA PRO C 426 -13.72 5.17 -1.50
C PRO C 426 -12.68 6.12 -0.91
N ASP C 427 -11.76 6.54 -1.75
CA ASP C 427 -10.79 7.53 -1.33
C ASP C 427 -11.49 8.88 -1.18
N GLN C 428 -11.25 9.54 -0.05
CA GLN C 428 -11.79 10.87 0.21
C GLN C 428 -11.30 11.88 -0.80
N HIS C 429 -10.05 11.76 -1.23
CA HIS C 429 -9.41 12.71 -2.11
C HIS C 429 -9.23 12.11 -3.49
N MET C 430 -10.16 11.21 -3.86
CA MET C 430 -10.14 10.55 -5.14
C MET C 430 -10.42 11.58 -6.23
N VAL C 431 -9.43 11.82 -7.08
CA VAL C 431 -9.66 12.56 -8.31
C VAL C 431 -10.76 11.84 -9.07
N PHE C 432 -11.81 12.58 -9.43
CA PHE C 432 -12.95 11.92 -10.02
C PHE C 432 -12.75 11.57 -11.48
N CYS C 433 -11.51 11.71 -12.02
CA CYS C 433 -10.94 10.97 -13.15
C CYS C 433 -11.84 11.03 -14.37
N PRO C 434 -11.81 12.12 -15.14
CA PRO C 434 -12.82 12.40 -16.18
C PRO C 434 -13.07 11.23 -17.12
N GLU C 435 -14.33 10.80 -17.13
CA GLU C 435 -14.65 9.38 -17.22
C GLU C 435 -14.35 8.77 -18.58
N GLN C 436 -13.77 9.55 -19.49
CA GLN C 436 -13.10 9.03 -20.66
C GLN C 436 -11.63 8.81 -20.33
N LEU C 437 -11.39 8.03 -19.27
CA LEU C 437 -10.32 7.03 -19.27
C LEU C 437 -10.79 5.75 -19.90
N LEU C 438 -12.07 5.68 -20.27
CA LEU C 438 -12.61 4.65 -21.14
C LEU C 438 -11.97 4.65 -22.52
N ARG C 439 -11.31 5.74 -22.93
CA ARG C 439 -10.50 5.67 -24.14
C ARG C 439 -9.09 5.16 -23.85
N VAL C 440 -8.73 4.99 -22.58
CA VAL C 440 -7.48 4.32 -22.24
C VAL C 440 -7.70 2.82 -22.18
N ILE C 441 -8.88 2.39 -21.71
CA ILE C 441 -9.22 0.98 -21.65
C ILE C 441 -9.45 0.41 -23.05
N LEU C 442 -10.13 1.17 -23.91
CA LEU C 442 -10.31 0.82 -25.32
C LEU C 442 -9.00 0.65 -26.09
N ALA C 443 -7.92 1.28 -25.65
CA ALA C 443 -6.63 1.04 -26.28
C ALA C 443 -6.10 -0.35 -25.93
N HIS C 444 -6.41 -0.88 -24.75
CA HIS C 444 -5.88 -2.17 -24.38
C HIS C 444 -6.81 -3.31 -24.80
N ILE C 445 -8.04 -3.31 -24.30
CA ILE C 445 -9.05 -4.27 -24.76
C ILE C 445 -9.80 -3.61 -25.91
N HIS C 446 -9.97 -4.33 -27.01
CA HIS C 446 -10.24 -3.61 -28.24
C HIS C 446 -11.71 -3.56 -28.63
N TYR C 447 -12.65 -3.80 -27.72
CA TYR C 447 -14.06 -3.85 -28.08
C TYR C 447 -14.88 -3.10 -27.05
N MET C 448 -15.62 -2.10 -27.52
CA MET C 448 -16.57 -1.37 -26.72
C MET C 448 -17.91 -1.51 -27.41
N PRO C 449 -19.00 -1.61 -26.67
CA PRO C 449 -20.32 -1.81 -27.31
C PRO C 449 -20.94 -0.59 -27.97
N ASP C 450 -20.16 0.46 -28.25
CA ASP C 450 -20.47 1.61 -29.12
C ASP C 450 -21.48 2.58 -28.52
N HIS C 451 -22.16 2.19 -27.45
CA HIS C 451 -22.99 3.14 -26.72
C HIS C 451 -22.14 3.97 -25.77
N TRP C 452 -20.85 3.66 -25.65
CA TRP C 452 -20.06 4.13 -24.53
C TRP C 452 -19.13 5.26 -24.92
N GLN C 453 -19.22 5.75 -26.16
CA GLN C 453 -18.25 6.71 -26.67
C GLN C 453 -18.43 8.08 -26.03
N GLY C 454 -19.66 8.44 -25.70
CA GLY C 454 -19.90 9.74 -25.08
C GLY C 454 -20.73 9.65 -23.82
N ASN C 455 -21.12 8.44 -23.43
CA ASN C 455 -22.07 8.24 -22.35
C ASN C 455 -21.36 7.51 -21.22
N ALA C 456 -20.12 7.91 -20.97
CA ALA C 456 -19.22 7.15 -20.10
C ALA C 456 -19.53 7.27 -18.62
N HIS C 457 -20.53 8.09 -18.25
CA HIS C 457 -20.78 8.36 -16.84
C HIS C 457 -22.14 7.88 -16.36
N ARG C 458 -22.90 7.17 -17.19
CA ARG C 458 -24.24 6.75 -16.83
C ARG C 458 -24.20 5.43 -16.08
N SER C 459 -25.37 4.78 -15.95
CA SER C 459 -25.47 3.44 -15.40
C SER C 459 -25.70 2.39 -16.47
N GLN C 460 -25.87 2.80 -17.72
CA GLN C 460 -25.87 1.88 -18.85
C GLN C 460 -24.50 1.86 -19.51
N THR C 461 -23.47 2.19 -18.74
CA THR C 461 -22.09 2.07 -19.18
C THR C 461 -21.30 1.50 -18.01
N ARG C 462 -21.87 1.59 -16.80
CA ARG C 462 -21.26 1.02 -15.62
C ARG C 462 -21.75 -0.40 -15.37
N ASP C 463 -23.02 -0.69 -15.63
CA ASP C 463 -23.56 -2.02 -15.39
C ASP C 463 -23.27 -2.99 -16.52
N GLU C 464 -23.03 -2.50 -17.73
CA GLU C 464 -22.63 -3.38 -18.82
C GLU C 464 -21.14 -3.66 -18.77
N PHE C 465 -20.37 -2.77 -18.15
CA PHE C 465 -18.93 -3.00 -18.02
C PHE C 465 -18.61 -3.96 -16.89
N ALA C 466 -19.48 -4.06 -15.89
CA ALA C 466 -19.27 -5.03 -14.83
C ALA C 466 -19.69 -6.43 -15.23
N GLN C 467 -20.27 -6.60 -16.42
CA GLN C 467 -20.46 -7.92 -16.98
C GLN C 467 -19.15 -8.45 -17.57
N LEU C 468 -18.29 -7.54 -18.04
CA LEU C 468 -16.98 -7.91 -18.53
C LEU C 468 -15.92 -7.96 -17.43
N PHE C 469 -16.07 -7.17 -16.38
CA PHE C 469 -15.01 -6.90 -15.43
C PHE C 469 -15.58 -7.02 -14.02
N GLN C 470 -16.20 -8.17 -13.73
CA GLN C 470 -16.94 -8.39 -12.49
C GLN C 470 -16.08 -8.36 -11.25
N TYR C 471 -16.71 -8.37 -10.07
CA TYR C 471 -16.02 -8.49 -8.79
C TYR C 471 -15.27 -9.80 -8.70
N LYS C 472 -14.41 -9.91 -7.70
CA LYS C 472 -13.87 -11.21 -7.38
C LYS C 472 -14.87 -12.06 -6.62
N ALA C 473 -15.60 -11.49 -5.66
CA ALA C 473 -16.56 -12.24 -4.87
C ALA C 473 -17.78 -12.69 -5.66
N VAL C 474 -18.12 -12.01 -6.76
CA VAL C 474 -19.17 -12.50 -7.64
C VAL C 474 -18.68 -13.71 -8.42
N PHE C 475 -17.39 -13.71 -8.79
CA PHE C 475 -16.77 -14.87 -9.41
C PHE C 475 -16.75 -16.06 -8.46
N ILE C 476 -16.57 -15.82 -7.16
CA ILE C 476 -16.67 -16.89 -6.17
C ILE C 476 -18.10 -17.40 -6.12
N LEU C 477 -19.07 -16.49 -6.22
CA LEU C 477 -20.47 -16.83 -6.08
C LEU C 477 -20.96 -17.63 -7.28
N GLU C 478 -20.46 -17.30 -8.47
CA GLU C 478 -20.89 -17.98 -9.67
C GLU C 478 -20.23 -19.35 -9.86
N GLU C 479 -19.20 -19.66 -9.08
CA GLU C 479 -18.62 -21.00 -9.11
C GLU C 479 -19.31 -21.96 -8.15
N LEU C 480 -19.86 -21.44 -7.04
CA LEU C 480 -20.63 -22.29 -6.14
C LEU C 480 -22.02 -22.57 -6.68
N LEU C 481 -22.59 -21.60 -7.40
CA LEU C 481 -23.90 -21.82 -8.03
C LEU C 481 -23.79 -22.65 -9.30
N SER C 482 -22.58 -22.76 -9.85
CA SER C 482 -22.36 -23.44 -11.12
C SER C 482 -22.78 -24.91 -11.19
N PRO C 483 -22.60 -25.76 -10.16
CA PRO C 483 -23.22 -27.11 -10.27
C PRO C 483 -24.74 -27.09 -10.25
N ILE C 484 -25.36 -26.04 -9.69
CA ILE C 484 -26.81 -25.98 -9.61
C ILE C 484 -27.40 -25.50 -10.92
N VAL C 485 -26.79 -24.47 -11.52
CA VAL C 485 -27.40 -23.79 -12.64
C VAL C 485 -27.14 -24.51 -13.96
N THR C 486 -25.95 -25.10 -14.14
CA THR C 486 -25.52 -25.72 -15.39
C THR C 486 -26.41 -26.84 -15.94
N PRO C 487 -26.93 -27.80 -15.16
CA PRO C 487 -27.84 -28.77 -15.79
C PRO C 487 -29.19 -28.19 -16.16
N LEU C 488 -29.59 -27.10 -15.49
CA LEU C 488 -30.86 -26.47 -15.80
C LEU C 488 -30.80 -25.73 -17.13
N ILE C 489 -29.67 -25.12 -17.46
CA ILE C 489 -29.66 -24.26 -18.64
C ILE C 489 -29.15 -25.02 -19.85
N LEU C 490 -28.65 -26.25 -19.67
CA LEU C 490 -28.45 -27.10 -20.84
C LEU C 490 -29.76 -27.72 -21.31
N ILE C 491 -30.57 -28.19 -20.36
CA ILE C 491 -31.81 -28.87 -20.72
C ILE C 491 -32.85 -27.86 -21.20
N PHE C 492 -33.05 -26.79 -20.43
CA PHE C 492 -34.20 -25.91 -20.67
C PHE C 492 -33.83 -24.74 -21.56
N CYS C 493 -32.55 -24.40 -21.65
CA CYS C 493 -32.19 -23.18 -22.37
C CYS C 493 -31.36 -23.46 -23.61
N LEU C 494 -30.60 -24.57 -23.63
CA LEU C 494 -29.72 -24.80 -24.78
C LEU C 494 -30.41 -25.60 -25.88
N ARG C 495 -31.22 -26.59 -25.52
CA ARG C 495 -32.01 -27.38 -26.47
C ARG C 495 -32.95 -26.61 -27.39
N PRO C 496 -33.57 -25.47 -27.01
CA PRO C 496 -34.29 -24.68 -28.02
C PRO C 496 -33.39 -24.03 -29.07
N ARG C 497 -32.10 -23.87 -28.81
CA ARG C 497 -31.17 -23.26 -29.74
C ARG C 497 -30.41 -24.27 -30.57
N ALA C 498 -30.84 -25.54 -30.58
CA ALA C 498 -30.09 -26.58 -31.26
C ALA C 498 -30.19 -26.47 -32.77
N LEU C 499 -31.29 -25.94 -33.29
CA LEU C 499 -31.45 -25.83 -34.74
C LEU C 499 -30.58 -24.72 -35.30
N GLU C 500 -30.25 -23.73 -34.48
CA GLU C 500 -29.38 -22.65 -34.95
C GLU C 500 -27.91 -23.01 -34.74
N ILE C 501 -27.63 -23.97 -33.86
CA ILE C 501 -26.27 -24.47 -33.72
C ILE C 501 -25.90 -25.36 -34.89
N ILE C 502 -26.81 -26.26 -35.28
CA ILE C 502 -26.61 -27.14 -36.43
C ILE C 502 -26.49 -26.34 -37.73
N ASP C 503 -27.28 -25.27 -37.88
CA ASP C 503 -27.16 -24.43 -39.06
C ASP C 503 -25.92 -23.55 -39.03
N PHE C 504 -25.37 -23.27 -37.84
CA PHE C 504 -24.14 -22.49 -37.74
C PHE C 504 -22.95 -23.26 -38.30
N PHE C 505 -22.85 -24.54 -37.97
CA PHE C 505 -21.74 -25.35 -38.44
C PHE C 505 -21.91 -25.79 -39.89
N ARG C 506 -23.08 -25.58 -40.47
CA ARG C 506 -23.22 -25.77 -41.91
C ARG C 506 -22.71 -24.56 -42.67
N ASN C 507 -23.13 -23.36 -42.26
CA ASN C 507 -22.84 -22.16 -43.02
C ASN C 507 -21.47 -21.57 -42.73
N PHE C 508 -20.97 -21.65 -41.49
CA PHE C 508 -19.68 -21.07 -41.16
C PHE C 508 -18.72 -22.19 -40.74
N THR C 509 -18.19 -22.89 -41.73
CA THR C 509 -17.10 -23.87 -41.56
C THR C 509 -16.36 -23.91 -42.89
N VAL C 510 -15.17 -23.33 -42.93
CA VAL C 510 -14.39 -23.25 -44.16
C VAL C 510 -13.21 -24.22 -44.06
N GLU C 511 -13.08 -25.08 -45.06
CA GLU C 511 -11.97 -26.03 -45.15
C GLU C 511 -10.78 -25.33 -45.81
N VAL C 512 -9.70 -25.17 -45.07
CA VAL C 512 -8.43 -24.68 -45.59
C VAL C 512 -7.54 -25.89 -45.83
N VAL C 513 -6.71 -25.84 -46.87
CA VAL C 513 -6.16 -27.06 -47.47
C VAL C 513 -5.05 -27.66 -46.60
N GLY C 514 -4.43 -26.83 -45.75
CA GLY C 514 -3.36 -27.34 -44.92
C GLY C 514 -3.86 -27.84 -43.58
N VAL C 515 -4.74 -27.06 -42.93
CA VAL C 515 -5.13 -27.31 -41.55
C VAL C 515 -6.37 -28.20 -41.44
N GLY C 516 -7.36 -28.01 -42.31
CA GLY C 516 -8.59 -28.76 -42.20
C GLY C 516 -9.81 -27.87 -42.06
N ASP C 517 -10.73 -28.26 -41.19
CA ASP C 517 -12.02 -27.58 -41.05
C ASP C 517 -11.93 -26.54 -39.93
N THR C 518 -11.86 -25.28 -40.32
CA THR C 518 -11.74 -24.18 -39.37
C THR C 518 -13.05 -23.40 -39.35
N CYS C 519 -13.16 -22.49 -38.38
CA CYS C 519 -14.27 -21.54 -38.37
C CYS C 519 -14.12 -20.56 -39.51
N SER C 520 -15.26 -20.10 -40.04
CA SER C 520 -15.24 -19.20 -41.19
C SER C 520 -14.79 -17.80 -40.79
N PHE C 521 -15.10 -17.39 -39.56
CA PHE C 521 -14.79 -16.05 -39.12
C PHE C 521 -13.31 -15.85 -38.87
N ALA C 522 -12.62 -16.88 -38.37
CA ALA C 522 -11.21 -16.79 -38.03
C ALA C 522 -10.31 -16.69 -39.25
C1 LMN D . -21.65 19.11 15.32
O1 LMN D . -22.57 19.49 16.20
C2 LMN D . -22.17 18.65 13.93
O2 LMN D . -22.84 19.72 13.25
C3 LMN D . -21.05 18.18 13.04
O3 LMN D . -21.68 17.70 11.81
C4 LMN D . -20.26 17.09 13.67
O4 LMN D . -19.06 16.56 12.89
C5 LMN D . -19.76 17.46 15.02
O5 LMN D . -20.85 17.94 15.91
C6 LMN D . -19.17 16.22 15.64
O6 LMN D . -18.75 16.54 16.94
CAA LMN D . -22.78 16.81 26.27
CAB LMN D . -25.78 32.40 20.08
OAI LMN D . -16.97 15.66 8.25
OAJ LMN D . -24.29 27.47 7.16
OAL LMN D . -24.34 21.86 11.21
OAN LMN D . -19.42 25.29 11.66
OAP LMN D . -20.10 24.98 14.07
OAQ LMN D . -15.33 15.11 11.50
OAR LMN D . -21.08 26.25 5.53
OAS LMN D . -15.96 18.49 10.42
OAT LMN D . -21.33 27.94 8.70
OAU LMN D . -16.69 16.98 13.67
OAV LMN D . -19.52 24.88 7.85
CAW LMN D . -23.91 16.29 25.35
CAX LMN D . -25.19 31.18 20.76
CAY LMN D . -24.05 17.30 24.21
CAZ LMN D . -24.11 30.54 19.87
CBA LMN D . -24.82 18.54 24.73
CBB LMN D . -24.34 29.00 19.84
CBC LMN D . -25.17 19.47 23.50
CBD LMN D . -22.97 28.25 20.03
CBE LMN D . -23.84 19.86 22.77
CBF LMN D . -22.40 27.86 18.62
CBG LMN D . -24.06 19.67 21.22
CBH LMN D . -21.31 26.72 18.78
CBI LMN D . -22.70 19.85 20.51
CBJ LMN D . -21.62 25.59 17.70
CBK LMN D . -22.94 20.77 19.24
CBL LMN D . -21.71 24.18 18.40
CBM LMN D . -17.66 14.93 9.24
CBN LMN D . -24.02 26.25 7.76
CBP LMN D . -23.76 23.12 11.42
CBQ LMN D . -21.59 21.09 18.52
CBR LMN D . -22.70 23.20 17.62
CBS LMN D . -22.95 20.92 16.29
CBT LMN D . -20.66 22.37 16.34
OBV LMN D . -21.17 23.25 15.29
OBX LMN D . -22.35 22.99 13.33
OBY LMN D . -18.45 16.75 10.67
OBZ LMN D . -22.41 24.46 7.91
OCB LMN D . -21.24 23.82 9.83
CCC LMN D . -17.50 15.62 10.58
CCD LMN D . -22.88 25.59 7.06
CCF LMN D . -22.35 22.95 11.85
CCH LMN D . -20.10 24.01 11.89
CCJ LMN D . -21.02 22.84 13.94
CCL LMN D . -19.98 23.75 13.36
CCM LMN D . -21.96 21.87 17.19
CCN LMN D . -16.07 16.10 10.74
CCO LMN D . -21.80 26.65 6.72
CCQ LMN D . -21.43 24.04 11.28
CCR LMN D . -18.42 17.42 12.01
CCS LMN D . -21.61 24.92 9.07
CCT LMN D . -15.96 17.42 11.43
CCU LMN D . -20.80 26.92 7.79
CCV LMN D . -17.00 17.73 12.45
CCW LMN D . -20.39 25.73 8.60
C1 LMN E . -29.96 28.26 12.97
O1 LMN E . -29.57 28.73 14.13
C2 LMN E . -28.73 27.69 12.21
O2 LMN E . -28.44 26.39 12.68
C3 LMN E . -28.92 27.62 10.72
O3 LMN E . -27.68 27.07 10.16
C4 LMN E . -29.20 28.96 10.21
O4 LMN E . -29.02 29.13 8.71
C5 LMN E . -30.54 29.42 10.68
O5 LMN E . -30.64 29.40 12.17
C6 LMN E . -30.77 30.86 10.25
O6 LMN E . -31.71 30.87 9.20
CAA LMN E . -27.49 30.42 28.21
CAB LMN E . -28.10 24.39 23.52
OAI LMN E . -26.20 26.95 4.79
OAQ LMN E . -26.79 29.52 5.26
OAS LMN E . -29.47 30.61 5.00
OAU LMN E . -31.17 30.03 7.08
CAW LMN E . -27.25 31.23 26.92
CAX LMN E . -27.47 23.07 23.14
CAY LMN E . -28.40 31.01 25.94
CAZ LMN E . -25.93 23.13 23.17
CBA LMN E . -27.85 30.58 24.54
CBB LMN E . -25.37 23.11 21.72
CBC LMN E . -29.01 30.50 23.49
CBD LMN E . -25.17 24.57 21.17
CBE LMN E . -28.97 29.12 22.75
CBF LMN E . -26.22 24.84 20.03
CBG LMN E . -28.41 29.32 21.29
CBH LMN E . -25.51 25.46 18.76
CBI LMN E . -29.16 28.37 20.30
CBJ LMN E . -26.56 25.51 17.56
CBK LMN E . -29.66 29.22 19.05
CBL LMN E . -27.24 26.93 17.52
CBM LMN E . -27.15 26.50 5.73
CBQ LMN E . -30.24 28.30 17.92
CBR LMN E . -28.51 26.87 16.59
CBS LMN E . -30.28 28.20 15.29
CBT LMN E . -28.32 29.49 16.48
OBV LMN E . -29.07 30.71 16.20
OBY LMN E . -28.77 27.20 7.41
CCC LMN E . -27.64 27.68 6.55
CCM LMN E . -29.32 28.22 16.60
CCN LMN E . -28.00 28.79 5.57
CCR LMN E . -29.71 28.26 7.87
CCT LMN E . -29.01 29.74 6.09
CCV LMN E . -30.19 29.05 6.69
C1 LMN F . 29.74 -1.08 13.35
O1 LMN F . 30.69 -1.25 14.27
C2 LMN F . 29.28 0.39 13.10
O2 LMN F . 30.35 1.19 12.61
C3 LMN F . 28.16 0.46 12.10
O3 LMN F . 27.76 1.86 12.02
C4 LMN F . 27.00 -0.39 12.49
O4 LMN F . 25.82 -0.45 11.53
C5 LMN F . 27.39 -1.80 12.77
O5 LMN F . 28.49 -1.90 13.76
C6 LMN F . 26.18 -2.49 13.35
O6 LMN F . 26.56 -3.80 13.67
CAA LMN F . 30.70 -8.70 21.58
CAB LMN F . 44.13 -3.91 12.22
OAI LMN F . 23.05 2.03 7.92
OAJ LMN F . 36.34 5.90 6.19
OAL LMN F . 32.41 3.45 11.35
OAN LMN F . 33.23 -0.33 6.72
OAP LMN F . 33.80 -1.76 8.72
OAQ LMN F . 22.56 -1.45 9.01
OAR LMN F . 33.44 5.38 3.78
OAS LMN F . 25.51 -0.63 7.13
OAT LMN F . 35.72 2.84 4.93
OAU LMN F . 25.27 -2.55 10.23
OAV LMN F . 32.07 2.77 4.78
CAW LMN F . 30.56 -7.22 22.02
CAX LMN F . 42.96 -4.66 12.84
CAY LMN F . 31.24 -6.36 20.96
CAZ LMN F . 41.71 -4.53 11.94
CBA LMN F . 32.79 -6.45 21.15
CBB LMN F . 40.49 -4.19 12.83
CBC LMN F . 33.47 -5.39 20.20
CBD LMN F . 39.25 -5.07 12.42
CBE LMN F . 33.03 -5.66 18.73
CBF LMN F . 38.35 -4.27 11.42
CBG LMN F . 32.63 -4.31 18.06
CBH LMN F . 36.90 -4.92 11.37
CBI LMN F . 32.01 -4.59 16.67
CBJ LMN F . 35.83 -3.75 11.51
CBK LMN F . 32.63 -3.56 15.64
CBL LMN F . 34.81 -4.07 12.67
CBM LMN F . 22.96 1.76 9.30
CBN LMN F . 35.29 5.42 6.97
CBP LMN F . 33.28 2.78 10.47
CBQ LMN F . 32.12 -3.86 14.19
CBR LMN F . 34.25 -2.74 13.34
CBS LMN F . 32.11 -1.28 13.86
CBT LMN F . 32.32 -2.88 11.68
OBV LMN F . 33.08 -1.85 10.96
OBX LMN F . 32.94 0.43 10.73
OBY LMN F . 25.21 0.90 9.74
OBZ LMN F . 33.04 4.53 6.90
OCB LMN F . 32.38 2.41 7.57
CCC LMN F . 23.78 0.53 9.64
CCD LMN F . 34.05 5.35 6.15
CCF LMN F . 32.59 1.59 9.89
CCH LMN F . 32.47 0.07 7.94
CCJ LMN F . 32.35 -0.83 10.31
CCL LMN F . 32.53 -1.13 8.84
CCM LMN F . 32.67 -2.69 13.26
CCN LMN F . 23.58 -0.53 8.57
CCO LMN F . 34.38 4.83 4.73
CCQ LMN F . 32.98 1.35 8.43
CCR LMN F . 26.06 -0.24 10.17
CCS LMN F . 33.33 3.09 6.83
CCT LMN F . 24.81 -1.30 8.24
CCU LMN F . 34.40 3.34 4.57
CCV LMN F . 25.79 -1.51 9.37
CCW LMN F . 33.37 2.61 5.37
C1 LMN G . 40.89 4.72 12.85
O1 LMN G . 41.38 3.51 13.03
C2 LMN G . 39.68 4.63 11.89
O2 LMN G . 38.53 4.23 12.62
C3 LMN G . 39.37 5.92 11.19
O3 LMN G . 38.20 5.67 10.32
C4 LMN G . 40.54 6.33 10.41
O4 LMN G . 40.27 7.37 9.34
C5 LMN G . 41.65 6.73 11.32
O5 LMN G . 42.02 5.62 12.26
C6 LMN G . 42.90 7.02 10.52
O6 LMN G . 43.10 8.42 10.51
CAA LMN G . 45.02 -8.99 19.03
CAB LMN G . 39.05 -4.21 19.68
OAI LMN G . 36.22 8.99 6.31
OAQ LMN G . 38.81 8.66 5.69
OAS LMN G . 40.92 10.37 6.75
OAU LMN G . 41.66 9.85 9.34
CAW LMN G . 45.31 -8.23 17.71
CAX LMN G . 37.54 -4.14 19.70
CAY LMN G . 45.43 -6.72 18.01
CAZ LMN G . 36.90 -5.11 18.70
CBA LMN G . 44.50 -5.92 17.05
CBB LMN G . 36.30 -4.31 17.50
CBC LMN G . 44.73 -4.37 17.24
CBD LMN G . 37.34 -4.19 16.33
CBE LMN G . 43.36 -3.65 17.46
CBF LMN G . 37.81 -2.68 16.21
CBG LMN G . 42.94 -2.88 16.16
CBH LMN G . 37.74 -2.18 14.70
CBI LMN G . 42.26 -1.53 16.54
CBJ LMN G . 37.99 -0.62 14.66
CBK LMN G . 42.94 -0.35 15.71
CBL LMN G . 39.51 -0.35 14.39
CBM LMN G . 36.49 8.88 7.70
CBQ LMN G . 42.16 1.00 15.88
CBR LMN G . 39.84 1.16 14.70
CBS LMN G . 41.51 3.10 14.44
CBT LMN G . 41.97 0.81 13.21
OBV LMN G . 43.31 1.35 12.94
OBY LMN G . 38.21 8.48 9.36
CCC LMN G . 37.90 8.40 7.90
CCM LMN G . 41.38 1.49 14.57
CCN LMN G . 38.80 9.25 7.01
CCR LMN G . 39.64 8.55 9.73
CCT LMN G . 40.20 9.35 7.51
CCV LMN G . 40.28 9.68 8.96
C1 LMN H . -11.58 -28.55 -10.90
O1 LMN H . -11.95 -29.84 -10.88
C2 LMN H . -10.16 -28.26 -11.47
O2 LMN H . -10.08 -28.62 -12.84
C3 LMN H . -9.81 -26.79 -11.35
O3 LMN H . -8.43 -26.67 -11.85
C4 LMN H . -9.92 -26.30 -9.96
O4 LMN H . -9.64 -24.82 -9.73
C5 LMN H . -11.25 -26.58 -9.35
O5 LMN H . -11.60 -28.02 -9.45
C6 LMN H . -11.16 -26.22 -7.89
O6 LMN H . -12.38 -26.56 -7.30
CAA LMN H . -16.72 -34.68 -2.98
CAB LMN H . -20.89 -36.07 -19.43
OAI LMN H . -7.05 -20.60 -11.26
OAJ LMN H . -10.22 -27.80 -22.77
OAL LMN H . -9.37 -29.17 -16.03
OAN LMN H . -14.01 -25.57 -17.35
OAP LMN H . -15.06 -27.31 -15.85
OAQ LMN H . -9.56 -20.74 -8.57
OAR LMN H . -9.88 -24.08 -22.04
OAS LMN H . -10.64 -21.15 -11.97
OAT LMN H . -12.86 -26.06 -21.58
OAU LMN H . -11.48 -23.22 -9.08
OAV LMN H . -11.27 -23.73 -19.27
CAW LMN H . -15.29 -35.11 -3.36
CAX LMN H . -20.85 -35.76 -17.96
CAY LMN H . -15.09 -34.80 -4.84
CAZ LMN H . -20.37 -34.32 -17.74
CBA LMN H . -15.85 -35.88 -5.69
CBB LMN H . -19.31 -34.31 -16.60
CBC LMN H . -15.47 -35.68 -7.20
CBD LMN H . -19.60 -33.13 -15.59
CBE LMN H . -15.83 -34.22 -7.63
CBF LMN H . -18.71 -31.89 -15.99
CBG LMN H . -14.63 -33.62 -8.44
CBH LMN H . -18.62 -30.89 -14.75
CBI LMN H . -14.90 -32.12 -8.68
CBJ LMN H . -17.09 -30.49 -14.57
CBK LMN H . -14.53 -31.81 -10.20
CBL LMN H . -16.63 -30.74 -13.07
CBM LMN H . -6.93 -21.60 -10.26
CBN LMN H . -9.97 -27.72 -21.40
CBP LMN H . -10.54 -28.91 -16.78
CBQ LMN H . -14.87 -30.33 -10.56
CBR LMN H . -15.08 -31.09 -12.99
CBS LMN H . -12.72 -30.37 -12.03
CBT LMN H . -14.68 -28.60 -12.63
OBV LMN H . -14.31 -28.62 -14.04
OBX LMN H . -12.35 -28.63 -15.23
OBY LMN H . -8.60 -23.21 -11.04
OBZ LMN H . -9.72 -26.18 -19.55
OCB LMN H . -11.10 -26.06 -17.67
CCC LMN H . -8.28 -22.22 -9.99
CCD LMN H . -9.65 -26.31 -21.03
CCF LMN H . -11.36 -27.90 -16.06
CCH LMN H . -13.06 -26.11 -16.36
CCJ LMN H . -13.25 -27.78 -14.47
CCL LMN H . -13.91 -26.71 -15.28
CCM LMN H . -14.33 -30.08 -12.03
CCN LMN H . -9.34 -21.13 -9.95
CCO LMN H . -10.57 -25.33 -21.82
CCQ LMN H . -12.08 -26.97 -17.05
CCR LMN H . -9.88 -23.93 -10.77
CCS LMN H . -11.11 -26.13 -19.06
CCT LMN H . -10.65 -21.52 -10.56
CCU LMN H . -11.89 -25.04 -21.18
CCV LMN H . -11.02 -22.97 -10.43
CCW LMN H . -11.86 -24.95 -19.69
C1 LMN I . -11.85 -35.64 -21.28
O1 LMN I . -13.07 -35.94 -20.88
C2 LMN I . -11.58 -34.14 -21.00
O2 LMN I . -11.22 -33.97 -19.64
C3 LMN I . -10.49 -33.56 -21.85
O3 LMN I . -10.36 -32.15 -21.48
C4 LMN I . -10.85 -33.71 -23.27
O4 LMN I . -10.06 -32.84 -24.22
C5 LMN I . -10.82 -35.16 -23.65
O5 LMN I . -11.72 -35.98 -22.80
C6 LMN I . -11.31 -35.32 -25.08
O6 LMN I . -10.22 -35.61 -25.90
CAA LMN I . -24.14 -41.34 -13.55
CAB LMN I . -17.15 -38.80 -11.70
OAI LMN I . -7.49 -28.20 -24.17
OAQ LMN I . -9.10 -29.25 -26.03
OAS LMN I . -8.37 -31.57 -27.64
OAU LMN I . -8.58 -33.99 -26.35
CAW LMN I . -23.91 -40.58 -14.88
CAX LMN I . -16.38 -37.92 -10.74
CAY LMN I . -22.61 -41.08 -15.54
CAZ LMN I . -17.14 -36.61 -10.42
CBA LMN I . -21.71 -39.84 -15.88
CBB LMN I . -16.45 -35.40 -11.13
CBC LMN I . -20.44 -40.31 -16.71
CBD LMN I . -17.08 -35.14 -12.55
CBE LMN I . -19.14 -39.75 -16.03
CBF LMN I . -16.03 -35.52 -13.66
CBG LMN I . -18.57 -38.57 -16.91
CBH LMN I . -15.91 -34.34 -14.73
CBI LMN I . -17.02 -38.61 -16.92
CBJ LMN I . -14.69 -34.65 -15.70
CBK LMN I . -16.50 -38.52 -18.42
CBL LMN I . -15.21 -35.39 -16.97
CBM LMN I . -7.40 -29.44 -23.48
CBQ LMN I . -14.94 -38.34 -18.49
CBR LMN I . -14.00 -36.03 -17.76
CBS LMN I . -13.16 -37.07 -19.95
CBT LMN I . -15.62 -36.12 -19.82
OBV LMN I . -15.83 -36.78 -21.11
OBY LMN I . -8.16 -31.74 -23.42
CCC LMN I . -8.42 -30.41 -24.04
CCM LMN I . -14.46 -36.89 -18.99
CCN LMN I . -8.30 -30.35 -25.55
CCR LMN I . -8.68 -32.91 -24.18
CCT LMN I . -8.75 -31.61 -26.23
CCV LMN I . -8.18 -32.83 -25.60
#